data_3M85
#
_entry.id   3M85
#
_cell.length_a   138.020
_cell.length_b   138.020
_cell.length_c   262.250
_cell.angle_alpha   90.00
_cell.angle_beta   90.00
_cell.angle_gamma   90.00
#
_symmetry.space_group_name_H-M   'P 43 2 2'
#
loop_
_entity.id
_entity.type
_entity.pdbx_description
1 polymer 'Putative uncharacterized protein AF_0206'
2 polymer 'Probable exosome complex exonuclease 1'
3 polymer 'Probable exosome complex exonuclease 2'
4 polymer "5'-R(*CP*UP*CP*CP*CP*C)-3'"
5 non-polymer 'ZINC ION'
6 water water
#
loop_
_entity_poly.entity_id
_entity_poly.type
_entity_poly.pdbx_seq_one_letter_code
_entity_poly.pdbx_strand_id
1 'polypeptide(L)'
;MRFVMPGDRIGSAEEYVKGEGVYEEGGELFAAVAGKLIIKDRVAKVESISPIPEIVKGDVVLGRVVDLRNSIALIEVSSK
KGENRGPSNRGIGILHVSNVDEGYVKEISEAVGYLDILKARVIGDNLRLSTKEEEMGVLRALCSNCKTEMVREGDILKCP
ECGRVEKRKISTDYGKGEW
;
A,B,C
2 'polypeptide(L)'
;MSEFNEKPEKLIVDGLRLDGRKFDELRPIKIEASVLKRADGSCYLEMGKNKVIAAVFGPREVHPEHLQDPSKAIIRYRYN
MAPFSVEERKRPGPDRRSIEISKVSKEAFEAVIMKELFPRSAIDIFVEVLQADAGSRTACLNAASVALVDAGVPMKGMIT
SVAVGKADGQLVLDPMKEEDNFGEADMPFAFLIRNGKIESIALLQMDGRMTRDEVKQAIELAKKGALQIYEMQREAILRR
YIEVGEEMDEITEGGEDA
;
D,E,F
3 'polypeptide(L)'
;MPEDILVDIKRDYVLSKLRDNERIDGRGFDEFRKVEIIPNVIEKAEGSALVKLGDTQVVVGVKMQPGEPAPDTPDRGVII
VNAELVPLASPTFEPGPPDENSIELARVVDRGIRESEAVDLSKLVIEEGEKVWIVFVDIHALDDDGNLLDASALAAIAAL
MNTKVPAERFDLGEDYLLPVRDLPVSVTSLIVGNKYLVDPSREEMSVGDTTLTITTDKDDNVVAMQKSGGYLLDEKLFDE
LLDVSINCARKLREKFKEI
;
G,H,I
4 'polyribonucleotide' CUCCCC X,Y,Z
#
# COMPACT_ATOMS: atom_id res chain seq x y z
N MET A 1 -46.83 -25.92 3.53
CA MET A 1 -45.69 -25.11 3.94
C MET A 1 -45.23 -24.16 2.83
N ARG A 2 -45.50 -22.86 3.03
CA ARG A 2 -45.18 -21.82 2.05
C ARG A 2 -43.67 -21.50 1.89
N PHE A 3 -42.82 -22.20 2.65
CA PHE A 3 -41.39 -21.93 2.70
C PHE A 3 -40.68 -22.26 1.40
N VAL A 4 -39.77 -21.37 1.01
CA VAL A 4 -38.98 -21.54 -0.21
C VAL A 4 -37.51 -21.20 -0.02
N MET A 5 -36.69 -22.01 -0.67
CA MET A 5 -35.29 -21.71 -0.83
C MET A 5 -35.09 -20.98 -2.15
N PRO A 6 -34.02 -20.20 -2.23
CA PRO A 6 -33.64 -19.65 -3.53
C PRO A 6 -33.45 -20.82 -4.48
N GLY A 7 -34.02 -20.74 -5.67
CA GLY A 7 -33.85 -21.81 -6.64
C GLY A 7 -35.08 -22.66 -6.80
N ASP A 8 -35.90 -22.67 -5.76
CA ASP A 8 -37.22 -23.28 -5.83
C ASP A 8 -38.02 -22.71 -6.99
N ARG A 9 -38.72 -23.58 -7.70
CA ARG A 9 -39.54 -23.22 -8.85
C ARG A 9 -40.93 -22.79 -8.40
N ILE A 10 -41.27 -21.52 -8.63
CA ILE A 10 -42.57 -21.00 -8.24
C ILE A 10 -43.60 -21.31 -9.33
N GLY A 11 -43.15 -21.30 -10.59
CA GLY A 11 -44.03 -21.60 -11.71
C GLY A 11 -43.62 -20.96 -13.03
N SER A 12 -44.54 -21.00 -13.99
CA SER A 12 -44.31 -20.43 -15.31
C SER A 12 -44.64 -18.93 -15.33
N ALA A 13 -44.09 -18.22 -16.31
CA ALA A 13 -44.20 -16.76 -16.42
C ALA A 13 -45.62 -16.27 -16.77
N GLU A 14 -46.11 -16.68 -17.93
CA GLU A 14 -47.44 -16.29 -18.36
C GLU A 14 -48.43 -16.61 -17.26
N GLU A 15 -48.06 -17.59 -16.43
CA GLU A 15 -48.85 -18.04 -15.29
C GLU A 15 -48.86 -17.04 -14.13
N TYR A 16 -47.68 -16.68 -13.65
CA TYR A 16 -47.57 -15.78 -12.52
C TYR A 16 -46.76 -14.52 -12.83
N VAL A 17 -47.07 -13.45 -12.11
CA VAL A 17 -46.40 -12.16 -12.29
C VAL A 17 -45.32 -11.92 -11.24
N LYS A 18 -44.09 -11.75 -11.71
CA LYS A 18 -42.91 -11.57 -10.85
C LYS A 18 -43.05 -10.40 -9.87
N GLY A 19 -42.74 -10.67 -8.61
CA GLY A 19 -42.76 -9.67 -7.55
C GLY A 19 -41.44 -9.62 -6.80
N GLU A 20 -41.44 -8.99 -5.63
CA GLU A 20 -40.23 -8.94 -4.83
C GLU A 20 -39.79 -10.35 -4.49
N GLY A 21 -38.49 -10.59 -4.49
CA GLY A 21 -37.97 -11.88 -4.08
C GLY A 21 -37.92 -12.91 -5.18
N VAL A 22 -38.47 -12.56 -6.34
CA VAL A 22 -38.60 -13.53 -7.41
C VAL A 22 -37.92 -13.10 -8.71
N TYR A 23 -37.26 -14.05 -9.37
CA TYR A 23 -36.62 -13.83 -10.67
C TYR A 23 -37.12 -14.81 -11.73
N GLU A 24 -37.02 -14.44 -13.03
CA GLU A 24 -37.41 -15.36 -14.11
C GLU A 24 -36.23 -15.76 -14.98
N GLU A 25 -36.30 -16.92 -15.63
CA GLU A 25 -35.24 -17.35 -16.54
C GLU A 25 -35.63 -18.59 -17.34
N GLY A 26 -36.13 -18.39 -18.55
CA GLY A 26 -36.66 -19.49 -19.34
C GLY A 26 -38.16 -19.55 -19.19
N GLY A 27 -38.75 -18.39 -18.91
CA GLY A 27 -40.18 -18.28 -18.76
C GLY A 27 -40.71 -18.76 -17.41
N GLU A 28 -39.83 -19.35 -16.61
CA GLU A 28 -40.23 -19.80 -15.28
C GLU A 28 -39.92 -18.72 -14.26
N LEU A 29 -40.74 -18.66 -13.20
CA LEU A 29 -40.46 -17.81 -12.05
C LEU A 29 -39.67 -18.61 -11.02
N PHE A 30 -38.76 -17.95 -10.30
CA PHE A 30 -38.02 -18.60 -9.23
C PHE A 30 -37.91 -17.75 -7.99
N ALA A 31 -37.71 -18.41 -6.86
CA ALA A 31 -37.46 -17.73 -5.60
C ALA A 31 -35.98 -17.36 -5.54
N ALA A 32 -35.70 -16.08 -5.34
CA ALA A 32 -34.32 -15.62 -5.23
C ALA A 32 -33.88 -15.70 -3.79
N VAL A 33 -34.84 -15.66 -2.87
CA VAL A 33 -34.49 -15.64 -1.46
C VAL A 33 -35.31 -16.60 -0.64
N ALA A 34 -34.71 -17.03 0.46
CA ALA A 34 -35.39 -17.86 1.44
C ALA A 34 -36.47 -17.07 2.18
N GLY A 35 -37.63 -17.69 2.37
CA GLY A 35 -38.73 -17.05 3.03
C GLY A 35 -40.08 -17.64 2.68
N LYS A 36 -41.14 -16.98 3.13
CA LYS A 36 -42.52 -17.38 2.89
C LYS A 36 -43.04 -16.86 1.55
N LEU A 37 -43.16 -17.76 0.57
CA LEU A 37 -43.75 -17.39 -0.71
C LEU A 37 -45.21 -16.99 -0.47
N ILE A 38 -45.60 -15.81 -0.95
CA ILE A 38 -46.99 -15.41 -0.88
C ILE A 38 -47.51 -15.06 -2.27
N ILE A 39 -48.78 -15.36 -2.53
CA ILE A 39 -49.37 -15.10 -3.84
C ILE A 39 -50.72 -14.43 -3.71
N LYS A 40 -50.92 -13.39 -4.53
CA LYS A 40 -52.10 -12.54 -4.47
C LYS A 40 -52.33 -11.82 -5.80
N ASP A 41 -53.52 -11.99 -6.36
CA ASP A 41 -53.88 -11.35 -7.63
C ASP A 41 -52.93 -11.73 -8.75
N ARG A 42 -52.46 -12.97 -8.72
CA ARG A 42 -51.54 -13.49 -9.71
C ARG A 42 -50.10 -13.00 -9.50
N VAL A 43 -49.91 -12.16 -8.49
CA VAL A 43 -48.56 -11.69 -8.17
C VAL A 43 -47.86 -12.55 -7.09
N ALA A 44 -46.72 -13.13 -7.46
CA ALA A 44 -45.94 -13.98 -6.56
C ALA A 44 -44.74 -13.23 -5.99
N LYS A 45 -44.72 -13.09 -4.66
CA LYS A 45 -43.59 -12.46 -3.98
C LYS A 45 -43.01 -13.43 -2.96
N VAL A 46 -41.84 -13.08 -2.41
CA VAL A 46 -41.25 -13.88 -1.35
C VAL A 46 -40.80 -12.97 -0.22
N GLU A 47 -41.44 -13.09 0.95
CA GLU A 47 -40.99 -12.36 2.12
C GLU A 47 -39.66 -12.95 2.55
N SER A 48 -38.60 -12.15 2.50
CA SER A 48 -37.26 -12.66 2.78
C SER A 48 -37.01 -12.87 4.28
N ILE A 49 -36.35 -13.98 4.62
CA ILE A 49 -36.07 -14.23 6.02
C ILE A 49 -35.03 -13.22 6.53
N SER A 50 -34.68 -12.27 5.66
CA SER A 50 -33.69 -11.23 5.95
C SER A 50 -33.74 -10.20 4.86
N PRO A 51 -34.73 -9.30 4.92
CA PRO A 51 -34.98 -8.31 3.88
C PRO A 51 -33.88 -7.25 3.81
N ILE A 52 -33.47 -6.91 2.60
CA ILE A 52 -32.62 -5.76 2.37
C ILE A 52 -33.49 -4.53 2.16
N PRO A 53 -33.40 -3.55 3.07
CA PRO A 53 -34.34 -2.44 2.94
C PRO A 53 -34.03 -1.61 1.70
N GLU A 54 -35.09 -1.04 1.15
CA GLU A 54 -34.99 -0.12 0.04
C GLU A 54 -35.69 1.18 0.47
N ILE A 55 -35.06 2.31 0.21
CA ILE A 55 -35.68 3.60 0.53
C ILE A 55 -36.64 4.03 -0.57
N VAL A 56 -37.78 4.58 -0.18
CA VAL A 56 -38.80 4.95 -1.13
C VAL A 56 -39.58 6.13 -0.61
N LYS A 57 -40.21 6.86 -1.52
CA LYS A 57 -41.16 7.91 -1.17
C LYS A 57 -41.97 7.40 0.02
N GLY A 58 -42.19 8.25 1.01
CA GLY A 58 -42.93 7.86 2.20
C GLY A 58 -42.07 7.61 3.43
N ASP A 59 -40.89 7.05 3.21
CA ASP A 59 -40.07 6.58 4.30
C ASP A 59 -39.48 7.67 5.17
N VAL A 60 -39.17 7.31 6.41
CA VAL A 60 -38.37 8.16 7.28
C VAL A 60 -36.91 7.72 7.22
N VAL A 61 -36.00 8.66 7.45
CA VAL A 61 -34.64 8.45 7.04
C VAL A 61 -33.67 9.29 7.88
N LEU A 62 -32.50 8.72 8.17
CA LEU A 62 -31.49 9.39 8.96
C LEU A 62 -30.37 9.81 8.04
N GLY A 63 -29.85 11.03 8.22
CA GLY A 63 -28.76 11.47 7.37
C GLY A 63 -27.86 12.54 7.93
N ARG A 64 -26.70 12.69 7.28
CA ARG A 64 -25.78 13.79 7.62
C ARG A 64 -25.69 14.80 6.47
N VAL A 65 -25.62 16.08 6.81
CA VAL A 65 -25.43 17.13 5.82
C VAL A 65 -23.97 17.23 5.42
N VAL A 66 -23.64 16.70 4.26
CA VAL A 66 -22.23 16.62 3.84
C VAL A 66 -21.75 17.84 3.05
N ASP A 67 -22.67 18.58 2.45
CA ASP A 67 -22.30 19.75 1.67
C ASP A 67 -23.49 20.68 1.52
N LEU A 68 -23.31 21.92 1.97
CA LEU A 68 -24.31 22.97 1.76
C LEU A 68 -23.91 23.91 0.63
N ARG A 69 -24.59 23.74 -0.51
CA ARG A 69 -24.52 24.69 -1.60
C ARG A 69 -25.54 25.78 -1.27
N ASN A 70 -26.05 26.46 -2.30
CA ASN A 70 -27.07 27.48 -2.06
C ASN A 70 -28.47 26.99 -2.38
N SER A 71 -29.41 27.34 -1.51
CA SER A 71 -30.80 26.87 -1.61
C SER A 71 -30.88 25.34 -1.57
N ILE A 72 -29.82 24.68 -1.12
CA ILE A 72 -29.70 23.24 -1.29
C ILE A 72 -28.70 22.57 -0.34
N ALA A 73 -29.22 21.66 0.49
CA ALA A 73 -28.39 20.85 1.38
C ALA A 73 -28.31 19.45 0.80
N LEU A 74 -27.09 18.97 0.64
CA LEU A 74 -26.87 17.59 0.23
C LEU A 74 -26.72 16.71 1.45
N ILE A 75 -27.72 15.88 1.72
CA ILE A 75 -27.62 14.97 2.86
C ILE A 75 -27.17 13.56 2.47
N GLU A 76 -26.29 12.99 3.28
CA GLU A 76 -25.82 11.63 3.08
C GLU A 76 -26.76 10.65 3.78
N VAL A 77 -27.74 10.13 3.03
CA VAL A 77 -28.78 9.28 3.62
C VAL A 77 -28.25 7.90 3.96
N SER A 78 -28.33 7.57 5.25
CA SER A 78 -27.62 6.43 5.79
C SER A 78 -28.54 5.27 6.14
N SER A 79 -29.49 5.53 7.02
CA SER A 79 -30.33 4.48 7.56
C SER A 79 -31.80 4.73 7.22
N LYS A 80 -32.57 3.66 7.01
CA LYS A 80 -34.01 3.79 6.80
C LYS A 80 -34.78 3.38 8.04
N LYS A 81 -35.46 4.32 8.66
CA LYS A 81 -36.10 4.05 9.95
C LYS A 81 -36.90 2.75 9.97
N GLY A 82 -36.63 1.91 10.95
CA GLY A 82 -37.47 0.75 11.17
C GLY A 82 -36.82 -0.54 10.74
N GLU A 83 -35.64 -0.42 10.16
CA GLU A 83 -34.84 -1.56 9.74
C GLU A 83 -33.37 -1.28 10.04
N ASN A 84 -32.70 -2.23 10.67
CA ASN A 84 -31.32 -2.03 11.07
C ASN A 84 -30.35 -2.28 9.92
N ARG A 85 -30.76 -3.16 9.00
CA ARG A 85 -29.95 -3.55 7.85
C ARG A 85 -29.76 -2.38 6.92
N GLY A 86 -28.51 -2.08 6.58
CA GLY A 86 -28.22 -0.95 5.72
C GLY A 86 -28.85 -1.11 4.36
N PRO A 87 -29.62 -0.11 3.92
CA PRO A 87 -30.36 -0.11 2.65
C PRO A 87 -29.47 -0.33 1.44
N SER A 88 -30.08 -0.71 0.33
CA SER A 88 -29.34 -0.93 -0.91
C SER A 88 -29.16 0.38 -1.69
N ASN A 89 -30.14 1.27 -1.59
CA ASN A 89 -30.12 2.48 -2.37
C ASN A 89 -29.80 3.76 -1.57
N ARG A 90 -28.92 3.63 -0.58
CA ARG A 90 -28.51 4.81 0.18
C ARG A 90 -27.42 5.60 -0.52
N GLY A 91 -27.30 6.86 -0.16
CA GLY A 91 -26.33 7.77 -0.75
C GLY A 91 -26.78 9.19 -0.61
N ILE A 92 -26.47 10.03 -1.59
CA ILE A 92 -26.90 11.44 -1.51
C ILE A 92 -28.36 11.67 -1.91
N GLY A 93 -29.00 12.56 -1.17
CA GLY A 93 -30.35 12.99 -1.47
C GLY A 93 -30.36 14.49 -1.30
N ILE A 94 -31.48 15.14 -1.62
CA ILE A 94 -31.48 16.60 -1.63
C ILE A 94 -32.50 17.21 -0.68
N LEU A 95 -32.05 18.17 0.11
CA LEU A 95 -32.95 18.92 0.97
C LEU A 95 -33.04 20.35 0.46
N HIS A 96 -34.00 20.58 -0.45
CA HIS A 96 -34.24 21.90 -1.02
C HIS A 96 -35.01 22.83 -0.05
N VAL A 97 -34.64 24.11 -0.05
CA VAL A 97 -35.20 25.09 0.88
C VAL A 97 -36.73 25.09 0.96
N SER A 98 -37.40 24.89 -0.17
CA SER A 98 -38.86 24.88 -0.15
C SER A 98 -39.36 23.90 0.88
N ASN A 99 -38.67 22.75 0.95
CA ASN A 99 -39.08 21.63 1.79
C ASN A 99 -38.56 21.68 3.22
N VAL A 100 -37.60 22.58 3.48
CA VAL A 100 -36.96 22.65 4.78
C VAL A 100 -37.95 22.85 5.93
N ASP A 101 -39.06 23.53 5.65
CA ASP A 101 -40.08 23.83 6.65
C ASP A 101 -41.36 24.34 5.96
N GLU A 102 -42.49 24.25 6.66
CA GLU A 102 -43.75 24.72 6.08
C GLU A 102 -43.81 26.24 5.94
N GLY A 103 -43.31 26.95 6.95
CA GLY A 103 -43.17 28.39 6.85
C GLY A 103 -42.33 28.77 5.64
N TYR A 104 -41.91 30.03 5.57
CA TYR A 104 -41.02 30.44 4.49
C TYR A 104 -39.60 30.56 5.02
N VAL A 105 -38.66 30.04 4.25
CA VAL A 105 -37.28 30.08 4.68
C VAL A 105 -36.37 30.57 3.55
N LYS A 106 -35.41 31.42 3.89
CA LYS A 106 -34.40 31.84 2.93
C LYS A 106 -33.04 31.47 3.51
N GLU A 107 -32.00 31.46 2.68
CA GLU A 107 -30.68 31.11 3.17
C GLU A 107 -30.72 29.81 4.00
N ILE A 108 -30.78 28.66 3.31
CA ILE A 108 -30.96 27.36 3.96
C ILE A 108 -29.95 27.07 5.08
N SER A 109 -28.89 27.84 5.14
CA SER A 109 -27.83 27.59 6.11
C SER A 109 -28.33 27.85 7.52
N GLU A 110 -29.46 28.56 7.62
CA GLU A 110 -30.05 28.92 8.91
C GLU A 110 -31.04 27.88 9.39
N ALA A 111 -31.03 26.73 8.75
CA ALA A 111 -31.91 25.64 9.13
C ALA A 111 -31.10 24.38 9.31
N VAL A 112 -30.02 24.27 8.55
CA VAL A 112 -29.32 23.00 8.41
C VAL A 112 -27.83 23.21 8.19
N GLY A 113 -27.02 22.90 9.20
CA GLY A 113 -25.59 23.16 9.17
C GLY A 113 -24.71 22.04 8.62
N TYR A 114 -23.51 22.41 8.18
CA TYR A 114 -22.53 21.45 7.68
C TYR A 114 -22.26 20.39 8.73
N LEU A 115 -22.41 19.13 8.34
CA LEU A 115 -22.10 18.01 9.22
C LEU A 115 -23.18 17.78 10.26
N ASP A 116 -24.33 18.42 10.09
CA ASP A 116 -25.45 18.15 10.99
C ASP A 116 -25.94 16.77 10.69
N ILE A 117 -26.42 16.07 11.71
CA ILE A 117 -27.17 14.84 11.51
C ILE A 117 -28.64 15.15 11.57
N LEU A 118 -29.41 14.69 10.60
CA LEU A 118 -30.83 14.98 10.64
C LEU A 118 -31.73 13.80 10.36
N LYS A 119 -33.02 14.09 10.42
CA LYS A 119 -34.07 13.12 10.44
C LYS A 119 -35.04 13.72 9.47
N ALA A 120 -35.33 13.01 8.39
CA ALA A 120 -36.13 13.59 7.33
C ALA A 120 -37.06 12.57 6.68
N ARG A 121 -38.17 13.04 6.11
CA ARG A 121 -39.01 12.15 5.31
C ARG A 121 -38.72 12.30 3.82
N VAL A 122 -38.68 11.17 3.12
CA VAL A 122 -38.50 11.14 1.67
C VAL A 122 -39.80 11.47 0.96
N ILE A 123 -39.82 12.60 0.25
CA ILE A 123 -41.06 13.07 -0.37
C ILE A 123 -41.05 12.89 -1.87
N GLY A 124 -39.87 12.59 -2.41
CA GLY A 124 -39.74 12.36 -3.83
C GLY A 124 -38.77 11.24 -4.10
N ASP A 125 -38.47 11.02 -5.38
CA ASP A 125 -37.51 10.02 -5.78
C ASP A 125 -36.11 10.59 -5.65
N ASN A 126 -35.11 9.75 -5.88
CA ASN A 126 -33.71 10.19 -5.81
C ASN A 126 -33.38 10.76 -4.44
N LEU A 127 -34.07 10.24 -3.43
CA LEU A 127 -33.83 10.60 -2.04
C LEU A 127 -34.08 12.07 -1.72
N ARG A 128 -34.96 12.71 -2.47
CA ARG A 128 -35.34 14.08 -2.17
C ARG A 128 -36.10 14.15 -0.84
N LEU A 129 -35.76 15.13 -0.02
CA LEU A 129 -36.18 15.13 1.39
C LEU A 129 -37.08 16.29 1.83
N SER A 130 -37.87 16.03 2.88
CA SER A 130 -38.67 17.07 3.53
C SER A 130 -38.38 17.11 5.03
N THR A 131 -38.41 18.33 5.59
CA THR A 131 -38.06 18.57 6.99
C THR A 131 -39.27 19.22 7.67
N LYS A 132 -40.29 19.50 6.86
CA LYS A 132 -41.44 20.32 7.25
C LYS A 132 -42.19 19.84 8.48
N GLU A 133 -42.39 18.53 8.58
CA GLU A 133 -43.08 17.94 9.73
C GLU A 133 -42.32 18.24 11.02
N GLU A 134 -43.01 18.26 12.15
CA GLU A 134 -42.39 18.58 13.42
C GLU A 134 -41.34 17.55 13.82
N GLU A 135 -41.70 16.29 13.64
CA GLU A 135 -40.85 15.14 13.92
C GLU A 135 -39.49 15.32 13.22
N MET A 136 -39.54 15.60 11.91
CA MET A 136 -38.34 15.77 11.11
C MET A 136 -37.51 16.98 11.52
N GLY A 137 -36.20 16.85 11.38
CA GLY A 137 -35.31 17.95 11.73
C GLY A 137 -33.89 17.52 12.06
N VAL A 138 -33.10 18.51 12.47
CA VAL A 138 -31.73 18.27 12.86
C VAL A 138 -31.71 17.55 14.19
N LEU A 139 -30.95 16.46 14.26
CA LEU A 139 -30.92 15.64 15.47
C LEU A 139 -29.74 15.96 16.39
N ARG A 140 -28.69 16.54 15.81
CA ARG A 140 -27.45 16.84 16.51
C ARG A 140 -26.63 17.81 15.67
N ALA A 141 -26.11 18.85 16.31
CA ALA A 141 -25.25 19.81 15.64
C ALA A 141 -24.03 20.13 16.47
N LEU A 142 -22.91 20.42 15.81
CA LEU A 142 -21.68 20.82 16.50
C LEU A 142 -21.52 22.34 16.46
N CYS A 143 -20.92 22.92 17.49
CA CYS A 143 -20.72 24.36 17.49
C CYS A 143 -19.92 24.81 16.27
N SER A 144 -20.47 25.76 15.52
CA SER A 144 -19.86 26.21 14.29
C SER A 144 -18.54 26.91 14.58
N ASN A 145 -18.22 26.99 15.86
CA ASN A 145 -17.00 27.66 16.30
C ASN A 145 -15.98 26.69 16.92
N CYS A 146 -16.37 26.04 18.02
CA CYS A 146 -15.45 25.18 18.76
C CYS A 146 -15.70 23.69 18.55
N LYS A 147 -16.69 23.38 17.71
CA LYS A 147 -16.93 22.01 17.28
C LYS A 147 -17.46 21.10 18.39
N THR A 148 -17.90 21.70 19.49
CA THR A 148 -18.52 20.95 20.56
C THR A 148 -20.01 20.71 20.28
N GLU A 149 -20.50 19.53 20.66
CA GLU A 149 -21.88 19.15 20.40
C GLU A 149 -22.84 20.13 21.06
N MET A 150 -23.77 20.65 20.27
CA MET A 150 -24.68 21.68 20.72
C MET A 150 -25.81 21.11 21.55
N VAL A 151 -26.08 21.77 22.66
CA VAL A 151 -27.16 21.39 23.55
C VAL A 151 -28.41 22.19 23.23
N ARG A 152 -29.56 21.52 23.17
CA ARG A 152 -30.81 22.22 22.89
C ARG A 152 -31.34 22.99 24.10
N GLU A 153 -31.49 24.29 23.94
CA GLU A 153 -32.15 25.08 24.95
C GLU A 153 -33.21 25.96 24.31
N GLY A 154 -34.48 25.58 24.50
CA GLY A 154 -35.61 26.34 24.00
C GLY A 154 -35.98 26.10 22.55
N ASP A 155 -35.99 27.18 21.78
CA ASP A 155 -36.22 27.11 20.33
C ASP A 155 -34.91 27.32 19.59
N ILE A 156 -33.83 27.45 20.36
CA ILE A 156 -32.50 27.69 19.81
C ILE A 156 -31.51 26.65 20.35
N LEU A 157 -30.35 26.53 19.71
CA LEU A 157 -29.28 25.63 20.18
C LEU A 157 -28.11 26.43 20.77
N LYS A 158 -27.54 25.95 21.87
CA LYS A 158 -26.45 26.67 22.54
C LYS A 158 -25.22 25.77 22.68
N CYS A 159 -24.03 26.34 22.58
CA CYS A 159 -22.82 25.59 22.89
C CYS A 159 -22.47 25.81 24.36
N PRO A 160 -22.35 24.73 25.15
CA PRO A 160 -21.98 24.94 26.55
C PRO A 160 -20.60 25.60 26.72
N GLU A 161 -19.56 24.79 26.52
CA GLU A 161 -18.18 25.27 26.52
C GLU A 161 -18.09 26.74 26.11
N CYS A 162 -18.48 27.04 24.87
CA CYS A 162 -18.25 28.35 24.28
C CYS A 162 -19.41 29.37 24.34
N GLY A 163 -20.55 28.97 24.88
CA GLY A 163 -21.68 29.88 25.02
C GLY A 163 -22.34 30.40 23.73
N ARG A 164 -21.71 30.18 22.58
CA ARG A 164 -22.28 30.62 21.30
C ARG A 164 -23.73 30.13 21.12
N VAL A 165 -24.36 30.53 20.03
CA VAL A 165 -25.74 30.16 19.79
C VAL A 165 -26.06 30.10 18.30
N GLU A 166 -26.75 29.04 17.89
CA GLU A 166 -27.11 28.83 16.49
C GLU A 166 -28.59 28.44 16.31
N LYS A 167 -29.21 29.01 15.27
CA LYS A 167 -30.61 28.75 14.96
C LYS A 167 -30.77 27.69 13.86
N ARG A 168 -31.62 26.68 14.13
CA ARG A 168 -31.79 25.54 13.22
C ARG A 168 -33.22 25.04 13.18
N LYS A 169 -33.50 24.22 12.16
CA LYS A 169 -34.74 23.44 12.03
C LYS A 169 -34.67 22.17 12.90
N ILE A 170 -35.27 22.22 14.08
CA ILE A 170 -35.01 21.25 15.14
C ILE A 170 -36.08 20.16 15.34
N SER A 171 -35.74 18.93 14.98
CA SER A 171 -36.58 17.79 15.29
C SER A 171 -36.86 17.73 16.79
N THR A 172 -38.02 17.24 17.16
CA THR A 172 -38.34 17.15 18.56
C THR A 172 -37.29 16.27 19.20
N ASP A 173 -36.90 15.22 18.47
CA ASP A 173 -36.04 14.21 19.04
C ASP A 173 -34.59 14.68 19.12
N TYR A 174 -34.38 15.99 19.08
CA TYR A 174 -33.04 16.50 19.18
C TYR A 174 -32.44 16.16 20.52
N GLY A 175 -31.21 15.64 20.47
CA GLY A 175 -30.45 15.30 21.66
C GLY A 175 -30.92 14.06 22.36
N LYS A 176 -32.16 13.64 22.08
CA LYS A 176 -32.74 12.42 22.68
C LYS A 176 -31.89 11.20 22.39
N GLY A 177 -31.25 11.19 21.23
CA GLY A 177 -30.49 10.01 20.81
C GLY A 177 -31.38 8.90 20.30
N GLU A 178 -32.55 9.29 19.80
CA GLU A 178 -33.50 8.38 19.20
C GLU A 178 -34.05 9.10 17.97
N TRP A 179 -34.66 8.37 17.04
CA TRP A 179 -35.25 9.01 15.87
C TRP A 179 -36.39 8.18 15.24
N MET B 1 19.19 7.91 -48.54
CA MET B 1 17.86 7.60 -48.05
C MET B 1 17.22 8.86 -47.53
N ARG B 2 15.89 8.83 -47.40
CA ARG B 2 15.17 9.91 -46.76
C ARG B 2 15.09 9.60 -45.26
N PHE B 3 15.58 8.43 -44.91
CA PHE B 3 15.52 7.96 -43.53
C PHE B 3 16.23 8.86 -42.55
N VAL B 4 15.72 8.93 -41.32
CA VAL B 4 16.36 9.70 -40.26
C VAL B 4 16.18 8.99 -38.91
N MET B 5 17.13 9.25 -38.01
CA MET B 5 17.05 8.79 -36.64
C MET B 5 16.84 10.02 -35.78
N PRO B 6 16.31 9.84 -34.57
CA PRO B 6 16.20 10.97 -33.64
C PRO B 6 17.60 11.52 -33.36
N GLY B 7 17.72 12.83 -33.26
CA GLY B 7 19.01 13.45 -33.15
C GLY B 7 19.49 13.97 -34.49
N ASP B 8 19.17 13.27 -35.57
CA ASP B 8 19.67 13.65 -36.89
C ASP B 8 19.44 15.12 -37.21
N ARG B 9 20.51 15.76 -37.71
CA ARG B 9 20.46 17.15 -38.14
C ARG B 9 19.76 17.29 -39.49
N ILE B 10 18.69 18.09 -39.52
CA ILE B 10 18.11 18.65 -40.76
C ILE B 10 18.60 20.09 -40.77
N GLY B 11 18.40 20.82 -41.87
CA GLY B 11 18.96 22.17 -41.99
C GLY B 11 18.86 23.12 -40.80
N SER B 12 18.95 24.42 -41.06
CA SER B 12 18.79 25.42 -40.02
C SER B 12 17.33 25.78 -39.80
N ALA B 13 17.05 26.51 -38.72
CA ALA B 13 15.70 26.98 -38.45
C ALA B 13 15.30 28.05 -39.47
N GLU B 14 16.31 28.61 -40.13
CA GLU B 14 16.06 29.65 -41.12
C GLU B 14 15.56 29.09 -42.45
N GLU B 15 16.12 27.94 -42.84
CA GLU B 15 15.74 27.32 -44.11
C GLU B 15 14.32 26.78 -44.07
N TYR B 16 14.04 25.90 -43.10
CA TYR B 16 12.77 25.20 -43.10
C TYR B 16 11.94 25.50 -41.89
N VAL B 17 10.66 25.19 -42.00
CA VAL B 17 9.73 25.33 -40.88
C VAL B 17 9.60 24.03 -40.07
N LYS B 18 9.64 24.17 -38.76
CA LYS B 18 9.42 23.04 -37.87
C LYS B 18 8.07 22.41 -38.22
N GLY B 19 8.09 21.13 -38.55
CA GLY B 19 6.88 20.40 -38.87
C GLY B 19 6.71 19.18 -37.99
N GLU B 20 5.64 18.43 -38.24
CA GLU B 20 5.33 17.28 -37.42
C GLU B 20 6.46 16.25 -37.40
N GLY B 21 7.15 16.16 -36.26
CA GLY B 21 8.13 15.11 -36.04
C GLY B 21 9.51 15.70 -35.87
N VAL B 22 9.54 17.01 -35.65
CA VAL B 22 10.77 17.78 -35.78
C VAL B 22 10.80 18.93 -34.81
N TYR B 23 11.88 19.01 -34.03
CA TYR B 23 12.05 20.16 -33.15
C TYR B 23 13.22 21.03 -33.54
N GLU B 24 13.22 22.23 -32.96
CA GLU B 24 14.33 23.17 -33.04
C GLU B 24 15.04 23.27 -31.70
N GLU B 25 16.33 23.57 -31.74
CA GLU B 25 17.13 23.83 -30.55
C GLU B 25 18.46 24.43 -30.99
N GLY B 26 18.80 25.59 -30.43
CA GLY B 26 20.05 26.24 -30.76
C GLY B 26 20.08 26.63 -32.22
N GLY B 27 18.90 26.88 -32.77
CA GLY B 27 18.79 27.39 -34.12
C GLY B 27 18.74 26.33 -35.20
N GLU B 28 19.00 25.08 -34.83
CA GLU B 28 18.95 23.99 -35.79
C GLU B 28 17.70 23.12 -35.59
N LEU B 29 17.37 22.34 -36.62
CA LEU B 29 16.23 21.45 -36.59
C LEU B 29 16.68 19.99 -36.56
N PHE B 30 16.05 19.19 -35.70
CA PHE B 30 16.38 17.78 -35.61
C PHE B 30 15.15 16.89 -35.69
N ALA B 31 15.35 15.67 -36.14
CA ALA B 31 14.31 14.65 -36.09
C ALA B 31 14.08 14.32 -34.62
N ALA B 32 12.80 14.32 -34.23
CA ALA B 32 12.43 13.87 -32.89
C ALA B 32 12.16 12.38 -32.95
N VAL B 33 11.89 11.89 -34.16
CA VAL B 33 11.48 10.51 -34.33
C VAL B 33 12.15 9.85 -35.51
N ALA B 34 12.11 8.53 -35.55
CA ALA B 34 12.65 7.80 -36.68
C ALA B 34 11.59 7.71 -37.79
N GLY B 35 12.05 7.81 -39.04
CA GLY B 35 11.16 7.71 -40.18
C GLY B 35 11.55 8.57 -41.37
N LYS B 36 10.62 8.72 -42.31
CA LYS B 36 10.81 9.45 -43.56
C LYS B 36 10.93 10.96 -43.35
N LEU B 37 12.06 11.51 -43.79
CA LEU B 37 12.25 12.96 -43.84
C LEU B 37 11.57 13.48 -45.09
N ILE B 38 10.72 14.49 -44.95
CA ILE B 38 9.99 15.00 -46.10
C ILE B 38 9.87 16.51 -46.06
N ILE B 39 10.51 17.20 -46.99
CA ILE B 39 10.39 18.65 -47.06
C ILE B 39 9.53 19.12 -48.22
N LYS B 40 8.42 19.76 -47.89
CA LYS B 40 7.48 20.23 -48.89
C LYS B 40 7.06 21.67 -48.61
N ASP B 41 7.39 22.58 -49.53
CA ASP B 41 7.08 23.99 -49.33
C ASP B 41 7.83 24.58 -48.15
N ARG B 42 9.14 24.33 -48.10
CA ARG B 42 9.98 24.88 -47.05
C ARG B 42 9.62 24.28 -45.68
N VAL B 43 8.64 23.39 -45.66
CA VAL B 43 8.18 22.74 -44.43
C VAL B 43 8.75 21.32 -44.29
N ALA B 44 9.28 21.02 -43.11
CA ALA B 44 9.92 19.74 -42.89
C ALA B 44 9.24 18.94 -41.82
N LYS B 45 8.71 17.78 -42.18
CA LYS B 45 8.15 16.86 -41.20
C LYS B 45 8.85 15.52 -41.26
N VAL B 46 8.77 14.77 -40.18
CA VAL B 46 9.28 13.41 -40.22
C VAL B 46 8.09 12.47 -40.11
N GLU B 47 8.06 11.45 -40.97
CA GLU B 47 6.98 10.48 -40.91
C GLU B 47 7.35 9.37 -39.98
N SER B 48 6.95 9.54 -38.72
CA SER B 48 7.27 8.60 -37.66
C SER B 48 6.97 7.18 -38.08
N ILE B 49 7.92 6.28 -37.90
CA ILE B 49 7.67 4.88 -38.18
C ILE B 49 6.41 4.45 -37.43
N SER B 50 6.31 4.92 -36.19
CA SER B 50 5.24 4.54 -35.29
C SER B 50 4.62 5.77 -34.72
N PRO B 51 3.69 6.38 -35.45
CA PRO B 51 3.04 7.64 -35.07
C PRO B 51 2.22 7.50 -33.80
N ILE B 52 2.03 8.63 -33.13
CA ILE B 52 1.10 8.72 -32.01
C ILE B 52 -0.18 9.46 -32.41
N PRO B 53 -1.31 8.75 -32.40
CA PRO B 53 -2.58 9.24 -32.94
C PRO B 53 -2.97 10.56 -32.31
N GLU B 54 -3.62 11.42 -33.08
CA GLU B 54 -4.15 12.66 -32.52
C GLU B 54 -5.48 13.03 -33.14
N ILE B 55 -6.49 13.13 -32.28
CA ILE B 55 -7.84 13.51 -32.69
C ILE B 55 -7.92 14.99 -33.09
N VAL B 56 -8.73 15.28 -34.09
CA VAL B 56 -8.82 16.64 -34.61
C VAL B 56 -10.13 16.80 -35.35
N LYS B 57 -10.52 18.06 -35.58
CA LYS B 57 -11.75 18.33 -36.31
C LYS B 57 -11.74 17.53 -37.61
N GLY B 58 -12.72 16.64 -37.73
CA GLY B 58 -12.89 15.80 -38.91
C GLY B 58 -12.78 14.31 -38.64
N ASP B 59 -12.18 13.94 -37.52
CA ASP B 59 -11.90 12.53 -37.21
C ASP B 59 -13.08 11.76 -36.63
N VAL B 60 -13.02 10.43 -36.71
CA VAL B 60 -14.04 9.57 -36.13
C VAL B 60 -13.55 8.82 -34.89
N VAL B 61 -14.31 8.93 -33.79
CA VAL B 61 -13.89 8.38 -32.50
C VAL B 61 -14.81 7.29 -31.97
N LEU B 62 -14.49 6.77 -30.79
CA LEU B 62 -15.22 5.68 -30.15
C LEU B 62 -15.18 5.87 -28.65
N GLY B 63 -16.21 6.52 -28.11
CA GLY B 63 -16.27 6.83 -26.69
C GLY B 63 -17.34 6.09 -25.90
N ARG B 64 -17.31 6.25 -24.59
CA ARG B 64 -18.37 5.76 -23.74
C ARG B 64 -19.02 6.93 -23.01
N VAL B 65 -20.35 6.90 -22.92
CA VAL B 65 -21.10 7.90 -22.17
C VAL B 65 -20.93 7.67 -20.68
N VAL B 66 -20.37 8.65 -20.00
CA VAL B 66 -20.12 8.50 -18.57
C VAL B 66 -21.05 9.38 -17.74
N ASP B 67 -21.74 10.31 -18.41
CA ASP B 67 -22.61 11.25 -17.71
C ASP B 67 -23.67 11.88 -18.63
N LEU B 68 -24.80 12.28 -18.03
CA LEU B 68 -25.86 12.98 -18.75
C LEU B 68 -26.32 14.18 -17.92
N ARG B 69 -26.50 15.31 -18.59
CA ARG B 69 -26.90 16.54 -17.90
C ARG B 69 -28.01 17.28 -18.64
N ASN B 70 -28.81 16.51 -19.38
CA ASN B 70 -29.96 17.02 -20.12
C ASN B 70 -29.55 17.88 -21.32
N SER B 71 -28.84 18.97 -21.05
CA SER B 71 -28.28 19.80 -22.11
C SER B 71 -27.20 19.03 -22.88
N ILE B 72 -26.03 18.84 -22.25
CA ILE B 72 -24.92 18.12 -22.88
C ILE B 72 -24.66 16.76 -22.23
N ALA B 73 -24.14 15.82 -23.00
CA ALA B 73 -23.82 14.48 -22.51
C ALA B 73 -22.31 14.17 -22.59
N LEU B 74 -21.79 13.54 -21.54
CA LEU B 74 -20.35 13.27 -21.43
C LEU B 74 -19.89 11.92 -22.00
N ILE B 75 -18.91 12.00 -22.88
CA ILE B 75 -18.33 10.83 -23.52
C ILE B 75 -16.81 10.81 -23.30
N GLU B 76 -16.28 9.73 -22.74
CA GLU B 76 -14.84 9.56 -22.68
C GLU B 76 -14.36 8.96 -23.99
N VAL B 77 -13.75 9.79 -24.83
CA VAL B 77 -13.20 9.39 -26.12
C VAL B 77 -11.95 8.52 -25.97
N SER B 78 -11.94 7.33 -26.57
CA SER B 78 -10.85 6.39 -26.31
C SER B 78 -10.02 6.03 -27.55
N SER B 79 -10.48 6.44 -28.73
CA SER B 79 -9.84 5.99 -29.95
C SER B 79 -10.02 6.92 -31.15
N LYS B 80 -9.04 6.88 -32.05
CA LYS B 80 -9.16 7.50 -33.35
C LYS B 80 -9.25 6.36 -34.35
N LYS B 81 -10.13 6.50 -35.33
CA LYS B 81 -10.45 5.38 -36.20
C LYS B 81 -9.31 5.07 -37.14
N GLY B 82 -9.09 3.78 -37.39
CA GLY B 82 -8.03 3.34 -38.29
C GLY B 82 -6.62 3.36 -37.71
N GLU B 83 -6.44 4.02 -36.58
CA GLU B 83 -5.18 3.92 -35.87
C GLU B 83 -5.39 3.08 -34.61
N ASN B 84 -4.78 1.91 -34.60
CA ASN B 84 -4.93 0.98 -33.49
C ASN B 84 -4.42 1.54 -32.17
N ARG B 85 -3.37 2.37 -32.26
CA ARG B 85 -2.65 2.87 -31.09
C ARG B 85 -3.43 3.93 -30.30
N GLY B 86 -3.26 3.93 -28.98
CA GLY B 86 -3.92 4.89 -28.10
C GLY B 86 -3.46 6.33 -28.26
N PRO B 87 -4.40 7.24 -28.54
CA PRO B 87 -4.09 8.64 -28.78
C PRO B 87 -3.54 9.34 -27.56
N SER B 88 -2.95 10.51 -27.78
CA SER B 88 -2.36 11.32 -26.72
C SER B 88 -3.37 12.30 -26.12
N ASN B 89 -4.18 12.90 -27.01
CA ASN B 89 -5.25 13.81 -26.58
C ASN B 89 -6.57 13.10 -26.26
N ARG B 90 -6.47 11.82 -25.93
CA ARG B 90 -7.60 11.03 -25.45
C ARG B 90 -8.22 11.65 -24.19
N GLY B 91 -9.52 11.52 -24.04
CA GLY B 91 -10.21 12.06 -22.87
C GLY B 91 -11.69 12.36 -23.02
N ILE B 92 -12.16 13.36 -22.28
CA ILE B 92 -13.59 13.69 -22.24
C ILE B 92 -14.05 14.60 -23.37
N GLY B 93 -15.27 14.38 -23.83
CA GLY B 93 -15.89 15.25 -24.81
C GLY B 93 -17.39 15.33 -24.53
N ILE B 94 -18.00 16.46 -24.85
CA ILE B 94 -19.44 16.60 -24.64
C ILE B 94 -20.17 16.60 -25.98
N LEU B 95 -21.40 16.10 -25.95
CA LEU B 95 -22.24 16.03 -27.14
C LEU B 95 -23.56 16.72 -26.83
N HIS B 96 -23.82 17.83 -27.50
CA HIS B 96 -24.98 18.68 -27.20
C HIS B 96 -26.31 18.10 -27.68
N VAL B 97 -27.41 18.58 -27.08
CA VAL B 97 -28.76 18.12 -27.42
C VAL B 97 -29.03 18.25 -28.90
N SER B 98 -28.37 19.22 -29.53
CA SER B 98 -28.59 19.50 -30.95
C SER B 98 -27.87 18.52 -31.87
N ASN B 99 -26.55 18.47 -31.74
CA ASN B 99 -25.68 17.72 -32.65
C ASN B 99 -25.95 16.20 -32.70
N VAL B 100 -26.93 15.72 -31.94
CA VAL B 100 -27.19 14.28 -31.85
C VAL B 100 -27.91 13.69 -33.07
N ASP B 101 -28.96 14.34 -33.56
CA ASP B 101 -29.75 13.75 -34.67
C ASP B 101 -30.10 14.71 -35.81
N GLU B 102 -29.69 15.97 -35.69
CA GLU B 102 -30.00 16.99 -36.69
C GLU B 102 -31.50 17.28 -36.76
N GLY B 103 -32.29 16.22 -36.92
CA GLY B 103 -33.72 16.34 -36.86
C GLY B 103 -34.14 16.93 -35.52
N TYR B 104 -33.22 16.90 -34.56
CA TYR B 104 -33.44 17.42 -33.21
C TYR B 104 -34.29 16.53 -32.30
N VAL B 105 -33.90 16.47 -31.03
CA VAL B 105 -34.60 15.66 -30.03
C VAL B 105 -34.90 16.52 -28.80
N LYS B 106 -35.95 16.15 -28.06
CA LYS B 106 -36.35 16.92 -26.89
C LYS B 106 -35.66 16.42 -25.63
N GLU B 107 -35.46 15.11 -25.57
CA GLU B 107 -34.99 14.44 -24.36
C GLU B 107 -33.48 14.52 -24.12
N ILE B 108 -32.69 14.43 -25.18
CA ILE B 108 -31.24 14.25 -25.07
C ILE B 108 -30.93 12.91 -24.39
N SER B 109 -31.82 12.51 -23.48
CA SER B 109 -31.82 11.16 -22.93
C SER B 109 -32.44 10.26 -23.98
N GLU B 110 -32.31 8.95 -23.79
CA GLU B 110 -32.73 7.98 -24.80
C GLU B 110 -31.75 7.87 -25.96
N ALA B 111 -31.44 9.00 -26.59
CA ALA B 111 -30.52 9.02 -27.73
C ALA B 111 -29.25 8.29 -27.34
N VAL B 112 -28.56 8.80 -26.33
CA VAL B 112 -27.43 8.12 -25.73
C VAL B 112 -27.76 7.82 -24.27
N GLY B 113 -27.76 6.54 -23.90
CA GLY B 113 -28.03 6.12 -22.54
C GLY B 113 -26.91 6.37 -21.53
N TYR B 114 -26.58 5.34 -20.76
CA TYR B 114 -25.46 5.43 -19.82
C TYR B 114 -24.69 4.12 -19.87
N LEU B 115 -23.36 4.21 -20.06
CA LEU B 115 -22.49 3.05 -20.23
C LEU B 115 -22.55 2.46 -21.63
N ASP B 116 -23.36 3.06 -22.48
CA ASP B 116 -23.49 2.57 -23.85
C ASP B 116 -22.44 3.17 -24.77
N ILE B 117 -21.85 2.29 -25.57
CA ILE B 117 -20.75 2.63 -26.46
C ILE B 117 -21.24 3.26 -27.76
N LEU B 118 -20.52 4.27 -28.25
CA LEU B 118 -20.96 4.94 -29.47
C LEU B 118 -19.81 5.50 -30.31
N LYS B 119 -20.04 5.59 -31.61
CA LYS B 119 -19.08 6.19 -32.53
C LYS B 119 -19.58 7.52 -33.08
N ALA B 120 -18.97 8.61 -32.61
CA ALA B 120 -19.36 9.95 -33.02
C ALA B 120 -18.34 10.57 -33.97
N ARG B 121 -18.67 11.71 -34.56
CA ARG B 121 -17.68 12.46 -35.32
C ARG B 121 -17.11 13.61 -34.51
N VAL B 122 -15.81 13.85 -34.68
CA VAL B 122 -15.17 14.98 -34.03
C VAL B 122 -15.56 16.25 -34.77
N ILE B 123 -15.83 17.30 -34.01
CA ILE B 123 -16.19 18.59 -34.58
C ILE B 123 -16.07 19.66 -33.49
N GLY B 124 -15.15 20.61 -33.69
CA GLY B 124 -14.75 21.57 -32.67
C GLY B 124 -13.57 21.13 -31.81
N ASP B 125 -12.77 22.10 -31.34
CA ASP B 125 -11.56 21.79 -30.58
C ASP B 125 -11.83 20.97 -29.32
N ASN B 126 -12.84 21.36 -28.55
CA ASN B 126 -13.08 20.75 -27.23
C ASN B 126 -13.39 19.24 -27.22
N LEU B 127 -13.18 18.56 -28.35
CA LEU B 127 -13.58 17.15 -28.55
C LEU B 127 -15.09 16.99 -28.79
N ARG B 128 -15.72 18.06 -29.28
CA ARG B 128 -17.17 18.06 -29.50
C ARG B 128 -17.59 17.04 -30.54
N LEU B 129 -18.55 16.20 -30.18
CA LEU B 129 -18.96 15.12 -31.06
C LEU B 129 -20.28 15.41 -31.77
N SER B 130 -20.63 14.54 -32.70
CA SER B 130 -21.85 14.68 -33.49
C SER B 130 -22.27 13.31 -33.98
N THR B 131 -23.45 13.22 -34.57
CA THR B 131 -24.00 11.92 -34.95
C THR B 131 -25.08 12.05 -36.03
N LYS B 132 -25.20 13.24 -36.60
CA LYS B 132 -26.19 13.48 -37.63
C LYS B 132 -25.83 12.77 -38.93
N GLU B 133 -24.80 11.94 -38.90
CA GLU B 133 -24.43 11.15 -40.06
C GLU B 133 -24.94 9.72 -39.88
N GLU B 134 -25.71 9.23 -40.83
CA GLU B 134 -26.35 7.92 -40.71
C GLU B 134 -25.42 6.84 -40.17
N GLU B 135 -24.13 6.99 -40.44
CA GLU B 135 -23.12 6.02 -40.02
C GLU B 135 -22.80 6.08 -38.52
N MET B 136 -22.82 7.29 -37.94
CA MET B 136 -22.57 7.48 -36.51
C MET B 136 -23.74 7.00 -35.63
N GLY B 137 -23.51 6.94 -34.32
CA GLY B 137 -24.56 6.55 -33.39
C GLY B 137 -24.09 5.64 -32.28
N VAL B 138 -25.03 5.10 -31.51
CA VAL B 138 -24.71 4.11 -30.48
C VAL B 138 -24.22 2.84 -31.15
N LEU B 139 -23.20 2.20 -30.57
CA LEU B 139 -22.70 0.92 -31.09
C LEU B 139 -23.24 -0.30 -30.31
N ARG B 140 -23.49 -0.10 -29.03
CA ARG B 140 -24.00 -1.16 -28.13
C ARG B 140 -24.59 -0.54 -26.86
N ALA B 141 -25.67 -1.12 -26.34
CA ALA B 141 -26.49 -0.48 -25.29
C ALA B 141 -26.95 -1.43 -24.17
N LEU B 142 -27.07 -0.89 -22.96
CA LEU B 142 -27.54 -1.69 -21.83
C LEU B 142 -28.82 -1.13 -21.25
N CYS B 143 -29.78 -2.00 -20.97
CA CYS B 143 -31.01 -1.60 -20.31
C CYS B 143 -30.78 -1.36 -18.81
N SER B 144 -31.58 -0.47 -18.23
CA SER B 144 -31.36 -0.01 -16.85
C SER B 144 -31.80 -1.03 -15.81
N ASN B 145 -32.89 -1.72 -16.10
CA ASN B 145 -33.42 -2.73 -15.21
C ASN B 145 -32.68 -4.05 -15.34
N CYS B 146 -32.73 -4.59 -16.55
CA CYS B 146 -32.19 -5.89 -16.91
C CYS B 146 -30.66 -5.92 -16.92
N LYS B 147 -30.07 -4.80 -17.37
CA LYS B 147 -28.62 -4.65 -17.55
C LYS B 147 -28.05 -5.57 -18.63
N THR B 148 -28.92 -6.36 -19.26
CA THR B 148 -28.53 -7.12 -20.43
C THR B 148 -28.22 -6.14 -21.56
N GLU B 149 -27.39 -6.61 -22.49
CA GLU B 149 -27.01 -5.86 -23.68
C GLU B 149 -28.13 -5.93 -24.73
N MET B 150 -28.57 -4.76 -25.21
CA MET B 150 -29.70 -4.68 -26.14
C MET B 150 -29.39 -5.36 -27.47
N VAL B 151 -30.41 -5.96 -28.09
CA VAL B 151 -30.23 -6.61 -29.39
C VAL B 151 -30.79 -5.82 -30.57
N ARG B 152 -30.12 -5.95 -31.71
CA ARG B 152 -30.50 -5.21 -32.91
C ARG B 152 -31.64 -5.90 -33.67
N GLU B 153 -32.85 -5.38 -33.49
CA GLU B 153 -33.98 -5.73 -34.34
C GLU B 153 -34.40 -4.48 -35.13
N GLY B 154 -35.26 -4.64 -36.13
CA GLY B 154 -35.61 -3.54 -37.00
C GLY B 154 -35.91 -2.24 -36.26
N ASP B 155 -35.36 -1.14 -36.76
CA ASP B 155 -35.66 0.23 -36.30
C ASP B 155 -35.48 0.54 -34.81
N ILE B 156 -35.17 -0.47 -34.00
CA ILE B 156 -35.07 -0.29 -32.56
C ILE B 156 -34.38 -1.48 -31.83
N LEU B 157 -34.24 -1.37 -30.52
CA LEU B 157 -33.47 -2.37 -29.76
C LEU B 157 -34.14 -2.81 -28.46
N LYS B 158 -33.99 -4.10 -28.13
CA LYS B 158 -34.71 -4.70 -27.01
C LYS B 158 -33.94 -5.84 -26.34
N CYS B 159 -34.07 -5.94 -25.02
CA CYS B 159 -33.47 -7.06 -24.29
C CYS B 159 -34.20 -8.35 -24.59
N PRO B 160 -33.45 -9.47 -24.64
CA PRO B 160 -34.00 -10.82 -24.70
C PRO B 160 -34.39 -11.37 -23.34
N GLU B 161 -33.85 -10.80 -22.27
CA GLU B 161 -34.13 -11.29 -20.92
C GLU B 161 -35.33 -10.62 -20.25
N CYS B 162 -35.65 -9.40 -20.69
CA CYS B 162 -36.80 -8.67 -20.15
C CYS B 162 -37.91 -8.45 -21.19
N GLY B 163 -37.53 -8.02 -22.38
CA GLY B 163 -38.49 -7.78 -23.45
C GLY B 163 -38.69 -6.31 -23.79
N ARG B 164 -38.52 -5.45 -22.79
CA ARG B 164 -38.66 -4.00 -22.95
C ARG B 164 -37.89 -3.49 -24.16
N VAL B 165 -38.28 -2.32 -24.66
CA VAL B 165 -37.62 -1.76 -25.81
C VAL B 165 -37.33 -0.27 -25.63
N GLU B 166 -36.05 0.09 -25.77
CA GLU B 166 -35.62 1.47 -25.69
C GLU B 166 -35.30 2.01 -27.08
N LYS B 167 -35.26 3.35 -27.19
CA LYS B 167 -34.84 3.97 -28.44
C LYS B 167 -33.43 4.53 -28.30
N ARG B 168 -32.71 4.55 -29.43
CA ARG B 168 -31.32 4.99 -29.48
C ARG B 168 -31.03 5.55 -30.87
N LYS B 169 -30.20 6.58 -30.92
CA LYS B 169 -29.66 7.01 -32.20
C LYS B 169 -28.75 5.91 -32.68
N ILE B 170 -29.31 4.91 -33.36
CA ILE B 170 -28.51 3.75 -33.70
C ILE B 170 -27.52 4.00 -34.84
N SER B 171 -26.28 3.55 -34.64
CA SER B 171 -25.30 3.52 -35.72
C SER B 171 -25.51 2.28 -36.58
N THR B 172 -25.36 2.45 -37.88
CA THR B 172 -25.43 1.34 -38.83
C THR B 172 -24.78 0.08 -38.25
N ASP B 173 -23.68 0.29 -37.53
CA ASP B 173 -22.82 -0.81 -37.10
C ASP B 173 -23.12 -1.39 -35.70
N TYR B 174 -24.31 -1.08 -35.17
CA TYR B 174 -24.71 -1.59 -33.86
C TYR B 174 -24.67 -3.11 -33.84
N GLY B 175 -23.85 -3.66 -32.95
CA GLY B 175 -23.78 -5.10 -32.80
C GLY B 175 -22.97 -5.79 -33.89
N LYS B 176 -22.46 -5.00 -34.83
CA LYS B 176 -21.71 -5.58 -35.93
C LYS B 176 -20.30 -6.01 -35.51
N GLY B 177 -19.86 -5.54 -34.34
CA GLY B 177 -18.55 -5.89 -33.83
C GLY B 177 -17.45 -5.10 -34.51
N GLU B 178 -17.87 -4.05 -35.23
CA GLU B 178 -16.99 -3.23 -36.02
C GLU B 178 -17.41 -1.75 -35.90
N TRP B 179 -16.55 -0.84 -36.33
CA TRP B 179 -16.83 0.59 -36.26
C TRP B 179 -15.87 1.39 -37.13
N MET C 1 8.32 39.50 35.64
CA MET C 1 8.44 38.55 34.55
C MET C 1 7.08 38.34 33.86
N ARG C 2 7.01 38.73 32.59
CA ARG C 2 5.78 38.61 31.79
C ARG C 2 5.69 37.24 31.11
N PHE C 3 6.83 36.56 30.98
CA PHE C 3 6.88 35.19 30.43
C PHE C 3 5.88 34.23 31.08
N VAL C 4 5.14 33.50 30.25
CA VAL C 4 4.20 32.49 30.74
C VAL C 4 4.43 31.17 30.00
N MET C 5 4.09 30.06 30.64
CA MET C 5 4.05 28.76 29.97
C MET C 5 2.60 28.32 29.73
N PRO C 6 2.39 27.46 28.74
CA PRO C 6 1.05 26.91 28.53
C PRO C 6 0.58 26.24 29.81
N GLY C 7 -0.70 26.40 30.12
CA GLY C 7 -1.25 25.89 31.35
C GLY C 7 -1.23 26.87 32.50
N ASP C 8 -0.60 28.02 32.31
CA ASP C 8 -0.49 29.01 33.39
C ASP C 8 -1.76 29.86 33.54
N ARG C 9 -2.24 29.99 34.77
CA ARG C 9 -3.40 30.82 35.04
C ARG C 9 -3.13 32.33 34.83
N ILE C 10 -3.95 32.98 34.01
CA ILE C 10 -3.85 34.40 33.72
C ILE C 10 -4.86 35.23 34.52
N GLY C 11 -6.07 34.74 34.67
CA GLY C 11 -7.07 35.41 35.49
C GLY C 11 -8.47 34.85 35.32
N SER C 12 -9.46 35.54 35.85
CA SER C 12 -10.84 35.13 35.64
C SER C 12 -11.36 35.60 34.29
N ALA C 13 -12.23 34.79 33.69
CA ALA C 13 -12.89 35.14 32.43
C ALA C 13 -13.79 36.38 32.58
N GLU C 14 -14.15 36.70 33.82
CA GLU C 14 -14.90 37.91 34.13
C GLU C 14 -14.00 39.12 33.98
N GLU C 15 -12.77 38.98 34.48
CA GLU C 15 -11.75 40.04 34.49
C GLU C 15 -11.30 40.47 33.08
N TYR C 16 -10.75 39.53 32.31
CA TYR C 16 -10.11 39.88 31.04
C TYR C 16 -10.82 39.24 29.86
N VAL C 17 -10.37 39.59 28.67
CA VAL C 17 -11.00 39.14 27.45
C VAL C 17 -10.07 38.28 26.59
N LYS C 18 -10.39 37.00 26.47
CA LYS C 18 -9.56 36.09 25.70
C LYS C 18 -9.07 36.70 24.39
N GLY C 19 -7.76 36.93 24.29
CA GLY C 19 -7.07 37.28 23.05
C GLY C 19 -6.21 36.15 22.47
N GLU C 20 -5.43 36.46 21.44
CA GLU C 20 -4.67 35.43 20.75
C GLU C 20 -3.66 34.83 21.71
N GLY C 21 -3.73 33.52 21.91
CA GLY C 21 -2.78 32.84 22.79
C GLY C 21 -3.37 32.42 24.12
N VAL C 22 -4.66 32.67 24.31
CA VAL C 22 -5.30 32.34 25.57
C VAL C 22 -6.58 31.53 25.31
N TYR C 23 -6.90 30.62 26.22
CA TYR C 23 -8.13 29.86 26.13
C TYR C 23 -8.89 30.01 27.43
N GLU C 24 -10.20 29.86 27.37
CA GLU C 24 -11.02 29.95 28.58
C GLU C 24 -11.50 28.56 28.96
N GLU C 25 -11.69 28.36 30.25
CA GLU C 25 -12.22 27.10 30.73
C GLU C 25 -12.44 27.11 32.23
N GLY C 26 -13.66 26.73 32.61
CA GLY C 26 -14.02 26.60 34.01
C GLY C 26 -14.12 27.96 34.64
N GLY C 27 -14.19 28.99 33.80
CA GLY C 27 -14.30 30.36 34.27
C GLY C 27 -12.97 31.08 34.30
N GLU C 28 -11.90 30.32 34.13
CA GLU C 28 -10.56 30.89 34.17
C GLU C 28 -9.98 31.14 32.78
N LEU C 29 -8.89 31.91 32.73
CA LEU C 29 -8.15 32.10 31.50
C LEU C 29 -6.77 31.52 31.70
N PHE C 30 -6.22 30.93 30.65
CA PHE C 30 -4.93 30.27 30.71
C PHE C 30 -4.13 30.56 29.45
N ALA C 31 -2.81 30.63 29.59
CA ALA C 31 -1.94 30.64 28.42
C ALA C 31 -2.05 29.31 27.65
N ALA C 32 -2.23 29.43 26.33
CA ALA C 32 -2.25 28.27 25.46
C ALA C 32 -0.86 28.00 24.93
N VAL C 33 -0.06 29.06 24.80
CA VAL C 33 1.29 28.93 24.30
C VAL C 33 2.27 29.53 25.29
N ALA C 34 3.57 29.36 25.05
CA ALA C 34 4.60 30.07 25.82
C ALA C 34 4.98 31.41 25.16
N GLY C 35 5.40 32.39 25.96
CA GLY C 35 5.73 33.69 25.41
C GLY C 35 5.42 34.82 26.37
N LYS C 36 5.26 36.02 25.83
CA LYS C 36 5.05 37.20 26.67
C LYS C 36 3.57 37.52 26.95
N LEU C 37 3.16 37.45 28.21
CA LEU C 37 1.82 37.85 28.57
C LEU C 37 1.73 39.35 28.40
N ILE C 38 0.73 39.80 27.64
CA ILE C 38 0.41 41.23 27.55
C ILE C 38 -1.04 41.47 27.88
N ILE C 39 -1.32 42.44 28.73
CA ILE C 39 -2.70 42.84 28.97
C ILE C 39 -2.97 44.30 28.63
N LYS C 40 -3.39 44.58 27.40
CA LYS C 40 -3.76 45.94 27.03
C LYS C 40 -5.29 46.15 26.96
N ASP C 41 -5.83 46.93 27.88
CA ASP C 41 -7.27 47.26 27.89
C ASP C 41 -8.15 46.06 28.19
N ARG C 42 -8.12 45.55 29.41
CA ARG C 42 -8.92 44.38 29.76
C ARG C 42 -8.60 43.14 28.89
N VAL C 43 -7.81 43.29 27.84
CA VAL C 43 -7.55 42.18 26.91
C VAL C 43 -6.23 41.46 27.15
N ALA C 44 -6.30 40.16 27.47
CA ALA C 44 -5.11 39.34 27.72
C ALA C 44 -4.75 38.45 26.53
N LYS C 45 -3.49 38.53 26.10
CA LYS C 45 -2.99 37.69 25.02
C LYS C 45 -1.56 37.25 25.30
N VAL C 46 -1.14 36.15 24.68
CA VAL C 46 0.25 35.73 24.77
C VAL C 46 0.91 35.85 23.42
N GLU C 47 2.10 36.44 23.39
CA GLU C 47 2.91 36.45 22.19
C GLU C 47 3.74 35.18 22.06
N SER C 48 3.30 34.28 21.19
CA SER C 48 3.90 32.97 21.02
C SER C 48 5.39 33.08 20.79
N ILE C 49 6.16 32.15 21.35
CA ILE C 49 7.59 32.14 21.05
C ILE C 49 7.81 31.64 19.63
N SER C 50 6.77 31.07 19.03
CA SER C 50 6.79 30.67 17.63
C SER C 50 5.40 30.82 17.02
N PRO C 51 5.06 32.04 16.63
CA PRO C 51 3.72 32.30 16.10
C PRO C 51 3.32 31.41 14.92
N ILE C 52 2.02 31.15 14.81
CA ILE C 52 1.45 30.50 13.63
C ILE C 52 0.62 31.50 12.82
N PRO C 53 1.18 32.01 11.71
CA PRO C 53 0.50 33.10 11.01
C PRO C 53 -0.91 32.69 10.63
N GLU C 54 -1.80 33.68 10.57
CA GLU C 54 -3.14 33.46 10.06
C GLU C 54 -3.48 34.59 9.08
N ILE C 55 -3.91 34.20 7.89
CA ILE C 55 -4.24 35.17 6.85
C ILE C 55 -5.57 35.89 7.12
N VAL C 56 -5.52 37.22 7.07
CA VAL C 56 -6.68 38.05 7.34
C VAL C 56 -6.77 39.08 6.23
N LYS C 57 -7.61 40.08 6.41
CA LYS C 57 -7.69 41.18 5.45
C LYS C 57 -6.54 42.17 5.68
N GLY C 58 -5.83 42.50 4.61
CA GLY C 58 -4.68 43.41 4.69
C GLY C 58 -3.35 42.72 4.41
N ASP C 59 -3.31 41.41 4.67
CA ASP C 59 -2.11 40.58 4.49
C ASP C 59 -1.69 40.40 3.03
N VAL C 60 -0.41 40.61 2.76
CA VAL C 60 0.15 40.31 1.43
C VAL C 60 0.53 38.84 1.32
N VAL C 61 -0.04 38.18 0.31
CA VAL C 61 0.04 36.73 0.20
C VAL C 61 0.58 36.26 -1.16
N LEU C 62 1.00 35.00 -1.20
CA LEU C 62 1.58 34.41 -2.39
C LEU C 62 0.85 33.12 -2.72
N GLY C 63 0.76 32.79 -4.01
CA GLY C 63 0.11 31.55 -4.39
C GLY C 63 0.16 31.19 -5.87
N ARG C 64 -0.18 29.96 -6.17
CA ARG C 64 -0.27 29.51 -7.54
C ARG C 64 -1.74 29.47 -7.98
N VAL C 65 -1.96 29.70 -9.27
CA VAL C 65 -3.30 29.62 -9.85
C VAL C 65 -3.61 28.20 -10.30
N VAL C 66 -4.64 27.61 -9.71
CA VAL C 66 -4.98 26.20 -9.95
C VAL C 66 -6.17 25.99 -10.89
N ASP C 67 -6.97 27.04 -11.12
CA ASP C 67 -8.11 26.90 -12.03
C ASP C 67 -8.64 28.24 -12.50
N LEU C 68 -8.93 28.31 -13.80
CA LEU C 68 -9.54 29.49 -14.39
C LEU C 68 -10.99 29.22 -14.76
N ARG C 69 -11.85 30.19 -14.50
CA ARG C 69 -13.23 30.16 -14.95
C ARG C 69 -13.38 31.30 -15.95
N ASN C 70 -14.53 31.98 -15.94
CA ASN C 70 -14.68 33.17 -16.77
C ASN C 70 -14.68 34.48 -15.98
N SER C 71 -15.46 34.53 -14.90
CA SER C 71 -15.50 35.72 -14.04
C SER C 71 -14.47 35.67 -12.91
N ILE C 72 -13.89 34.49 -12.67
CA ILE C 72 -13.14 34.27 -11.45
C ILE C 72 -11.87 33.46 -11.71
N ALA C 73 -10.85 33.66 -10.87
CA ALA C 73 -9.62 32.86 -10.93
C ALA C 73 -9.32 32.19 -9.59
N LEU C 74 -9.23 30.87 -9.59
CA LEU C 74 -9.01 30.15 -8.35
C LEU C 74 -7.54 29.90 -8.04
N ILE C 75 -7.08 30.50 -6.96
CA ILE C 75 -5.67 30.45 -6.58
C ILE C 75 -5.47 29.65 -5.29
N GLU C 76 -4.64 28.61 -5.36
CA GLU C 76 -4.25 27.86 -4.15
C GLU C 76 -3.21 28.64 -3.35
N VAL C 77 -3.70 29.35 -2.35
CA VAL C 77 -2.88 30.18 -1.48
C VAL C 77 -2.03 29.29 -0.57
N SER C 78 -0.84 29.78 -0.20
CA SER C 78 0.15 28.92 0.45
C SER C 78 1.00 29.59 1.50
N SER C 79 1.25 30.88 1.36
CA SER C 79 2.18 31.58 2.27
C SER C 79 1.79 33.03 2.56
N LYS C 80 2.10 33.50 3.76
CA LYS C 80 1.85 34.90 4.12
C LYS C 80 3.14 35.67 4.32
N LYS C 81 3.33 36.76 3.59
CA LYS C 81 4.55 37.52 3.73
C LYS C 81 4.77 37.88 5.20
N GLY C 82 5.98 37.66 5.70
CA GLY C 82 6.31 37.96 7.08
C GLY C 82 6.84 36.78 7.88
N GLU C 83 6.16 35.64 7.79
CA GLU C 83 6.64 34.44 8.46
C GLU C 83 6.94 33.37 7.44
N ASN C 84 7.79 32.41 7.83
CA ASN C 84 8.12 31.27 6.98
C ASN C 84 7.24 30.11 7.32
N ARG C 85 6.59 30.22 8.48
CA ARG C 85 5.67 29.23 8.97
C ARG C 85 4.49 29.14 8.04
N GLY C 86 4.05 27.93 7.70
CA GLY C 86 2.81 27.78 6.96
C GLY C 86 1.68 28.38 7.77
N PRO C 87 0.77 29.11 7.12
CA PRO C 87 -0.38 29.66 7.86
C PRO C 87 -1.42 28.59 8.17
N SER C 88 -2.13 28.75 9.28
CA SER C 88 -3.18 27.79 9.61
C SER C 88 -4.31 27.81 8.56
N ASN C 89 -4.76 29.01 8.22
CA ASN C 89 -5.84 29.16 7.27
C ASN C 89 -5.38 29.19 5.81
N ARG C 90 -4.74 28.11 5.37
CA ARG C 90 -4.30 27.96 3.98
C ARG C 90 -5.34 27.26 3.11
N GLY C 91 -5.37 27.60 1.83
CA GLY C 91 -6.28 26.97 0.88
C GLY C 91 -6.59 27.84 -0.31
N ILE C 92 -7.81 27.75 -0.82
CA ILE C 92 -8.16 28.41 -2.07
C ILE C 92 -8.83 29.79 -1.92
N GLY C 93 -8.05 30.84 -2.15
CA GLY C 93 -8.59 32.19 -2.23
C GLY C 93 -9.10 32.46 -3.64
N ILE C 94 -9.76 33.62 -3.82
CA ILE C 94 -10.42 33.90 -5.10
C ILE C 94 -10.02 35.23 -5.76
N LEU C 95 -9.80 35.17 -7.07
CA LEU C 95 -9.39 36.34 -7.84
C LEU C 95 -10.44 36.74 -8.87
N HIS C 96 -11.22 37.78 -8.55
CA HIS C 96 -12.27 38.28 -9.44
C HIS C 96 -11.71 39.26 -10.47
N VAL C 97 -12.13 39.11 -11.72
CA VAL C 97 -11.61 39.92 -12.82
C VAL C 97 -11.49 41.40 -12.49
N SER C 98 -12.48 41.93 -11.79
CA SER C 98 -12.48 43.37 -11.50
C SER C 98 -11.29 43.74 -10.64
N ASN C 99 -11.00 42.90 -9.65
CA ASN C 99 -9.85 43.11 -8.78
C ASN C 99 -8.54 42.67 -9.46
N VAL C 100 -8.03 43.49 -10.38
CA VAL C 100 -6.84 43.11 -11.13
C VAL C 100 -5.95 44.26 -11.59
N ASP C 101 -6.52 45.36 -12.07
CA ASP C 101 -5.69 46.44 -12.61
C ASP C 101 -6.43 47.76 -12.76
N GLU C 102 -7.43 47.99 -11.93
CA GLU C 102 -8.11 49.27 -11.91
C GLU C 102 -8.53 49.69 -13.33
N GLY C 103 -8.81 48.69 -14.17
CA GLY C 103 -9.24 48.92 -15.54
C GLY C 103 -9.91 47.68 -16.12
N TYR C 104 -10.77 47.90 -17.11
CA TYR C 104 -11.52 46.81 -17.77
C TYR C 104 -10.62 45.60 -18.11
N VAL C 105 -11.17 44.40 -17.99
CA VAL C 105 -10.54 43.18 -18.53
C VAL C 105 -11.60 42.16 -18.91
N LYS C 106 -11.52 41.63 -20.12
CA LYS C 106 -12.50 40.67 -20.62
C LYS C 106 -12.37 39.32 -19.92
N GLU C 107 -11.17 38.76 -19.95
CA GLU C 107 -10.91 37.48 -19.31
C GLU C 107 -9.68 37.58 -18.41
N ILE C 108 -9.72 36.88 -17.27
CA ILE C 108 -8.57 36.78 -16.39
C ILE C 108 -7.44 36.04 -17.10
N SER C 109 -7.78 35.41 -18.22
CA SER C 109 -6.77 34.81 -19.07
C SER C 109 -5.79 35.92 -19.43
N GLU C 110 -6.34 37.12 -19.62
CA GLU C 110 -5.54 38.27 -20.02
C GLU C 110 -4.58 38.63 -18.91
N ALA C 111 -4.96 38.28 -17.69
CA ALA C 111 -4.16 38.58 -16.50
C ALA C 111 -3.34 37.39 -15.98
N VAL C 112 -4.01 36.29 -15.70
CA VAL C 112 -3.39 35.19 -14.97
C VAL C 112 -3.34 33.92 -15.82
N GLY C 113 -2.56 32.95 -15.40
CA GLY C 113 -2.47 31.70 -16.10
C GLY C 113 -2.43 30.47 -15.21
N TYR C 114 -2.78 29.33 -15.80
CA TYR C 114 -2.73 28.04 -15.12
C TYR C 114 -1.29 27.73 -14.71
N LEU C 115 -1.09 27.50 -13.42
CA LEU C 115 0.23 27.19 -12.86
C LEU C 115 1.12 28.43 -12.72
N ASP C 116 0.51 29.61 -12.83
CA ASP C 116 1.20 30.88 -12.60
C ASP C 116 1.39 31.09 -11.11
N ILE C 117 2.46 31.80 -10.73
CA ILE C 117 2.68 32.13 -9.32
C ILE C 117 2.34 33.61 -9.05
N LEU C 118 1.50 33.83 -8.06
CA LEU C 118 0.92 35.14 -7.79
C LEU C 118 1.35 35.74 -6.47
N LYS C 119 1.14 37.05 -6.37
CA LYS C 119 1.49 37.84 -5.20
C LYS C 119 0.32 38.80 -4.96
N ALA C 120 -0.59 38.43 -4.07
CA ALA C 120 -1.86 39.14 -3.90
C ALA C 120 -1.96 39.90 -2.59
N ARG C 121 -3.01 40.69 -2.46
CA ARG C 121 -3.38 41.31 -1.20
C ARG C 121 -4.78 40.82 -0.82
N VAL C 122 -4.95 40.39 0.43
CA VAL C 122 -6.24 39.85 0.82
C VAL C 122 -7.22 40.99 0.96
N ILE C 123 -8.34 40.88 0.24
CA ILE C 123 -9.39 41.90 0.22
C ILE C 123 -10.53 41.57 1.18
N GLY C 124 -10.74 40.28 1.39
CA GLY C 124 -11.77 39.81 2.30
C GLY C 124 -11.49 38.37 2.69
N ASP C 125 -12.27 37.84 3.62
CA ASP C 125 -12.07 36.47 4.09
C ASP C 125 -12.37 35.44 3.01
N ASN C 126 -12.17 34.18 3.35
CA ASN C 126 -12.21 33.11 2.36
C ASN C 126 -11.19 33.45 1.29
N LEU C 127 -10.25 34.31 1.70
CA LEU C 127 -9.08 34.67 0.92
C LEU C 127 -9.45 35.38 -0.38
N ARG C 128 -10.34 36.36 -0.27
CA ARG C 128 -10.72 37.19 -1.41
C ARG C 128 -9.53 38.05 -1.83
N LEU C 129 -8.97 37.76 -3.01
CA LEU C 129 -7.70 38.37 -3.42
C LEU C 129 -7.84 39.62 -4.30
N SER C 130 -6.83 40.48 -4.26
CA SER C 130 -6.66 41.56 -5.21
C SER C 130 -5.24 41.58 -5.78
N THR C 131 -5.03 42.29 -6.89
CA THR C 131 -3.72 42.40 -7.52
C THR C 131 -3.56 43.74 -8.25
N LYS C 132 -4.47 44.67 -7.98
CA LYS C 132 -4.48 45.97 -8.64
C LYS C 132 -3.16 46.71 -8.46
N GLU C 133 -2.51 46.46 -7.33
CA GLU C 133 -1.27 47.14 -6.96
C GLU C 133 -0.13 46.84 -7.95
N GLU C 134 0.86 47.75 -8.02
CA GLU C 134 2.03 47.55 -8.87
C GLU C 134 2.87 46.41 -8.32
N GLU C 135 2.90 46.32 -6.99
CA GLU C 135 3.61 45.27 -6.29
C GLU C 135 3.00 43.91 -6.56
N MET C 136 1.68 43.86 -6.73
CA MET C 136 0.94 42.59 -6.88
C MET C 136 0.96 42.04 -8.30
N GLY C 137 0.49 40.82 -8.47
CA GLY C 137 0.44 40.21 -9.79
C GLY C 137 1.17 38.89 -9.92
N VAL C 138 1.44 38.49 -11.16
CA VAL C 138 2.18 37.27 -11.47
C VAL C 138 3.67 37.42 -11.13
N LEU C 139 4.31 36.35 -10.65
CA LEU C 139 5.74 36.41 -10.32
C LEU C 139 6.53 35.42 -11.15
N ARG C 140 5.85 34.42 -11.69
CA ARG C 140 6.49 33.41 -12.52
C ARG C 140 5.43 32.68 -13.34
N ALA C 141 5.57 32.78 -14.66
CA ALA C 141 4.59 32.21 -15.58
C ALA C 141 5.23 31.23 -16.56
N LEU C 142 4.53 30.14 -16.87
CA LEU C 142 5.03 29.19 -17.85
C LEU C 142 4.37 29.39 -19.22
N CYS C 143 5.11 29.12 -20.28
CA CYS C 143 4.58 29.27 -21.63
C CYS C 143 3.41 28.33 -21.85
N SER C 144 2.35 28.83 -22.48
CA SER C 144 1.14 28.05 -22.75
C SER C 144 1.48 26.78 -23.51
N ASN C 145 2.38 26.93 -24.49
CA ASN C 145 2.91 25.84 -25.28
C ASN C 145 4.40 25.71 -24.98
N CYS C 146 4.93 24.49 -24.93
CA CYS C 146 6.37 24.30 -24.61
C CYS C 146 6.70 24.34 -23.11
N LYS C 147 6.00 25.19 -22.36
CA LYS C 147 6.00 25.16 -20.89
C LYS C 147 7.32 25.52 -20.20
N THR C 148 8.12 26.37 -20.81
CA THR C 148 9.31 26.86 -20.12
C THR C 148 9.05 28.18 -19.40
N GLU C 149 9.74 28.38 -18.27
CA GLU C 149 9.66 29.60 -17.49
C GLU C 149 9.89 30.80 -18.41
N MET C 150 8.95 31.73 -18.44
CA MET C 150 9.09 32.89 -19.32
C MET C 150 9.82 34.03 -18.63
N VAL C 151 10.66 34.74 -19.40
CA VAL C 151 11.40 35.89 -18.89
C VAL C 151 10.72 37.21 -19.23
N ARG C 152 10.67 38.13 -18.29
CA ARG C 152 10.06 39.44 -18.54
C ARG C 152 10.83 40.22 -19.60
N GLU C 153 10.09 41.00 -20.38
CA GLU C 153 10.64 41.81 -21.45
C GLU C 153 9.85 43.11 -21.45
N GLY C 154 10.27 44.06 -20.62
CA GLY C 154 9.54 45.29 -20.43
C GLY C 154 8.14 45.09 -19.87
N ASP C 155 7.13 45.18 -20.74
CA ASP C 155 5.74 45.04 -20.30
C ASP C 155 5.09 43.75 -20.77
N ILE C 156 5.93 42.78 -21.12
CA ILE C 156 5.40 41.54 -21.68
C ILE C 156 6.29 40.36 -21.30
N LEU C 157 5.76 39.14 -21.42
CA LEU C 157 6.54 37.94 -21.12
C LEU C 157 6.66 37.05 -22.36
N LYS C 158 7.88 36.57 -22.62
CA LYS C 158 8.14 35.67 -23.74
C LYS C 158 9.11 34.58 -23.31
N CYS C 159 8.89 33.36 -23.75
CA CYS C 159 9.85 32.31 -23.42
C CYS C 159 10.98 32.31 -24.43
N PRO C 160 12.18 31.97 -23.96
CA PRO C 160 13.40 31.84 -24.75
C PRO C 160 13.35 30.63 -25.69
N GLU C 161 13.09 29.45 -25.13
CA GLU C 161 13.03 28.22 -25.91
C GLU C 161 12.16 28.39 -27.15
N CYS C 162 10.91 28.82 -26.94
CA CYS C 162 9.91 28.89 -28.00
C CYS C 162 9.85 30.23 -28.72
N GLY C 163 9.73 31.32 -27.95
CA GLY C 163 9.62 32.64 -28.53
C GLY C 163 8.26 33.28 -28.31
N ARG C 164 7.22 32.44 -28.24
CA ARG C 164 5.87 32.91 -28.01
C ARG C 164 5.85 33.95 -26.91
N VAL C 165 5.09 35.02 -27.10
CA VAL C 165 4.96 35.99 -26.03
C VAL C 165 3.54 35.96 -25.48
N GLU C 166 3.41 36.14 -24.15
CA GLU C 166 2.12 36.23 -23.48
C GLU C 166 2.03 37.51 -22.66
N LYS C 167 0.80 37.96 -22.40
CA LYS C 167 0.58 39.17 -21.62
C LYS C 167 -0.26 38.87 -20.37
N ARG C 168 0.26 39.27 -19.22
CA ARG C 168 -0.38 38.97 -17.94
C ARG C 168 -0.25 40.17 -17.01
N LYS C 169 -0.98 40.16 -15.90
CA LYS C 169 -0.78 41.20 -14.91
C LYS C 169 0.53 40.92 -14.17
N ILE C 170 1.57 41.64 -14.55
CA ILE C 170 2.92 41.35 -14.06
C ILE C 170 3.25 42.11 -12.80
N SER C 171 3.73 41.36 -11.82
CA SER C 171 4.28 41.92 -10.58
C SER C 171 5.66 42.52 -10.83
N THR C 172 5.90 43.69 -10.26
CA THR C 172 7.19 44.35 -10.37
C THR C 172 8.34 43.50 -9.81
N ASP C 173 7.99 42.40 -9.14
CA ASP C 173 9.00 41.52 -8.58
C ASP C 173 9.18 40.27 -9.43
N TYR C 174 8.49 40.24 -10.55
CA TYR C 174 8.59 39.10 -11.46
C TYR C 174 10.04 38.80 -11.81
N GLY C 175 10.43 37.55 -11.64
CA GLY C 175 11.78 37.15 -11.98
C GLY C 175 12.81 37.43 -10.91
N LYS C 176 12.54 38.39 -10.03
CA LYS C 176 13.49 38.78 -8.99
C LYS C 176 13.83 37.65 -8.01
N GLY C 177 12.97 36.63 -7.96
CA GLY C 177 13.11 35.59 -6.96
C GLY C 177 12.59 36.03 -5.59
N GLU C 178 12.37 37.33 -5.42
CA GLU C 178 11.78 37.86 -4.18
C GLU C 178 10.27 38.11 -4.30
N TRP C 179 9.66 38.55 -3.20
CA TRP C 179 8.24 38.92 -3.21
C TRP C 179 7.77 39.64 -1.96
N PRO D 8 -1.60 -46.33 6.50
CA PRO D 8 -0.45 -46.12 5.61
C PRO D 8 -0.07 -47.37 4.82
N GLU D 9 -0.34 -48.54 5.40
CA GLU D 9 -0.06 -49.81 4.73
C GLU D 9 -1.04 -50.06 3.59
N LYS D 10 -2.26 -49.57 3.76
CA LYS D 10 -3.35 -49.91 2.86
C LYS D 10 -4.56 -49.07 3.24
N LEU D 11 -5.24 -48.52 2.24
CA LEU D 11 -6.36 -47.61 2.51
C LEU D 11 -7.69 -48.31 2.74
N ILE D 12 -8.03 -49.27 1.89
CA ILE D 12 -9.29 -49.97 2.02
C ILE D 12 -9.12 -51.41 2.50
N VAL D 13 -9.68 -51.71 3.66
CA VAL D 13 -9.77 -53.09 4.14
C VAL D 13 -11.24 -53.53 4.12
N ASP D 14 -11.52 -54.61 3.43
CA ASP D 14 -12.87 -55.17 3.40
C ASP D 14 -13.83 -54.35 2.53
N GLY D 15 -13.46 -53.11 2.22
CA GLY D 15 -14.31 -52.26 1.41
C GLY D 15 -14.90 -51.08 2.16
N LEU D 16 -14.46 -50.90 3.40
CA LEU D 16 -14.84 -49.74 4.21
C LEU D 16 -13.58 -49.02 4.66
N ARG D 17 -13.58 -47.69 4.56
CA ARG D 17 -12.36 -46.92 4.81
C ARG D 17 -11.90 -46.96 6.26
N LEU D 18 -10.77 -46.32 6.53
CA LEU D 18 -10.12 -46.43 7.84
C LEU D 18 -10.97 -45.95 9.02
N ASP D 19 -12.03 -45.20 8.73
CA ASP D 19 -12.92 -44.68 9.77
C ASP D 19 -14.30 -45.33 9.69
N GLY D 20 -14.45 -46.26 8.76
CA GLY D 20 -15.63 -47.11 8.71
C GLY D 20 -16.69 -46.74 7.68
N ARG D 21 -16.57 -45.57 7.09
CA ARG D 21 -17.60 -45.11 6.15
C ARG D 21 -17.64 -45.99 4.89
N LYS D 22 -18.71 -45.84 4.10
CA LYS D 22 -18.88 -46.57 2.85
C LYS D 22 -17.95 -45.99 1.79
N PHE D 23 -18.28 -46.21 0.52
CA PHE D 23 -17.57 -45.50 -0.52
C PHE D 23 -18.36 -44.24 -0.86
N ASP D 24 -19.69 -44.31 -0.75
CA ASP D 24 -20.52 -43.14 -1.02
C ASP D 24 -21.23 -42.62 0.24
N GLU D 25 -20.53 -42.71 1.36
CA GLU D 25 -21.03 -42.17 2.62
C GLU D 25 -20.30 -40.88 3.05
N LEU D 26 -21.03 -39.76 3.09
CA LEU D 26 -20.49 -38.49 3.62
C LEU D 26 -20.04 -38.66 5.07
N ARG D 27 -19.27 -37.71 5.58
CA ARG D 27 -18.94 -37.71 7.00
C ARG D 27 -20.06 -37.06 7.80
N PRO D 28 -19.91 -37.02 9.13
CA PRO D 28 -20.90 -36.33 9.95
C PRO D 28 -20.90 -34.81 9.74
N ILE D 29 -21.96 -34.29 9.14
CA ILE D 29 -22.14 -32.86 8.95
C ILE D 29 -23.02 -32.20 10.03
N LYS D 30 -22.78 -30.91 10.29
CA LYS D 30 -23.61 -30.15 11.22
C LYS D 30 -23.66 -28.67 10.83
N ILE D 31 -24.85 -28.12 10.66
CA ILE D 31 -24.99 -26.80 10.06
C ILE D 31 -25.99 -25.86 10.78
N GLU D 32 -25.53 -24.65 11.13
CA GLU D 32 -26.32 -23.72 11.93
C GLU D 32 -26.30 -22.30 11.36
N ALA D 33 -27.45 -21.76 10.99
CA ALA D 33 -27.49 -20.37 10.54
C ALA D 33 -27.64 -19.36 11.67
N SER D 34 -27.18 -18.14 11.42
CA SER D 34 -27.36 -17.00 12.33
C SER D 34 -26.72 -17.21 13.68
N VAL D 35 -25.39 -17.39 13.65
CA VAL D 35 -24.61 -17.63 14.86
C VAL D 35 -23.90 -16.37 15.30
N LEU D 36 -23.91 -15.37 14.44
CA LEU D 36 -23.15 -14.14 14.69
C LEU D 36 -24.03 -12.90 14.81
N LYS D 37 -23.92 -12.18 15.93
CA LYS D 37 -24.73 -10.98 16.12
C LYS D 37 -24.41 -9.88 15.11
N ARG D 38 -23.15 -9.54 14.99
CA ARG D 38 -22.75 -8.36 14.21
C ARG D 38 -22.34 -8.70 12.78
N ALA D 39 -23.28 -9.24 12.01
CA ALA D 39 -23.00 -9.71 10.67
C ALA D 39 -24.31 -9.83 9.96
N ASP D 40 -24.30 -9.79 8.64
CA ASP D 40 -25.58 -9.74 7.95
C ASP D 40 -26.19 -11.11 7.79
N GLY D 41 -25.32 -12.10 7.61
CA GLY D 41 -25.72 -13.49 7.57
C GLY D 41 -24.56 -14.27 8.15
N SER D 42 -24.81 -15.46 8.67
CA SER D 42 -23.69 -16.26 9.14
C SER D 42 -24.09 -17.72 9.17
N CYS D 43 -23.11 -18.58 9.44
CA CYS D 43 -23.33 -20.00 9.47
C CYS D 43 -22.15 -20.62 10.16
N TYR D 44 -22.43 -21.51 11.10
CA TYR D 44 -21.39 -22.37 11.63
C TYR D 44 -21.62 -23.77 11.09
N LEU D 45 -20.56 -24.42 10.62
CA LEU D 45 -20.72 -25.79 10.19
C LEU D 45 -19.50 -26.64 10.42
N GLU D 46 -19.73 -27.95 10.47
CA GLU D 46 -18.66 -28.91 10.64
C GLU D 46 -18.85 -30.03 9.63
N MET D 47 -17.76 -30.52 9.07
CA MET D 47 -17.79 -31.67 8.19
C MET D 47 -16.78 -32.61 8.78
N GLY D 48 -17.22 -33.73 9.31
CA GLY D 48 -16.30 -34.53 10.08
C GLY D 48 -15.59 -33.59 11.01
N LYS D 49 -14.27 -33.62 11.00
CA LYS D 49 -13.47 -32.83 11.94
C LYS D 49 -13.33 -31.32 11.59
N ASN D 50 -13.79 -30.90 10.42
CA ASN D 50 -13.74 -29.47 10.05
C ASN D 50 -14.70 -28.65 10.90
N LYS D 51 -14.24 -27.50 11.38
CA LYS D 51 -15.09 -26.61 12.16
C LYS D 51 -14.99 -25.27 11.49
N VAL D 52 -16.08 -24.83 10.87
CA VAL D 52 -16.02 -23.65 10.04
C VAL D 52 -17.06 -22.62 10.44
N ILE D 53 -16.83 -21.38 10.06
CA ILE D 53 -17.82 -20.33 10.24
C ILE D 53 -17.68 -19.23 9.18
N ALA D 54 -18.77 -18.94 8.49
CA ALA D 54 -18.78 -17.97 7.39
C ALA D 54 -19.59 -16.77 7.82
N ALA D 55 -19.22 -15.59 7.34
CA ALA D 55 -19.95 -14.36 7.65
C ALA D 55 -20.09 -13.57 6.38
N VAL D 56 -21.21 -12.89 6.23
CA VAL D 56 -21.50 -12.15 5.03
C VAL D 56 -21.87 -10.73 5.40
N PHE D 57 -21.21 -9.73 4.82
CA PHE D 57 -21.61 -8.35 5.05
C PHE D 57 -21.91 -7.77 3.71
N GLY D 58 -22.98 -6.97 3.63
CA GLY D 58 -23.35 -6.37 2.35
C GLY D 58 -24.81 -6.58 2.00
N PRO D 59 -25.26 -5.94 0.92
CA PRO D 59 -24.56 -4.92 0.12
C PRO D 59 -24.17 -3.72 0.95
N ARG D 60 -22.88 -3.41 0.96
CA ARG D 60 -22.34 -2.25 1.66
C ARG D 60 -21.69 -1.35 0.62
N GLU D 61 -21.63 -0.06 0.93
CA GLU D 61 -20.88 0.87 0.10
C GLU D 61 -19.44 0.36 0.02
N VAL D 62 -18.83 0.51 -1.14
CA VAL D 62 -17.49 -0.03 -1.36
C VAL D 62 -16.45 1.09 -1.47
N HIS D 63 -15.38 0.98 -0.68
CA HIS D 63 -14.49 2.10 -0.43
C HIS D 63 -13.01 1.81 -0.70
N PRO D 64 -12.16 2.86 -0.65
CA PRO D 64 -12.55 4.26 -0.45
C PRO D 64 -13.39 4.76 -1.63
N GLU D 65 -13.15 4.19 -2.80
CA GLU D 65 -13.89 4.53 -4.01
C GLU D 65 -13.23 3.83 -5.19
N HIS D 66 -13.80 4.02 -6.38
CA HIS D 66 -13.18 3.66 -7.66
C HIS D 66 -13.17 2.17 -8.01
N LEU D 67 -12.90 1.33 -7.02
CA LEU D 67 -12.93 -0.12 -7.22
C LEU D 67 -14.37 -0.59 -7.51
N GLN D 68 -15.31 0.34 -7.32
CA GLN D 68 -16.73 0.07 -7.51
C GLN D 68 -17.13 -0.09 -8.98
N ASP D 69 -17.83 -1.19 -9.29
CA ASP D 69 -18.37 -1.44 -10.63
C ASP D 69 -19.73 -0.79 -10.76
N PRO D 70 -19.96 -0.05 -11.85
CA PRO D 70 -21.14 0.82 -11.94
C PRO D 70 -22.41 0.11 -12.36
N SER D 71 -22.27 -1.05 -12.97
CA SER D 71 -23.43 -1.74 -13.52
C SER D 71 -23.90 -2.88 -12.62
N LYS D 72 -22.99 -3.42 -11.81
CA LYS D 72 -23.33 -4.54 -10.94
C LYS D 72 -22.63 -4.44 -9.59
N ALA D 73 -22.61 -5.54 -8.85
CA ALA D 73 -21.97 -5.59 -7.54
C ALA D 73 -20.67 -6.37 -7.59
N ILE D 74 -19.78 -6.13 -6.63
CA ILE D 74 -18.53 -6.88 -6.59
C ILE D 74 -18.54 -7.84 -5.40
N ILE D 75 -17.93 -9.01 -5.58
CA ILE D 75 -17.94 -10.03 -4.55
C ILE D 75 -16.51 -10.29 -4.08
N ARG D 76 -16.28 -10.18 -2.79
CA ARG D 76 -14.97 -10.46 -2.25
C ARG D 76 -15.14 -11.69 -1.37
N TYR D 77 -14.08 -12.48 -1.23
CA TYR D 77 -14.14 -13.71 -0.47
C TYR D 77 -12.77 -14.05 0.14
N ARG D 78 -12.64 -13.91 1.46
CA ARG D 78 -11.38 -14.15 2.12
C ARG D 78 -11.44 -15.44 2.94
N TYR D 79 -10.62 -16.42 2.57
CA TYR D 79 -10.60 -17.73 3.23
C TYR D 79 -9.40 -17.82 4.16
N ASN D 80 -9.64 -17.71 5.46
CA ASN D 80 -8.56 -17.66 6.44
C ASN D 80 -8.52 -18.87 7.37
N MET D 81 -7.38 -19.56 7.43
CA MET D 81 -7.21 -20.61 8.44
C MET D 81 -6.55 -20.02 9.65
N ALA D 82 -7.08 -20.30 10.83
CA ALA D 82 -6.50 -19.80 12.07
C ALA D 82 -5.29 -20.63 12.47
N PRO D 83 -4.39 -20.05 13.27
CA PRO D 83 -3.19 -20.76 13.70
C PRO D 83 -3.45 -22.13 14.31
N PHE D 84 -4.43 -22.25 15.20
CA PHE D 84 -4.64 -23.50 15.94
C PHE D 84 -5.40 -24.56 15.15
N SER D 85 -5.67 -24.29 13.89
CA SER D 85 -6.57 -25.15 13.15
C SER D 85 -5.90 -26.43 12.68
N VAL D 86 -4.57 -26.41 12.60
CA VAL D 86 -3.82 -27.48 11.97
C VAL D 86 -2.85 -28.12 12.95
N GLU D 87 -2.25 -29.23 12.56
CA GLU D 87 -1.41 -29.99 13.47
C GLU D 87 -0.20 -29.16 13.89
N GLU D 88 0.58 -28.74 12.92
CA GLU D 88 1.68 -27.83 13.18
C GLU D 88 1.15 -26.42 13.01
N ARG D 89 1.18 -25.64 14.08
CA ARG D 89 0.57 -24.31 14.05
C ARG D 89 0.91 -23.49 12.79
N LYS D 90 -0.10 -23.22 11.96
CA LYS D 90 0.09 -22.37 10.78
C LYS D 90 0.55 -21.00 11.22
N ARG D 91 1.13 -20.21 10.31
CA ARG D 91 1.47 -18.83 10.63
C ARG D 91 0.50 -17.89 9.97
N PRO D 92 -0.14 -17.03 10.77
CA PRO D 92 -1.21 -16.13 10.33
C PRO D 92 -0.78 -15.33 9.13
N GLY D 93 -1.60 -15.36 8.09
CA GLY D 93 -1.24 -14.72 6.84
C GLY D 93 -1.56 -15.56 5.62
N PRO D 94 -1.84 -14.89 4.50
CA PRO D 94 -2.29 -15.57 3.28
C PRO D 94 -1.21 -16.43 2.67
N ASP D 95 -1.46 -17.73 2.59
CA ASP D 95 -0.62 -18.65 1.87
C ASP D 95 -0.85 -18.32 0.40
N ARG D 96 -0.10 -18.98 -0.49
CA ARG D 96 -0.46 -18.93 -1.91
C ARG D 96 -1.76 -19.70 -2.05
N ARG D 97 -1.81 -20.85 -1.37
CA ARG D 97 -2.99 -21.69 -1.33
C ARG D 97 -4.23 -20.84 -0.98
N SER D 98 -4.04 -19.83 -0.13
CA SER D 98 -5.14 -19.02 0.35
C SER D 98 -5.66 -18.07 -0.72
N ILE D 99 -4.77 -17.21 -1.22
CA ILE D 99 -5.09 -16.28 -2.30
C ILE D 99 -5.80 -17.05 -3.40
N GLU D 100 -5.28 -18.25 -3.64
CA GLU D 100 -5.77 -19.20 -4.63
C GLU D 100 -7.21 -19.68 -4.37
N ILE D 101 -7.40 -20.43 -3.28
CA ILE D 101 -8.72 -20.89 -2.86
C ILE D 101 -9.74 -19.74 -2.87
N SER D 102 -9.28 -18.55 -2.50
CA SER D 102 -10.17 -17.40 -2.46
C SER D 102 -10.67 -16.95 -3.83
N LYS D 103 -9.82 -17.05 -4.85
CA LYS D 103 -10.23 -16.59 -6.16
C LYS D 103 -11.28 -17.56 -6.65
N VAL D 104 -10.97 -18.83 -6.44
CA VAL D 104 -11.80 -19.90 -6.96
C VAL D 104 -13.15 -19.95 -6.24
N SER D 105 -13.13 -19.95 -4.91
CA SER D 105 -14.37 -19.91 -4.13
C SER D 105 -15.22 -18.69 -4.48
N LYS D 106 -14.57 -17.53 -4.61
CA LYS D 106 -15.27 -16.31 -5.00
C LYS D 106 -15.92 -16.43 -6.37
N GLU D 107 -15.26 -17.16 -7.28
CA GLU D 107 -15.73 -17.27 -8.66
C GLU D 107 -17.03 -18.05 -8.71
N ALA D 108 -17.18 -18.99 -7.78
CA ALA D 108 -18.43 -19.76 -7.62
C ALA D 108 -19.58 -18.82 -7.51
N PHE D 109 -19.56 -18.07 -6.42
CA PHE D 109 -20.66 -17.21 -6.07
C PHE D 109 -20.92 -16.12 -7.12
N GLU D 110 -19.90 -15.79 -7.90
CA GLU D 110 -20.09 -14.81 -8.98
C GLU D 110 -21.09 -15.32 -10.01
N ALA D 111 -21.06 -16.63 -10.23
CA ALA D 111 -22.01 -17.28 -11.13
C ALA D 111 -23.46 -17.25 -10.62
N VAL D 112 -23.60 -17.26 -9.30
CA VAL D 112 -24.86 -17.53 -8.63
C VAL D 112 -25.54 -16.31 -8.01
N ILE D 113 -24.77 -15.44 -7.37
CA ILE D 113 -25.36 -14.26 -6.76
C ILE D 113 -25.98 -13.41 -7.84
N MET D 114 -27.01 -12.65 -7.51
CA MET D 114 -27.60 -11.75 -8.48
C MET D 114 -27.06 -10.35 -8.32
N LYS D 115 -25.77 -10.17 -8.65
CA LYS D 115 -25.05 -8.91 -8.45
C LYS D 115 -25.57 -7.70 -9.25
N GLU D 116 -26.25 -7.98 -10.36
CA GLU D 116 -26.82 -6.94 -11.21
C GLU D 116 -27.88 -6.14 -10.46
N LEU D 117 -28.30 -6.66 -9.32
CA LEU D 117 -29.33 -6.04 -8.51
C LEU D 117 -28.76 -4.95 -7.61
N PHE D 118 -27.44 -4.91 -7.47
CA PHE D 118 -26.81 -4.01 -6.49
C PHE D 118 -25.59 -3.26 -6.97
N PRO D 119 -25.79 -2.35 -7.95
CA PRO D 119 -24.66 -1.66 -8.57
C PRO D 119 -23.83 -0.83 -7.57
N ARG D 120 -22.57 -0.60 -7.94
CA ARG D 120 -21.57 0.11 -7.13
C ARG D 120 -21.48 -0.31 -5.65
N SER D 121 -21.55 -1.62 -5.42
CA SER D 121 -21.60 -2.12 -4.05
C SER D 121 -20.75 -3.35 -3.83
N ALA D 122 -20.54 -3.68 -2.57
CA ALA D 122 -19.79 -4.86 -2.26
C ALA D 122 -20.67 -5.82 -1.49
N ILE D 123 -20.49 -7.09 -1.77
CA ILE D 123 -21.03 -8.14 -0.94
C ILE D 123 -19.79 -8.88 -0.57
N ASP D 124 -19.50 -8.90 0.72
CA ASP D 124 -18.24 -9.41 1.21
C ASP D 124 -18.40 -10.71 1.97
N ILE D 125 -17.57 -11.69 1.65
CA ILE D 125 -17.64 -12.99 2.30
C ILE D 125 -16.32 -13.34 2.99
N PHE D 126 -16.39 -13.61 4.28
CA PHE D 126 -15.21 -14.00 5.02
C PHE D 126 -15.54 -15.31 5.67
N VAL D 127 -14.60 -16.25 5.69
CA VAL D 127 -14.84 -17.55 6.27
C VAL D 127 -13.62 -18.01 7.04
N GLU D 128 -13.76 -18.28 8.33
CA GLU D 128 -12.63 -18.77 9.10
C GLU D 128 -12.66 -20.30 9.24
N VAL D 129 -11.52 -20.97 9.19
CA VAL D 129 -11.52 -22.37 9.58
C VAL D 129 -10.95 -22.49 10.98
N LEU D 130 -11.78 -22.92 11.93
CA LEU D 130 -11.35 -23.01 13.31
C LEU D 130 -10.64 -24.32 13.59
N GLN D 131 -10.98 -25.34 12.80
CA GLN D 131 -10.33 -26.64 12.89
C GLN D 131 -10.36 -27.16 11.50
N ALA D 132 -9.22 -27.68 11.04
CA ALA D 132 -9.09 -28.07 9.64
C ALA D 132 -8.86 -29.55 9.48
N ASP D 133 -9.54 -30.12 8.50
CA ASP D 133 -9.32 -31.51 8.12
C ASP D 133 -9.37 -31.62 6.60
N ALA D 134 -9.25 -32.82 6.08
CA ALA D 134 -9.40 -32.95 4.66
C ALA D 134 -10.74 -32.31 4.33
N GLY D 135 -10.78 -31.43 3.35
CA GLY D 135 -12.06 -30.94 2.87
C GLY D 135 -12.47 -29.54 3.29
N SER D 136 -11.76 -28.93 4.22
CA SER D 136 -12.10 -27.59 4.69
C SER D 136 -12.61 -26.68 3.58
N ARG D 137 -11.89 -26.68 2.46
CA ARG D 137 -12.22 -25.81 1.34
C ARG D 137 -13.66 -26.07 0.89
N THR D 138 -14.16 -27.24 1.23
CA THR D 138 -15.44 -27.67 0.72
C THR D 138 -16.48 -27.34 1.79
N ALA D 139 -16.10 -27.50 3.05
CA ALA D 139 -16.90 -27.10 4.19
C ALA D 139 -17.12 -25.59 4.17
N CYS D 140 -16.06 -24.86 3.84
CA CYS D 140 -16.11 -23.40 3.72
C CYS D 140 -17.11 -22.89 2.69
N LEU D 141 -17.22 -23.57 1.56
CA LEU D 141 -18.18 -23.12 0.57
C LEU D 141 -19.62 -23.35 1.03
N ASN D 142 -19.86 -24.52 1.61
CA ASN D 142 -21.19 -24.85 2.07
C ASN D 142 -21.62 -23.81 3.09
N ALA D 143 -20.73 -23.56 4.06
CA ALA D 143 -20.96 -22.56 5.08
C ALA D 143 -21.29 -21.20 4.48
N ALA D 144 -20.43 -20.73 3.58
CA ALA D 144 -20.61 -19.42 3.02
C ALA D 144 -21.91 -19.36 2.27
N SER D 145 -22.35 -20.49 1.75
CA SER D 145 -23.57 -20.50 0.97
C SER D 145 -24.76 -20.27 1.86
N VAL D 146 -24.67 -20.83 3.07
CA VAL D 146 -25.77 -20.71 4.04
C VAL D 146 -25.86 -19.28 4.55
N ALA D 147 -24.68 -18.70 4.82
CA ALA D 147 -24.57 -17.31 5.26
C ALA D 147 -25.14 -16.41 4.20
N LEU D 148 -24.89 -16.76 2.95
CA LEU D 148 -25.40 -15.93 1.89
C LEU D 148 -26.92 -15.89 1.91
N VAL D 149 -27.54 -17.05 2.05
CA VAL D 149 -28.98 -17.14 2.08
C VAL D 149 -29.50 -16.47 3.35
N ASP D 150 -28.84 -16.77 4.46
CA ASP D 150 -29.14 -16.15 5.75
C ASP D 150 -29.15 -14.64 5.62
N ALA D 151 -28.13 -14.10 4.95
CA ALA D 151 -28.02 -12.66 4.71
C ALA D 151 -29.04 -12.14 3.68
N GLY D 152 -29.78 -13.07 3.07
CA GLY D 152 -30.82 -12.68 2.15
C GLY D 152 -30.33 -12.04 0.86
N VAL D 153 -29.08 -12.25 0.48
CA VAL D 153 -28.68 -11.79 -0.84
C VAL D 153 -29.38 -12.65 -1.89
N PRO D 154 -30.09 -12.01 -2.81
CA PRO D 154 -30.80 -12.67 -3.91
C PRO D 154 -29.85 -13.53 -4.70
N MET D 155 -30.18 -14.81 -4.85
CA MET D 155 -29.39 -15.75 -5.62
C MET D 155 -30.30 -16.50 -6.57
N LYS D 156 -29.68 -17.23 -7.49
CA LYS D 156 -30.40 -18.01 -8.48
C LYS D 156 -30.77 -19.35 -7.88
N GLY D 157 -30.01 -19.78 -6.89
CA GLY D 157 -30.19 -21.07 -6.26
C GLY D 157 -29.07 -21.28 -5.26
N MET D 158 -28.79 -22.53 -4.94
CA MET D 158 -27.83 -22.83 -3.89
C MET D 158 -26.52 -23.41 -4.40
N ILE D 159 -25.47 -23.18 -3.64
CA ILE D 159 -24.19 -23.72 -3.97
C ILE D 159 -23.89 -24.76 -2.92
N THR D 160 -23.58 -25.97 -3.37
CA THR D 160 -23.27 -27.06 -2.47
C THR D 160 -22.08 -27.81 -3.03
N SER D 161 -21.19 -28.25 -2.15
CA SER D 161 -19.86 -28.64 -2.58
C SER D 161 -19.35 -29.88 -1.87
N VAL D 162 -18.77 -30.81 -2.64
CA VAL D 162 -18.22 -32.03 -2.06
C VAL D 162 -16.93 -32.43 -2.70
N ALA D 163 -16.04 -33.04 -1.93
CA ALA D 163 -14.81 -33.62 -2.46
C ALA D 163 -14.95 -35.10 -2.83
N VAL D 164 -14.83 -35.44 -4.12
CA VAL D 164 -14.68 -36.85 -4.49
C VAL D 164 -13.20 -37.21 -4.58
N GLY D 165 -12.79 -38.18 -3.77
CA GLY D 165 -11.40 -38.63 -3.75
C GLY D 165 -11.27 -39.96 -4.46
N LYS D 166 -10.27 -40.74 -4.06
CA LYS D 166 -10.06 -42.07 -4.62
C LYS D 166 -8.96 -42.78 -3.85
N ALA D 167 -9.30 -43.95 -3.31
CA ALA D 167 -8.36 -44.73 -2.52
C ALA D 167 -8.23 -46.16 -3.05
N ASP D 168 -7.01 -46.68 -3.01
CA ASP D 168 -6.73 -48.01 -3.53
C ASP D 168 -7.66 -48.33 -4.69
N GLY D 169 -7.49 -47.57 -5.78
CA GLY D 169 -8.21 -47.81 -7.01
C GLY D 169 -9.69 -47.49 -7.03
N GLN D 170 -10.31 -47.40 -5.86
CA GLN D 170 -11.73 -47.07 -5.81
C GLN D 170 -12.00 -45.59 -5.49
N LEU D 171 -13.05 -45.04 -6.11
CA LEU D 171 -13.52 -43.70 -5.79
C LEU D 171 -14.06 -43.65 -4.37
N VAL D 172 -14.08 -42.45 -3.79
CA VAL D 172 -14.73 -42.25 -2.49
C VAL D 172 -15.36 -40.87 -2.38
N LEU D 173 -16.36 -40.77 -1.51
CA LEU D 173 -17.02 -39.50 -1.26
C LEU D 173 -16.39 -38.84 -0.04
N ASP D 174 -16.22 -37.51 -0.11
CA ASP D 174 -15.78 -36.73 1.03
C ASP D 174 -14.55 -37.37 1.69
N PRO D 175 -13.44 -37.45 0.95
CA PRO D 175 -12.23 -38.09 1.44
C PRO D 175 -11.80 -37.53 2.79
N MET D 176 -11.22 -38.39 3.62
CA MET D 176 -10.68 -37.94 4.91
C MET D 176 -9.19 -37.75 4.72
N LYS D 177 -8.51 -37.30 5.78
CA LYS D 177 -7.08 -36.99 5.70
C LYS D 177 -6.26 -38.07 4.99
N GLU D 178 -6.05 -39.20 5.66
CA GLU D 178 -5.19 -40.26 5.16
C GLU D 178 -5.44 -40.54 3.66
N GLU D 179 -6.71 -40.55 3.26
CA GLU D 179 -7.06 -40.78 1.86
C GLU D 179 -6.54 -39.67 0.95
N ASP D 180 -6.37 -38.47 1.51
CA ASP D 180 -5.79 -37.38 0.77
C ASP D 180 -4.28 -37.52 0.76
N ASN D 181 -3.72 -37.94 1.89
CA ASN D 181 -2.27 -38.05 2.03
C ASN D 181 -1.67 -39.29 1.36
N PHE D 182 -2.51 -40.27 1.04
CA PHE D 182 -2.03 -41.49 0.40
C PHE D 182 -3.05 -41.98 -0.61
N GLY D 183 -3.84 -41.06 -1.13
CA GLY D 183 -4.79 -41.38 -2.17
C GLY D 183 -4.23 -41.02 -3.52
N GLU D 184 -4.93 -41.41 -4.57
CA GLU D 184 -4.49 -41.14 -5.92
C GLU D 184 -5.52 -40.26 -6.64
N ALA D 185 -6.03 -39.26 -5.93
CA ALA D 185 -6.90 -38.22 -6.49
C ALA D 185 -7.50 -37.32 -5.42
N ASP D 186 -8.01 -36.17 -5.84
CA ASP D 186 -8.71 -35.24 -4.94
C ASP D 186 -9.42 -34.17 -5.75
N MET D 187 -10.74 -34.26 -5.82
CA MET D 187 -11.52 -33.50 -6.77
C MET D 187 -12.75 -32.79 -6.14
N PRO D 188 -12.56 -31.54 -5.72
CA PRO D 188 -13.60 -30.64 -5.20
C PRO D 188 -14.58 -30.14 -6.26
N PHE D 189 -15.84 -30.51 -6.14
CA PHE D 189 -16.93 -29.96 -6.95
C PHE D 189 -17.76 -28.94 -6.16
N ALA D 190 -18.70 -28.32 -6.86
CA ALA D 190 -19.67 -27.49 -6.19
C ALA D 190 -20.71 -27.17 -7.23
N PHE D 191 -21.97 -27.48 -6.93
CA PHE D 191 -23.02 -27.32 -7.93
C PHE D 191 -24.00 -26.21 -7.60
N LEU D 192 -24.61 -25.67 -8.64
CA LEU D 192 -25.78 -24.83 -8.47
C LEU D 192 -26.94 -25.80 -8.32
N ILE D 193 -27.63 -25.76 -7.19
CA ILE D 193 -28.86 -26.53 -7.06
C ILE D 193 -29.99 -25.57 -7.29
N ARG D 194 -30.80 -25.84 -8.30
CA ARG D 194 -31.98 -25.02 -8.57
C ARG D 194 -33.12 -25.99 -8.76
N ASN D 195 -34.23 -25.73 -8.09
CA ASN D 195 -35.39 -26.60 -8.17
C ASN D 195 -35.13 -28.01 -7.65
N GLY D 196 -34.51 -28.10 -6.49
CA GLY D 196 -34.32 -29.37 -5.84
C GLY D 196 -33.33 -30.26 -6.55
N LYS D 197 -32.89 -29.87 -7.74
CA LYS D 197 -31.93 -30.69 -8.48
C LYS D 197 -30.59 -30.00 -8.80
N ILE D 198 -29.58 -30.82 -9.05
CA ILE D 198 -28.28 -30.35 -9.51
C ILE D 198 -28.30 -29.94 -10.98
N GLU D 199 -27.88 -28.72 -11.26
CA GLU D 199 -27.88 -28.17 -12.63
C GLU D 199 -26.49 -28.03 -13.23
N SER D 200 -25.80 -26.97 -12.85
CA SER D 200 -24.54 -26.59 -13.47
C SER D 200 -23.41 -26.98 -12.53
N ILE D 201 -22.19 -26.92 -13.03
CA ILE D 201 -21.02 -26.94 -12.13
C ILE D 201 -20.60 -25.52 -11.82
N ALA D 202 -20.36 -25.25 -10.55
CA ALA D 202 -19.93 -23.92 -10.12
C ALA D 202 -18.43 -23.92 -9.82
N LEU D 203 -17.93 -25.03 -9.29
CA LEU D 203 -16.53 -25.13 -8.93
C LEU D 203 -15.97 -26.50 -9.23
N LEU D 204 -14.89 -26.54 -10.02
CA LEU D 204 -14.32 -27.82 -10.47
C LEU D 204 -12.78 -27.81 -10.46
N GLN D 205 -12.19 -28.62 -9.60
CA GLN D 205 -10.76 -28.66 -9.42
C GLN D 205 -10.28 -30.09 -9.23
N MET D 206 -9.60 -30.66 -10.22
CA MET D 206 -9.03 -31.99 -10.04
C MET D 206 -7.52 -31.96 -10.02
N ASP D 207 -6.93 -32.79 -9.17
CA ASP D 207 -5.51 -33.05 -9.30
C ASP D 207 -5.08 -34.39 -8.72
N GLY D 208 -4.89 -35.36 -9.62
CA GLY D 208 -4.37 -36.69 -9.31
C GLY D 208 -4.35 -37.51 -10.59
N ARG D 209 -4.26 -38.83 -10.50
CA ARG D 209 -4.39 -39.65 -11.70
C ARG D 209 -5.76 -40.34 -11.86
N MET D 210 -6.46 -40.03 -12.94
CA MET D 210 -7.81 -40.55 -13.16
C MET D 210 -8.11 -40.72 -14.64
N THR D 211 -8.68 -41.85 -15.01
CA THR D 211 -9.03 -42.13 -16.39
C THR D 211 -10.14 -41.21 -16.86
N ARG D 212 -10.40 -41.18 -18.17
CA ARG D 212 -11.52 -40.43 -18.69
C ARG D 212 -12.75 -40.95 -18.00
N ASP D 213 -12.86 -42.28 -17.95
CA ASP D 213 -14.03 -42.95 -17.42
C ASP D 213 -14.14 -42.89 -15.89
N GLU D 214 -13.02 -42.71 -15.20
CA GLU D 214 -13.05 -42.48 -13.75
C GLU D 214 -13.62 -41.10 -13.45
N VAL D 215 -13.32 -40.14 -14.30
CA VAL D 215 -13.72 -38.76 -14.09
C VAL D 215 -15.21 -38.56 -14.26
N LYS D 216 -15.79 -39.17 -15.29
CA LYS D 216 -17.21 -39.03 -15.52
C LYS D 216 -17.99 -39.73 -14.41
N GLN D 217 -17.40 -40.80 -13.88
CA GLN D 217 -17.96 -41.48 -12.72
C GLN D 217 -17.96 -40.50 -11.56
N ALA D 218 -16.76 -40.15 -11.13
CA ALA D 218 -16.56 -39.22 -10.00
C ALA D 218 -17.53 -38.03 -9.98
N ILE D 219 -17.81 -37.46 -11.13
CA ILE D 219 -18.78 -36.38 -11.17
C ILE D 219 -20.07 -36.88 -10.59
N GLU D 220 -20.43 -38.10 -10.96
CA GLU D 220 -21.68 -38.72 -10.52
C GLU D 220 -21.69 -38.99 -9.01
N LEU D 221 -20.58 -39.49 -8.49
CA LEU D 221 -20.48 -39.81 -7.08
C LEU D 221 -20.68 -38.54 -6.27
N ALA D 222 -20.32 -37.41 -6.87
CA ALA D 222 -20.33 -36.13 -6.20
C ALA D 222 -21.74 -35.58 -6.06
N LYS D 223 -22.48 -35.53 -7.16
CA LYS D 223 -23.81 -34.95 -7.08
C LYS D 223 -24.76 -35.83 -6.26
N LYS D 224 -24.23 -36.87 -5.62
CA LYS D 224 -24.99 -37.58 -4.59
C LYS D 224 -24.80 -36.88 -3.24
N GLY D 225 -23.54 -36.85 -2.78
CA GLY D 225 -23.17 -36.10 -1.58
C GLY D 225 -23.82 -34.73 -1.58
N ALA D 226 -24.07 -34.19 -2.77
CA ALA D 226 -24.52 -32.81 -2.89
C ALA D 226 -25.98 -32.63 -2.52
N LEU D 227 -26.84 -33.50 -3.06
CA LEU D 227 -28.26 -33.44 -2.72
C LEU D 227 -28.43 -33.79 -1.23
N GLN D 228 -27.56 -34.67 -0.73
CA GLN D 228 -27.54 -35.03 0.67
C GLN D 228 -27.25 -33.81 1.53
N ILE D 229 -26.17 -33.10 1.19
CA ILE D 229 -25.78 -31.94 1.94
C ILE D 229 -26.79 -30.80 1.72
N TYR D 230 -27.14 -30.55 0.47
CA TYR D 230 -28.11 -29.50 0.19
C TYR D 230 -29.31 -29.60 1.13
N GLU D 231 -29.81 -30.81 1.32
CA GLU D 231 -30.96 -31.00 2.19
C GLU D 231 -30.63 -30.50 3.62
N MET D 232 -29.48 -30.89 4.12
CA MET D 232 -29.05 -30.40 5.42
C MET D 232 -28.95 -28.89 5.43
N GLN D 233 -28.67 -28.31 4.26
CA GLN D 233 -28.59 -26.87 4.14
C GLN D 233 -29.97 -26.27 4.18
N ARG D 234 -30.93 -26.90 3.49
CA ARG D 234 -32.33 -26.51 3.57
C ARG D 234 -32.84 -26.60 5.00
N GLU D 235 -32.50 -27.70 5.68
CA GLU D 235 -32.98 -27.91 7.04
C GLU D 235 -32.58 -26.76 7.94
N ALA D 236 -31.39 -26.22 7.68
CA ALA D 236 -30.83 -25.20 8.53
C ALA D 236 -31.43 -23.82 8.25
N ILE D 237 -31.64 -23.50 6.99
CA ILE D 237 -32.25 -22.23 6.64
C ILE D 237 -33.73 -22.28 6.99
N LEU D 238 -34.26 -23.49 7.13
CA LEU D 238 -35.62 -23.65 7.59
C LEU D 238 -35.67 -23.44 9.11
N ARG D 239 -34.73 -24.03 9.83
CA ARG D 239 -34.72 -23.81 11.27
C ARG D 239 -34.65 -22.32 11.55
N ARG D 240 -33.86 -21.61 10.76
CA ARG D 240 -33.74 -20.16 10.92
C ARG D 240 -35.07 -19.47 10.65
N TYR D 241 -35.78 -19.97 9.67
CA TYR D 241 -37.09 -19.46 9.28
C TYR D 241 -38.08 -19.53 10.43
N ILE D 242 -38.11 -20.67 11.12
CA ILE D 242 -39.01 -20.83 12.27
C ILE D 242 -38.69 -19.83 13.35
N GLU D 243 -37.42 -19.46 13.43
CA GLU D 243 -36.93 -18.63 14.52
C GLU D 243 -37.27 -17.15 14.33
N VAL D 244 -37.08 -16.63 13.12
CA VAL D 244 -37.50 -15.26 12.87
C VAL D 244 -39.01 -15.23 13.05
N GLY D 245 -39.67 -16.30 12.64
CA GLY D 245 -41.10 -16.45 12.80
C GLY D 245 -41.55 -16.53 14.25
N GLU D 246 -40.71 -17.10 15.10
CA GLU D 246 -41.07 -17.24 16.51
C GLU D 246 -40.84 -15.94 17.23
N GLU D 247 -39.77 -15.24 16.85
CA GLU D 247 -39.41 -13.95 17.46
C GLU D 247 -40.49 -12.89 17.20
N MET D 248 -41.03 -12.85 15.99
CA MET D 248 -42.16 -11.98 15.68
C MET D 248 -43.42 -12.40 16.43
N ASP D 249 -43.84 -13.65 16.23
CA ASP D 249 -45.06 -14.18 16.84
C ASP D 249 -45.04 -13.94 18.37
N GLU D 250 -43.87 -14.00 18.99
CA GLU D 250 -43.68 -13.73 20.44
C GLU D 250 -44.99 -13.58 21.22
N GLU E 6 36.20 -19.31 -9.03
CA GLU E 6 37.65 -19.34 -9.20
C GLU E 6 38.11 -18.13 -10.03
N LYS E 7 39.28 -17.59 -9.70
CA LYS E 7 39.80 -16.37 -10.33
C LYS E 7 40.92 -16.61 -11.36
N PRO E 8 40.79 -16.03 -12.56
CA PRO E 8 41.79 -16.12 -13.64
C PRO E 8 43.18 -15.74 -13.17
N GLU E 9 43.23 -14.93 -12.10
CA GLU E 9 44.47 -14.37 -11.60
C GLU E 9 45.23 -13.52 -12.63
N LYS E 10 45.12 -13.92 -13.89
CA LYS E 10 45.88 -13.25 -14.96
C LYS E 10 45.15 -12.13 -15.72
N LEU E 11 43.92 -12.38 -16.13
CA LEU E 11 43.16 -11.37 -16.88
C LEU E 11 43.78 -11.07 -18.25
N ILE E 12 44.45 -9.93 -18.38
CA ILE E 12 45.14 -9.61 -19.63
C ILE E 12 46.42 -10.43 -19.79
N VAL E 13 46.54 -11.08 -20.94
CA VAL E 13 47.72 -11.89 -21.26
C VAL E 13 48.19 -11.54 -22.67
N ASP E 14 49.51 -11.45 -22.87
CA ASP E 14 50.00 -11.26 -24.22
C ASP E 14 49.15 -10.20 -24.93
N GLY E 15 48.77 -9.16 -24.22
CA GLY E 15 48.02 -8.07 -24.82
C GLY E 15 46.56 -8.41 -25.14
N LEU E 16 46.16 -9.64 -24.89
CA LEU E 16 44.80 -10.05 -25.19
C LEU E 16 44.10 -10.71 -24.00
N ARG E 17 42.80 -10.44 -23.87
CA ARG E 17 42.07 -10.80 -22.66
C ARG E 17 41.65 -12.27 -22.62
N LEU E 18 41.05 -12.65 -21.50
CA LEU E 18 40.66 -14.03 -21.27
C LEU E 18 39.66 -14.58 -22.30
N ASP E 19 39.15 -13.72 -23.17
CA ASP E 19 38.28 -14.18 -24.24
C ASP E 19 38.88 -13.83 -25.60
N GLY E 20 40.01 -13.14 -25.57
CA GLY E 20 40.75 -12.86 -26.78
C GLY E 20 40.47 -11.52 -27.42
N ARG E 21 39.55 -10.76 -26.83
CA ARG E 21 39.28 -9.42 -27.33
C ARG E 21 40.51 -8.54 -27.10
N LYS E 22 40.60 -7.43 -27.81
CA LYS E 22 41.64 -6.43 -27.52
C LYS E 22 41.08 -5.36 -26.56
N PHE E 23 41.94 -4.47 -26.07
CA PHE E 23 41.52 -3.50 -25.06
C PHE E 23 40.31 -2.68 -25.45
N ASP E 24 40.06 -2.50 -26.74
CA ASP E 24 38.94 -1.66 -27.15
C ASP E 24 37.90 -2.34 -28.05
N GLU E 25 37.72 -3.64 -27.91
CA GLU E 25 36.83 -4.38 -28.77
C GLU E 25 35.54 -4.80 -28.05
N LEU E 26 34.37 -4.37 -28.52
CA LEU E 26 33.12 -4.82 -27.89
C LEU E 26 32.90 -6.32 -28.07
N ARG E 27 32.13 -6.91 -27.17
CA ARG E 27 31.68 -8.27 -27.33
C ARG E 27 30.63 -8.28 -28.43
N PRO E 28 30.31 -9.45 -28.97
CA PRO E 28 29.31 -9.54 -30.03
C PRO E 28 27.93 -9.04 -29.59
N ILE E 29 27.41 -8.07 -30.33
CA ILE E 29 26.10 -7.49 -30.06
C ILE E 29 25.08 -7.86 -31.14
N LYS E 30 23.87 -8.24 -30.73
CA LYS E 30 22.72 -8.41 -31.64
C LYS E 30 21.64 -7.43 -31.19
N ILE E 31 20.78 -6.98 -32.11
CA ILE E 31 19.73 -6.00 -31.76
C ILE E 31 18.51 -6.05 -32.69
N GLU E 32 17.49 -6.81 -32.29
CA GLU E 32 16.21 -6.88 -33.00
C GLU E 32 15.25 -5.80 -32.54
N ALA E 33 14.62 -5.08 -33.46
CA ALA E 33 13.59 -4.11 -33.07
C ALA E 33 12.20 -4.68 -33.23
N SER E 34 11.29 -4.19 -32.41
CA SER E 34 9.89 -4.55 -32.51
C SER E 34 9.66 -6.05 -32.55
N VAL E 35 10.03 -6.75 -31.46
CA VAL E 35 9.76 -8.16 -31.30
C VAL E 35 8.46 -8.46 -30.55
N LEU E 36 8.10 -7.61 -29.60
CA LEU E 36 6.86 -7.82 -28.86
C LEU E 36 5.69 -7.23 -29.63
N LYS E 37 4.61 -8.01 -29.71
CA LYS E 37 3.40 -7.59 -30.42
C LYS E 37 2.52 -6.67 -29.58
N ARG E 38 2.45 -6.92 -28.26
CA ARG E 38 1.52 -6.22 -27.39
C ARG E 38 2.00 -4.85 -26.94
N ALA E 39 3.32 -4.70 -26.81
CA ALA E 39 3.87 -3.40 -26.45
C ALA E 39 3.83 -2.42 -27.61
N ASP E 40 3.98 -1.13 -27.30
CA ASP E 40 4.05 -0.09 -28.30
C ASP E 40 5.38 -0.15 -29.03
N GLY E 41 6.41 -0.55 -28.30
CA GLY E 41 7.72 -0.69 -28.90
C GLY E 41 8.54 -1.63 -28.07
N SER E 42 9.33 -2.44 -28.74
CA SER E 42 10.08 -3.45 -28.03
C SER E 42 11.45 -3.56 -28.65
N CYS E 43 12.27 -4.44 -28.09
CA CYS E 43 13.60 -4.67 -28.60
C CYS E 43 14.22 -5.82 -27.85
N TYR E 44 14.63 -6.85 -28.58
CA TYR E 44 15.46 -7.89 -28.01
C TYR E 44 16.88 -7.46 -28.30
N LEU E 45 17.81 -7.82 -27.43
CA LEU E 45 19.19 -7.38 -27.61
C LEU E 45 20.14 -8.25 -26.79
N GLU E 46 20.98 -8.99 -27.51
CA GLU E 46 22.05 -9.73 -26.88
C GLU E 46 23.30 -8.86 -26.85
N MET E 47 24.07 -8.96 -25.78
CA MET E 47 25.35 -8.26 -25.68
C MET E 47 26.25 -9.24 -24.99
N GLY E 48 27.26 -9.71 -25.70
CA GLY E 48 28.04 -10.83 -25.24
C GLY E 48 27.04 -11.86 -24.76
N LYS E 49 27.23 -12.31 -23.53
CA LYS E 49 26.37 -13.34 -23.01
C LYS E 49 25.06 -12.79 -22.43
N ASN E 50 24.98 -11.47 -22.21
CA ASN E 50 23.72 -10.85 -21.79
C ASN E 50 22.62 -11.00 -22.82
N LYS E 51 21.44 -11.43 -22.37
CA LYS E 51 20.24 -11.34 -23.21
C LYS E 51 19.16 -10.57 -22.47
N VAL E 52 18.71 -9.47 -23.07
CA VAL E 52 17.72 -8.62 -22.44
C VAL E 52 16.59 -8.27 -23.38
N ILE E 53 15.43 -7.94 -22.82
CA ILE E 53 14.30 -7.54 -23.64
C ILE E 53 13.64 -6.29 -23.07
N ALA E 54 13.16 -5.40 -23.92
CA ALA E 54 12.59 -4.16 -23.43
C ALA E 54 11.29 -3.86 -24.15
N ALA E 55 10.27 -3.52 -23.38
CA ALA E 55 9.01 -3.08 -23.92
C ALA E 55 8.81 -1.62 -23.55
N VAL E 56 7.92 -0.94 -24.26
CA VAL E 56 7.59 0.44 -23.94
C VAL E 56 6.09 0.69 -24.12
N PHE E 57 5.49 1.48 -23.24
CA PHE E 57 4.03 1.65 -23.25
C PHE E 57 3.68 3.10 -23.02
N GLY E 58 3.05 3.74 -24.00
CA GLY E 58 2.64 5.13 -23.85
C GLY E 58 2.88 6.03 -25.04
N PRO E 59 2.69 7.35 -24.86
CA PRO E 59 2.22 7.94 -23.59
C PRO E 59 0.84 7.42 -23.27
N ARG E 60 0.56 7.17 -21.99
CA ARG E 60 -0.76 6.66 -21.60
C ARG E 60 -1.26 7.34 -20.34
N GLU E 61 -2.53 7.11 -20.03
CA GLU E 61 -3.16 7.66 -18.82
C GLU E 61 -2.50 7.14 -17.55
N VAL E 62 -2.59 7.90 -16.46
CA VAL E 62 -1.88 7.57 -15.21
C VAL E 62 -2.72 7.56 -13.91
N HIS E 63 -2.97 6.36 -13.36
CA HIS E 63 -3.48 6.17 -11.99
C HIS E 63 -2.20 5.88 -11.19
N PRO E 64 -2.06 6.45 -9.98
CA PRO E 64 -3.05 7.17 -9.16
C PRO E 64 -3.57 8.45 -9.80
N GLU E 65 -2.66 9.27 -10.33
CA GLU E 65 -2.98 10.58 -10.92
C GLU E 65 -2.63 11.72 -9.97
N HIS E 66 -2.53 11.40 -8.69
CA HIS E 66 -1.91 12.33 -7.76
C HIS E 66 -0.41 12.33 -8.10
N LEU E 67 0.02 11.28 -8.80
CA LEU E 67 1.39 11.16 -9.26
C LEU E 67 1.60 11.76 -10.65
N GLN E 68 0.50 12.11 -11.32
CA GLN E 68 0.57 12.70 -12.64
C GLN E 68 1.07 14.15 -12.57
N ASP E 69 1.64 14.65 -13.65
CA ASP E 69 2.22 15.98 -13.66
C ASP E 69 1.53 16.91 -14.65
N PRO E 70 1.05 18.07 -14.17
CA PRO E 70 0.21 18.92 -15.00
C PRO E 70 0.86 19.25 -16.35
N SER E 71 2.15 19.55 -16.34
CA SER E 71 2.80 20.21 -17.47
C SER E 71 3.61 19.29 -18.38
N LYS E 72 3.88 18.07 -17.93
CA LYS E 72 4.72 17.17 -18.69
C LYS E 72 4.46 15.73 -18.34
N ALA E 73 4.99 14.83 -19.15
CA ALA E 73 4.81 13.40 -18.96
C ALA E 73 5.69 12.91 -17.83
N ILE E 74 5.35 11.76 -17.27
CA ILE E 74 6.20 11.17 -16.26
C ILE E 74 6.74 9.88 -16.84
N ILE E 75 7.93 9.50 -16.40
CA ILE E 75 8.63 8.36 -16.98
C ILE E 75 8.85 7.32 -15.91
N ARG E 76 8.62 6.07 -16.25
CA ARG E 76 8.97 4.99 -15.31
C ARG E 76 9.69 3.84 -15.99
N TYR E 77 10.58 3.21 -15.23
CA TYR E 77 11.54 2.28 -15.77
C TYR E 77 11.74 1.26 -14.69
N ARG E 78 11.45 0.00 -14.99
CA ARG E 78 11.70 -1.05 -14.04
C ARG E 78 12.68 -2.03 -14.66
N TYR E 79 13.88 -2.11 -14.06
CA TYR E 79 14.95 -3.02 -14.48
C TYR E 79 14.85 -4.31 -13.68
N ASN E 80 14.64 -5.44 -14.37
CA ASN E 80 14.29 -6.67 -13.66
C ASN E 80 15.07 -7.91 -14.12
N MET E 81 15.75 -8.56 -13.18
CA MET E 81 16.55 -9.74 -13.50
C MET E 81 15.83 -11.02 -13.18
N ALA E 82 15.22 -11.63 -14.20
CA ALA E 82 14.59 -12.94 -14.03
C ALA E 82 15.47 -13.88 -13.23
N PRO E 83 14.86 -14.89 -12.59
CA PRO E 83 15.60 -15.76 -11.67
C PRO E 83 16.68 -16.57 -12.37
N PHE E 84 16.36 -17.15 -13.52
CA PHE E 84 17.31 -18.00 -14.25
C PHE E 84 18.36 -17.23 -15.04
N SER E 85 18.46 -15.92 -14.81
CA SER E 85 19.35 -15.08 -15.59
C SER E 85 20.77 -15.09 -15.06
N VAL E 86 20.90 -15.30 -13.75
CA VAL E 86 22.23 -15.30 -13.13
C VAL E 86 22.75 -16.70 -12.86
N GLU E 87 23.82 -16.78 -12.08
CA GLU E 87 24.54 -18.02 -11.84
C GLU E 87 23.90 -18.83 -10.70
N GLU E 88 23.60 -18.15 -9.61
CA GLU E 88 22.89 -18.74 -8.50
C GLU E 88 21.48 -18.12 -8.50
N ARG E 89 20.47 -18.93 -8.85
CA ARG E 89 19.11 -18.42 -9.07
C ARG E 89 18.70 -17.39 -8.03
N LYS E 90 18.24 -16.23 -8.51
CA LYS E 90 17.98 -15.10 -7.62
C LYS E 90 16.48 -14.89 -7.30
N ARG E 91 16.21 -14.50 -6.05
CA ARG E 91 14.86 -14.19 -5.62
C ARG E 91 14.24 -13.21 -6.62
N PRO E 92 13.01 -13.48 -7.07
CA PRO E 92 12.34 -12.55 -7.99
C PRO E 92 12.04 -11.24 -7.26
N GLY E 93 11.78 -10.18 -8.02
CA GLY E 93 11.43 -8.90 -7.42
C GLY E 93 12.61 -8.09 -6.91
N PRO E 94 12.33 -6.85 -6.46
CA PRO E 94 13.24 -5.78 -6.10
C PRO E 94 14.24 -6.07 -4.97
N ASP E 95 15.52 -5.87 -5.26
CA ASP E 95 16.50 -5.71 -4.21
C ASP E 95 16.93 -4.27 -4.34
N ARG E 96 17.77 -3.81 -3.40
CA ARG E 96 18.22 -2.43 -3.39
C ARG E 96 19.04 -2.09 -4.63
N ARG E 97 19.79 -3.07 -5.16
CA ARG E 97 20.58 -2.85 -6.38
C ARG E 97 19.67 -2.50 -7.57
N SER E 98 18.56 -3.20 -7.69
CA SER E 98 17.65 -3.02 -8.82
C SER E 98 16.94 -1.68 -8.69
N ILE E 99 16.62 -1.32 -7.46
CA ILE E 99 15.92 -0.07 -7.19
C ILE E 99 16.80 1.09 -7.58
N GLU E 100 18.08 1.00 -7.25
CA GLU E 100 19.04 2.04 -7.58
C GLU E 100 19.17 2.12 -9.10
N ILE E 101 19.46 0.99 -9.73
CA ILE E 101 19.60 0.94 -11.17
C ILE E 101 18.39 1.56 -11.87
N SER E 102 17.20 1.24 -11.37
CA SER E 102 15.99 1.76 -12.00
C SER E 102 15.84 3.27 -11.85
N LYS E 103 16.25 3.82 -10.73
CA LYS E 103 16.24 5.27 -10.56
C LYS E 103 17.14 5.93 -11.57
N VAL E 104 18.36 5.43 -11.70
CA VAL E 104 19.33 6.08 -12.58
C VAL E 104 19.01 5.87 -14.04
N SER E 105 18.57 4.67 -14.39
CA SER E 105 18.20 4.40 -15.78
C SER E 105 17.06 5.31 -16.19
N LYS E 106 16.06 5.48 -15.33
CA LYS E 106 14.99 6.42 -15.62
C LYS E 106 15.55 7.78 -15.96
N GLU E 107 16.43 8.26 -15.11
CA GLU E 107 16.93 9.63 -15.23
C GLU E 107 17.67 9.92 -16.54
N ALA E 108 18.28 8.88 -17.13
CA ALA E 108 18.94 8.99 -18.42
C ALA E 108 17.97 9.44 -19.51
N PHE E 109 16.86 8.73 -19.60
CA PHE E 109 15.82 9.06 -20.56
C PHE E 109 15.04 10.28 -20.13
N GLU E 110 15.13 10.63 -18.87
CA GLU E 110 14.42 11.81 -18.44
C GLU E 110 15.02 13.02 -19.13
N ALA E 111 16.31 12.90 -19.42
CA ALA E 111 17.07 13.98 -20.04
C ALA E 111 16.69 14.19 -21.52
N VAL E 112 16.25 13.11 -22.15
CA VAL E 112 16.11 13.02 -23.59
C VAL E 112 14.65 13.02 -24.05
N ILE E 113 13.80 12.26 -23.37
CA ILE E 113 12.40 12.19 -23.77
C ILE E 113 11.78 13.57 -23.69
N MET E 114 10.99 13.93 -24.69
CA MET E 114 10.41 15.25 -24.75
C MET E 114 9.11 15.26 -24.00
N LYS E 115 9.22 15.06 -22.69
CA LYS E 115 8.08 14.91 -21.80
C LYS E 115 6.95 15.93 -22.05
N GLU E 116 7.30 17.18 -22.33
CA GLU E 116 6.31 18.24 -22.48
C GLU E 116 5.20 17.99 -23.50
N LEU E 117 5.42 17.06 -24.43
CA LEU E 117 4.43 16.86 -25.51
C LEU E 117 3.17 16.12 -25.01
N PHE E 118 3.27 15.56 -23.81
CA PHE E 118 2.22 14.70 -23.27
C PHE E 118 2.02 14.98 -21.79
N PRO E 119 1.42 16.13 -21.48
CA PRO E 119 1.06 16.44 -20.10
C PRO E 119 0.12 15.36 -19.55
N ARG E 120 0.20 15.16 -18.24
CA ARG E 120 -0.70 14.26 -17.54
C ARG E 120 -0.57 12.83 -18.02
N SER E 121 0.57 12.48 -18.59
CA SER E 121 0.73 11.10 -19.09
C SER E 121 1.91 10.37 -18.51
N ALA E 122 2.00 9.08 -18.82
CA ALA E 122 3.13 8.30 -18.38
C ALA E 122 3.64 7.48 -19.56
N ILE E 123 4.90 7.70 -19.94
CA ILE E 123 5.59 6.74 -20.78
C ILE E 123 6.24 5.78 -19.82
N ASP E 124 6.01 4.49 -19.98
CA ASP E 124 6.62 3.52 -19.10
C ASP E 124 7.52 2.57 -19.87
N ILE E 125 8.61 2.16 -19.24
CA ILE E 125 9.63 1.33 -19.87
C ILE E 125 9.94 0.16 -18.97
N PHE E 126 9.85 -1.05 -19.52
CA PHE E 126 10.16 -2.25 -18.76
C PHE E 126 11.33 -2.97 -19.43
N VAL E 127 12.34 -3.31 -18.66
CA VAL E 127 13.46 -3.99 -19.27
C VAL E 127 13.69 -5.30 -18.54
N GLU E 128 13.74 -6.39 -19.30
CA GLU E 128 13.81 -7.70 -18.71
C GLU E 128 15.11 -8.47 -19.05
N VAL E 129 15.91 -8.76 -18.03
CA VAL E 129 17.14 -9.52 -18.19
C VAL E 129 16.90 -11.03 -18.16
N LEU E 130 16.90 -11.66 -19.33
CA LEU E 130 16.72 -13.11 -19.41
C LEU E 130 17.98 -13.86 -18.99
N GLN E 131 19.13 -13.37 -19.43
CA GLN E 131 20.39 -14.02 -19.06
C GLN E 131 21.37 -12.93 -18.71
N ALA E 132 22.01 -13.07 -17.55
CA ALA E 132 22.83 -12.02 -16.96
C ALA E 132 24.31 -12.16 -17.26
N ASP E 133 24.99 -11.03 -17.31
CA ASP E 133 26.45 -11.06 -17.40
C ASP E 133 26.92 -9.64 -17.18
N ALA E 134 28.23 -9.42 -17.23
CA ALA E 134 28.78 -8.10 -16.96
C ALA E 134 28.01 -7.00 -17.71
N GLY E 135 28.03 -5.79 -17.17
CA GLY E 135 27.30 -4.68 -17.74
C GLY E 135 26.03 -5.11 -18.43
N SER E 136 25.02 -5.54 -17.65
CA SER E 136 23.69 -5.80 -18.19
C SER E 136 22.88 -4.52 -18.07
N ARG E 137 23.29 -3.64 -17.17
CA ARG E 137 22.54 -2.41 -17.03
C ARG E 137 22.74 -1.62 -18.30
N THR E 138 23.83 -1.91 -19.00
CA THR E 138 24.14 -1.26 -20.27
C THR E 138 23.38 -1.88 -21.43
N ALA E 139 23.30 -3.20 -21.42
CA ALA E 139 22.46 -3.89 -22.37
C ALA E 139 21.06 -3.30 -22.28
N CYS E 140 20.51 -3.33 -21.08
CA CYS E 140 19.17 -2.80 -20.84
C CYS E 140 18.97 -1.39 -21.37
N LEU E 141 19.88 -0.48 -21.02
CA LEU E 141 19.80 0.88 -21.50
C LEU E 141 19.78 0.95 -23.04
N ASN E 142 20.68 0.20 -23.67
CA ASN E 142 20.72 0.19 -25.12
C ASN E 142 19.39 -0.32 -25.66
N ALA E 143 18.89 -1.40 -25.05
CA ALA E 143 17.62 -2.00 -25.44
C ALA E 143 16.41 -1.07 -25.25
N ALA E 144 16.40 -0.28 -24.19
CA ALA E 144 15.30 0.65 -23.98
C ALA E 144 15.26 1.73 -25.04
N SER E 145 16.43 2.18 -25.48
CA SER E 145 16.46 3.31 -26.41
C SER E 145 15.93 2.86 -27.74
N VAL E 146 16.24 1.62 -28.11
CA VAL E 146 15.70 1.03 -29.31
C VAL E 146 14.16 0.96 -29.17
N ALA E 147 13.71 0.37 -28.05
CA ALA E 147 12.28 0.26 -27.76
C ALA E 147 11.59 1.63 -27.80
N LEU E 148 12.24 2.61 -27.18
CA LEU E 148 11.69 3.95 -27.23
C LEU E 148 11.44 4.39 -28.65
N VAL E 149 12.42 4.18 -29.50
CA VAL E 149 12.38 4.75 -30.83
C VAL E 149 11.36 4.03 -31.69
N ASP E 150 11.44 2.71 -31.64
CA ASP E 150 10.46 1.80 -32.23
C ASP E 150 9.05 2.20 -31.81
N ALA E 151 8.92 2.77 -30.62
CA ALA E 151 7.64 3.25 -30.10
C ALA E 151 7.36 4.69 -30.51
N GLY E 152 8.31 5.29 -31.23
CA GLY E 152 8.09 6.62 -31.76
C GLY E 152 7.93 7.72 -30.72
N VAL E 153 8.43 7.52 -29.50
CA VAL E 153 8.33 8.57 -28.50
C VAL E 153 9.31 9.64 -28.87
N PRO E 154 8.82 10.86 -29.11
CA PRO E 154 9.73 11.96 -29.46
C PRO E 154 10.88 12.03 -28.47
N MET E 155 12.08 12.27 -28.98
CA MET E 155 13.31 12.23 -28.18
C MET E 155 14.29 13.24 -28.76
N LYS E 156 15.17 13.77 -27.91
CA LYS E 156 16.10 14.79 -28.35
C LYS E 156 17.17 14.17 -29.23
N GLY E 157 17.36 12.88 -29.06
CA GLY E 157 18.40 12.15 -29.73
C GLY E 157 18.48 10.80 -29.07
N MET E 158 19.35 9.94 -29.58
CA MET E 158 19.40 8.59 -29.04
C MET E 158 20.19 8.49 -27.75
N ILE E 159 20.10 7.34 -27.10
CA ILE E 159 20.88 7.08 -25.92
C ILE E 159 21.58 5.77 -26.12
N THR E 160 22.86 5.73 -25.76
CA THR E 160 23.67 4.55 -25.97
C THR E 160 24.60 4.43 -24.77
N SER E 161 25.05 3.22 -24.45
CA SER E 161 25.90 3.08 -23.28
C SER E 161 26.85 1.89 -23.34
N VAL E 162 28.02 2.09 -22.72
CA VAL E 162 29.00 1.04 -22.50
C VAL E 162 29.69 1.22 -21.17
N ALA E 163 30.31 0.16 -20.69
CA ALA E 163 31.14 0.27 -19.50
C ALA E 163 32.59 0.14 -19.92
N VAL E 164 33.43 0.90 -19.23
CA VAL E 164 34.87 0.75 -19.31
C VAL E 164 35.32 0.07 -18.04
N GLY E 165 36.16 -0.95 -18.18
CA GLY E 165 36.72 -1.62 -17.03
C GLY E 165 38.17 -1.26 -16.82
N LYS E 166 38.83 -2.02 -15.95
CA LYS E 166 40.24 -1.85 -15.69
C LYS E 166 40.86 -3.17 -15.26
N ALA E 167 41.64 -3.77 -16.15
CA ALA E 167 42.29 -5.05 -15.81
C ALA E 167 43.82 -4.98 -15.91
N ASP E 168 44.47 -5.59 -14.92
CA ASP E 168 45.93 -5.59 -14.87
C ASP E 168 46.52 -4.25 -15.23
N GLY E 169 45.88 -3.16 -14.80
CA GLY E 169 46.46 -1.86 -15.01
C GLY E 169 46.02 -1.19 -16.29
N GLN E 170 45.53 -1.96 -17.24
CA GLN E 170 45.01 -1.35 -18.46
C GLN E 170 43.48 -1.15 -18.53
N LEU E 171 43.07 0.02 -19.02
CA LEU E 171 41.67 0.29 -19.31
C LEU E 171 41.12 -0.68 -20.37
N VAL E 172 40.09 -1.45 -20.04
CA VAL E 172 39.46 -2.30 -21.04
C VAL E 172 38.06 -1.79 -21.42
N LEU E 173 37.60 -2.12 -22.62
CA LEU E 173 36.28 -1.70 -23.03
C LEU E 173 35.28 -2.82 -22.82
N ASP E 174 34.03 -2.44 -22.58
CA ASP E 174 32.92 -3.38 -22.42
C ASP E 174 33.34 -4.64 -21.72
N PRO E 175 33.62 -4.54 -20.42
CA PRO E 175 34.15 -5.61 -19.56
C PRO E 175 33.22 -6.82 -19.43
N MET E 176 33.82 -8.01 -19.45
CA MET E 176 33.10 -9.26 -19.24
C MET E 176 33.29 -9.74 -17.81
N LYS E 177 32.50 -10.74 -17.41
CA LYS E 177 32.43 -11.15 -16.01
C LYS E 177 33.77 -11.21 -15.27
N GLU E 178 34.66 -12.09 -15.71
CA GLU E 178 35.89 -12.31 -14.96
C GLU E 178 36.72 -11.03 -14.75
N GLU E 179 36.67 -10.09 -15.69
CA GLU E 179 37.40 -8.84 -15.53
C GLU E 179 36.63 -7.79 -14.73
N ASP E 180 35.33 -8.03 -14.54
CA ASP E 180 34.55 -7.16 -13.67
C ASP E 180 34.58 -7.61 -12.20
N ASN E 181 34.94 -8.87 -11.98
CA ASN E 181 35.02 -9.40 -10.62
C ASN E 181 36.44 -9.42 -10.04
N PHE E 182 37.46 -9.37 -10.89
CA PHE E 182 38.83 -9.36 -10.38
C PHE E 182 39.61 -8.16 -10.93
N GLY E 183 38.95 -7.37 -11.75
CA GLY E 183 39.52 -6.13 -12.24
C GLY E 183 39.72 -5.11 -11.13
N GLU E 184 39.95 -3.87 -11.51
CA GLU E 184 40.27 -2.85 -10.55
C GLU E 184 39.29 -1.68 -10.68
N ALA E 185 38.36 -1.79 -11.60
CA ALA E 185 37.33 -0.77 -11.75
C ALA E 185 36.26 -1.15 -12.74
N ASP E 186 35.07 -0.60 -12.52
CA ASP E 186 33.89 -0.77 -13.37
C ASP E 186 33.19 0.57 -13.48
N MET E 187 33.01 1.05 -14.70
CA MET E 187 32.49 2.39 -14.93
C MET E 187 31.55 2.48 -16.13
N PRO E 188 30.24 2.36 -15.89
CA PRO E 188 29.25 2.49 -16.96
C PRO E 188 28.97 3.96 -17.36
N PHE E 189 28.93 4.20 -18.67
CA PHE E 189 28.50 5.49 -19.17
C PHE E 189 27.25 5.29 -20.00
N ALA E 190 26.59 6.40 -20.28
CA ALA E 190 25.56 6.42 -21.29
C ALA E 190 25.58 7.83 -21.80
N PHE E 191 25.46 7.96 -23.12
CA PHE E 191 25.60 9.25 -23.82
C PHE E 191 24.34 9.60 -24.60
N LEU E 192 24.08 10.90 -24.71
CA LEU E 192 23.18 11.41 -25.74
C LEU E 192 23.87 11.44 -27.09
N ILE E 193 23.36 10.71 -28.07
CA ILE E 193 23.97 10.83 -29.40
C ILE E 193 23.13 11.67 -30.34
N ARG E 194 23.59 12.87 -30.62
CA ARG E 194 22.85 13.75 -31.52
C ARG E 194 23.72 14.08 -32.75
N ASN E 195 23.18 13.87 -33.94
CA ASN E 195 23.91 14.23 -35.14
C ASN E 195 25.11 13.30 -35.32
N GLY E 196 24.89 12.02 -35.11
CA GLY E 196 25.94 11.02 -35.28
C GLY E 196 27.15 11.24 -34.41
N LYS E 197 27.03 12.08 -33.40
CA LYS E 197 28.15 12.27 -32.49
C LYS E 197 27.74 12.44 -31.01
N ILE E 198 28.50 11.77 -30.14
CA ILE E 198 28.45 11.93 -28.69
C ILE E 198 28.35 13.40 -28.35
N GLU E 199 27.44 13.76 -27.45
CA GLU E 199 27.07 15.16 -27.33
C GLU E 199 26.96 15.58 -25.88
N SER E 200 26.60 14.62 -25.02
CA SER E 200 26.39 14.83 -23.60
C SER E 200 26.59 13.49 -22.95
N ILE E 201 26.79 13.51 -21.64
CA ILE E 201 26.67 12.28 -20.87
C ILE E 201 25.30 12.24 -20.16
N ALA E 202 24.65 11.08 -20.24
CA ALA E 202 23.32 10.89 -19.66
C ALA E 202 23.40 10.12 -18.35
N LEU E 203 24.20 9.05 -18.36
CA LEU E 203 24.41 8.23 -17.19
C LEU E 203 25.91 8.06 -16.91
N LEU E 204 26.31 8.22 -15.65
CA LEU E 204 27.70 7.99 -15.28
C LEU E 204 27.82 7.42 -13.86
N GLN E 205 28.21 6.16 -13.75
CA GLN E 205 28.58 5.59 -12.46
C GLN E 205 30.00 5.03 -12.51
N MET E 206 30.54 4.68 -11.36
CA MET E 206 31.91 4.17 -11.28
C MET E 206 32.14 3.50 -9.95
N ASP E 207 33.09 2.59 -9.90
CA ASP E 207 33.51 2.05 -8.62
C ASP E 207 34.81 1.28 -8.73
N GLY E 208 35.72 1.56 -7.80
CA GLY E 208 37.03 0.95 -7.82
C GLY E 208 38.10 2.04 -7.82
N ARG E 209 39.35 1.64 -7.71
CA ARG E 209 40.44 2.61 -7.72
C ARG E 209 40.80 3.00 -9.14
N MET E 210 40.72 4.30 -9.45
CA MET E 210 41.09 4.81 -10.77
C MET E 210 41.75 6.18 -10.58
N THR E 211 42.80 6.47 -11.35
CA THR E 211 43.44 7.79 -11.25
C THR E 211 42.75 8.86 -12.09
N ARG E 212 42.88 10.11 -11.66
CA ARG E 212 42.30 11.21 -12.42
C ARG E 212 42.57 11.04 -13.92
N ASP E 213 43.84 10.79 -14.28
CA ASP E 213 44.23 10.63 -15.69
C ASP E 213 43.50 9.45 -16.32
N GLU E 214 43.30 8.39 -15.55
CA GLU E 214 42.55 7.23 -16.03
C GLU E 214 41.05 7.51 -16.27
N VAL E 215 40.46 8.40 -15.49
CA VAL E 215 39.02 8.66 -15.63
C VAL E 215 38.76 9.24 -17.01
N LYS E 216 39.54 10.26 -17.37
CA LYS E 216 39.39 10.95 -18.64
C LYS E 216 39.73 10.06 -19.84
N GLN E 217 40.67 9.16 -19.62
CA GLN E 217 41.01 8.21 -20.65
C GLN E 217 39.82 7.32 -20.88
N ALA E 218 39.24 6.81 -19.80
CA ALA E 218 38.09 5.93 -19.95
C ALA E 218 36.98 6.65 -20.72
N ILE E 219 36.75 7.92 -20.42
CA ILE E 219 35.72 8.65 -21.16
C ILE E 219 35.98 8.56 -22.66
N GLU E 220 37.24 8.72 -23.08
CA GLU E 220 37.52 8.58 -24.50
C GLU E 220 37.17 7.16 -24.88
N LEU E 221 37.76 6.19 -24.19
CA LEU E 221 37.52 4.79 -24.51
C LEU E 221 36.02 4.51 -24.66
N ALA E 222 35.22 5.08 -23.77
CA ALA E 222 33.77 4.85 -23.76
C ALA E 222 33.09 5.35 -25.03
N LYS E 223 33.27 6.63 -25.32
CA LYS E 223 32.64 7.25 -26.46
C LYS E 223 32.88 6.43 -27.73
N LYS E 224 34.10 5.93 -27.87
CA LYS E 224 34.44 5.21 -29.06
C LYS E 224 33.54 3.99 -29.15
N GLY E 225 33.29 3.37 -28.01
CA GLY E 225 32.39 2.22 -27.97
C GLY E 225 30.98 2.72 -28.24
N ALA E 226 30.61 3.82 -27.60
CA ALA E 226 29.26 4.31 -27.77
C ALA E 226 28.94 4.49 -29.25
N LEU E 227 29.80 5.17 -29.99
CA LEU E 227 29.55 5.42 -31.41
C LEU E 227 29.44 4.11 -32.16
N GLN E 228 30.23 3.12 -31.78
CA GLN E 228 30.15 1.84 -32.46
C GLN E 228 28.79 1.17 -32.22
N ILE E 229 28.37 1.13 -30.96
CA ILE E 229 27.06 0.59 -30.61
C ILE E 229 25.94 1.35 -31.32
N TYR E 230 25.92 2.67 -31.14
CA TYR E 230 24.91 3.49 -31.78
C TYR E 230 24.71 3.03 -33.21
N GLU E 231 25.78 2.81 -33.96
CA GLU E 231 25.60 2.44 -35.35
C GLU E 231 24.69 1.21 -35.46
N MET E 232 24.91 0.21 -34.61
CA MET E 232 24.06 -0.97 -34.64
C MET E 232 22.58 -0.63 -34.32
N GLN E 233 22.38 0.39 -33.48
CA GLN E 233 21.04 0.80 -33.12
C GLN E 233 20.36 1.39 -34.33
N ARG E 234 21.09 2.23 -35.06
CA ARG E 234 20.60 2.82 -36.29
C ARG E 234 20.20 1.68 -37.22
N GLU E 235 21.03 0.67 -37.30
CA GLU E 235 20.71 -0.39 -38.22
C GLU E 235 19.51 -1.19 -37.73
N ALA E 236 19.36 -1.31 -36.40
CA ALA E 236 18.20 -2.01 -35.84
C ALA E 236 16.91 -1.33 -36.28
N ILE E 237 16.95 0.00 -36.27
CA ILE E 237 15.80 0.80 -36.64
C ILE E 237 15.59 0.82 -38.16
N LEU E 238 16.68 0.86 -38.93
CA LEU E 238 16.54 0.77 -40.38
C LEU E 238 15.73 -0.47 -40.73
N ARG E 239 16.16 -1.62 -40.24
CA ARG E 239 15.39 -2.83 -40.46
C ARG E 239 13.90 -2.61 -40.17
N ARG E 240 13.57 -1.98 -39.04
CA ARG E 240 12.17 -1.69 -38.76
C ARG E 240 11.57 -0.85 -39.88
N TYR E 241 12.27 0.22 -40.25
CA TYR E 241 11.81 1.15 -41.26
C TYR E 241 11.40 0.37 -42.49
N ILE E 242 12.27 -0.55 -42.92
CA ILE E 242 11.96 -1.42 -44.06
C ILE E 242 10.71 -2.25 -43.82
N GLU E 243 10.60 -2.88 -42.66
CA GLU E 243 9.44 -3.72 -42.36
C GLU E 243 8.15 -2.93 -42.47
N VAL E 244 8.01 -1.83 -41.74
CA VAL E 244 6.71 -1.15 -41.77
C VAL E 244 6.42 -0.65 -43.18
N GLY E 245 7.46 -0.33 -43.92
CA GLY E 245 7.27 -0.01 -45.33
C GLY E 245 6.80 -1.21 -46.12
N GLU E 246 7.51 -2.33 -45.99
CA GLU E 246 7.17 -3.57 -46.69
C GLU E 246 5.75 -4.03 -46.42
N GLU E 247 5.09 -3.40 -45.45
CA GLU E 247 3.74 -3.81 -45.02
C GLU E 247 2.63 -3.04 -45.72
N MET E 248 2.97 -2.16 -46.64
CA MET E 248 1.97 -1.19 -47.10
C MET E 248 1.21 -1.35 -48.45
N ASP E 249 1.87 -1.65 -49.58
CA ASP E 249 3.24 -2.14 -49.70
C ASP E 249 3.38 -3.51 -49.06
N GLU E 250 2.25 -4.06 -48.61
CA GLU E 250 2.21 -5.36 -47.94
C GLU E 250 3.13 -6.37 -48.61
N PRO F 8 22.31 -7.71 40.74
CA PRO F 8 21.70 -9.05 40.83
C PRO F 8 21.75 -9.63 42.24
N GLU F 9 22.65 -9.11 43.08
CA GLU F 9 22.69 -9.49 44.49
C GLU F 9 21.55 -8.81 45.23
N LYS F 10 21.71 -7.49 45.39
CA LYS F 10 20.65 -6.64 45.91
C LYS F 10 20.62 -5.34 45.12
N LEU F 11 19.46 -4.73 44.99
CA LEU F 11 19.37 -3.50 44.22
C LEU F 11 19.37 -2.30 45.14
N ILE F 12 18.93 -2.49 46.39
CA ILE F 12 19.10 -1.44 47.38
C ILE F 12 19.90 -1.98 48.55
N VAL F 13 20.90 -1.23 48.98
CA VAL F 13 21.65 -1.59 50.19
C VAL F 13 22.05 -0.35 50.98
N ASP F 14 21.68 -0.35 52.26
CA ASP F 14 21.91 0.80 53.12
C ASP F 14 21.23 2.03 52.55
N GLY F 15 20.02 1.82 52.05
CA GLY F 15 19.19 2.90 51.56
C GLY F 15 19.60 3.52 50.23
N LEU F 16 20.49 2.88 49.50
CA LEU F 16 20.95 3.46 48.23
C LEU F 16 20.97 2.48 47.07
N ARG F 17 20.70 3.03 45.90
CA ARG F 17 20.62 2.26 44.69
C ARG F 17 21.98 2.20 44.03
N LEU F 18 22.15 1.27 43.10
CA LEU F 18 23.47 0.96 42.58
C LEU F 18 24.18 2.18 42.05
N ASP F 19 23.44 3.19 41.61
CA ASP F 19 24.11 4.38 41.14
C ASP F 19 24.19 5.45 42.23
N GLY F 20 23.72 5.10 43.42
CA GLY F 20 23.85 5.98 44.56
C GLY F 20 22.71 6.93 44.84
N ARG F 21 21.64 6.87 44.06
CA ARG F 21 20.49 7.73 44.33
C ARG F 21 19.60 7.14 45.41
N LYS F 22 18.90 8.01 46.12
CA LYS F 22 17.92 7.58 47.09
C LYS F 22 16.66 7.22 46.31
N PHE F 23 15.71 6.57 46.97
CA PHE F 23 14.52 6.05 46.30
C PHE F 23 13.69 7.12 45.59
N ASP F 24 13.82 8.38 46.00
CA ASP F 24 13.02 9.45 45.42
C ASP F 24 13.79 10.46 44.57
N GLU F 25 14.95 10.05 44.10
CA GLU F 25 15.85 10.93 43.38
C GLU F 25 15.83 10.68 41.87
N LEU F 26 15.80 11.74 41.08
CA LEU F 26 15.83 11.60 39.62
C LEU F 26 17.22 11.28 39.05
N ARG F 27 17.28 10.71 37.84
CA ARG F 27 18.54 10.64 37.11
C ARG F 27 18.79 12.02 36.54
N PRO F 28 20.04 12.30 36.16
CA PRO F 28 20.45 13.60 35.62
C PRO F 28 19.79 13.88 34.27
N ILE F 29 19.19 15.05 34.14
CA ILE F 29 18.43 15.41 32.96
C ILE F 29 19.01 16.64 32.29
N LYS F 30 19.20 16.61 30.98
CA LYS F 30 19.47 17.85 30.26
C LYS F 30 18.41 18.12 29.18
N ILE F 31 17.96 19.36 29.06
CA ILE F 31 16.97 19.64 28.03
C ILE F 31 17.34 20.87 27.23
N GLU F 32 17.45 20.72 25.91
CA GLU F 32 17.66 21.86 25.03
C GLU F 32 16.58 21.95 23.95
N ALA F 33 15.89 23.08 23.91
CA ALA F 33 14.85 23.32 22.92
C ALA F 33 15.46 23.92 21.67
N SER F 34 14.68 23.92 20.60
CA SER F 34 15.00 24.64 19.37
C SER F 34 16.37 24.27 18.78
N VAL F 35 16.54 23.01 18.46
CA VAL F 35 17.84 22.46 18.14
C VAL F 35 17.97 22.10 16.66
N LEU F 36 16.83 21.90 16.01
CA LEU F 36 16.78 21.53 14.61
C LEU F 36 16.36 22.73 13.83
N LYS F 37 16.80 22.84 12.59
CA LYS F 37 16.50 24.01 11.80
C LYS F 37 15.30 23.79 10.86
N ARG F 38 15.05 22.57 10.44
CA ARG F 38 13.95 22.33 9.53
C ARG F 38 12.60 22.05 10.22
N ALA F 39 12.62 21.46 11.40
CA ALA F 39 11.38 21.27 12.13
C ALA F 39 10.79 22.62 12.57
N ASP F 40 9.52 22.62 12.99
CA ASP F 40 8.86 23.83 13.46
C ASP F 40 9.10 24.01 14.95
N GLY F 41 9.36 22.88 15.60
CA GLY F 41 9.78 22.87 16.98
C GLY F 41 10.55 21.59 17.17
N SER F 42 11.48 21.59 18.10
CA SER F 42 12.25 20.40 18.39
C SER F 42 12.83 20.51 19.79
N CYS F 43 13.40 19.42 20.26
CA CYS F 43 14.02 19.39 21.58
C CYS F 43 14.96 18.21 21.62
N TYR F 44 16.16 18.45 22.13
CA TYR F 44 17.09 17.37 22.47
C TYR F 44 17.04 17.14 23.97
N LEU F 45 17.15 15.89 24.38
CA LEU F 45 16.86 15.52 25.75
C LEU F 45 17.75 14.37 26.15
N GLU F 46 18.41 14.53 27.29
CA GLU F 46 19.16 13.46 27.91
C GLU F 46 18.50 13.15 29.27
N MET F 47 18.36 11.86 29.56
CA MET F 47 17.74 11.43 30.80
C MET F 47 18.44 10.15 31.13
N GLY F 48 19.26 10.17 32.17
CA GLY F 48 20.12 9.05 32.43
C GLY F 48 21.01 8.84 31.22
N LYS F 49 21.16 7.61 30.79
CA LYS F 49 21.92 7.39 29.58
C LYS F 49 21.05 7.44 28.33
N ASN F 50 19.86 8.01 28.44
CA ASN F 50 19.00 8.18 27.26
C ASN F 50 19.38 9.44 26.50
N LYS F 51 19.38 9.33 25.17
CA LYS F 51 19.61 10.47 24.31
C LYS F 51 18.50 10.50 23.28
N VAL F 52 17.58 11.43 23.40
CA VAL F 52 16.46 11.46 22.48
C VAL F 52 16.39 12.80 21.81
N ILE F 53 15.82 12.83 20.62
CA ILE F 53 15.64 14.09 19.93
C ILE F 53 14.24 14.10 19.34
N ALA F 54 13.50 15.18 19.56
CA ALA F 54 12.13 15.27 19.05
C ALA F 54 11.93 16.37 17.99
N ALA F 55 11.13 16.09 16.98
CA ALA F 55 10.77 17.13 16.05
C ALA F 55 9.26 17.22 15.94
N VAL F 56 8.74 18.44 15.89
CA VAL F 56 7.33 18.66 15.59
C VAL F 56 7.13 19.36 14.25
N PHE F 57 6.20 18.88 13.44
CA PHE F 57 5.89 19.53 12.16
C PHE F 57 4.42 19.86 12.05
N GLY F 58 4.10 21.12 11.78
CA GLY F 58 2.73 21.49 11.57
C GLY F 58 2.22 22.63 12.41
N PRO F 59 0.92 22.95 12.27
CA PRO F 59 -0.05 22.26 11.40
C PRO F 59 0.23 22.39 9.90
N ARG F 60 0.18 21.25 9.20
CA ARG F 60 0.44 21.16 7.77
C ARG F 60 -0.76 20.53 7.07
N GLU F 61 -0.82 20.69 5.76
CA GLU F 61 -1.88 20.07 4.98
C GLU F 61 -1.87 18.57 5.14
N VAL F 62 -2.98 17.93 4.80
CA VAL F 62 -3.08 16.50 5.06
C VAL F 62 -3.70 15.72 3.90
N HIS F 63 -2.94 14.73 3.44
CA HIS F 63 -3.41 13.83 2.42
C HIS F 63 -2.95 12.45 2.90
N PRO F 64 -3.75 11.40 2.62
CA PRO F 64 -4.95 11.33 1.79
C PRO F 64 -6.09 12.24 2.27
N GLU F 65 -6.70 12.98 1.35
CA GLU F 65 -7.85 13.85 1.66
C GLU F 65 -8.94 13.15 2.49
N HIS F 66 -8.89 11.83 2.58
CA HIS F 66 -9.87 11.06 3.35
C HIS F 66 -9.49 11.01 4.82
N LEU F 67 -8.19 11.02 5.10
CA LEU F 67 -7.71 10.87 6.47
C LEU F 67 -7.79 12.14 7.33
N GLN F 68 -8.22 13.25 6.72
CA GLN F 68 -8.47 14.47 7.50
C GLN F 68 -9.78 14.41 8.30
N ASP F 69 -9.93 15.36 9.23
CA ASP F 69 -11.05 15.41 10.15
C ASP F 69 -11.70 16.76 9.89
N PRO F 70 -12.96 16.75 9.47
CA PRO F 70 -13.62 17.98 9.03
C PRO F 70 -13.55 19.04 10.10
N SER F 71 -13.49 18.60 11.35
CA SER F 71 -13.70 19.48 12.48
C SER F 71 -12.45 19.77 13.32
N LYS F 72 -11.46 18.88 13.28
CA LYS F 72 -10.34 19.00 14.20
C LYS F 72 -9.06 18.49 13.55
N ALA F 73 -7.93 18.86 14.14
CA ALA F 73 -6.63 18.42 13.66
C ALA F 73 -6.43 16.96 13.96
N ILE F 74 -5.67 16.26 13.12
CA ILE F 74 -5.27 14.89 13.45
C ILE F 74 -3.86 14.91 14.01
N ILE F 75 -3.52 13.89 14.76
CA ILE F 75 -2.22 13.85 15.40
C ILE F 75 -1.52 12.55 15.12
N ARG F 76 -0.27 12.64 14.69
CA ARG F 76 0.49 11.42 14.43
C ARG F 76 1.73 11.51 15.28
N TYR F 77 2.27 10.38 15.68
CA TYR F 77 3.41 10.38 16.58
C TYR F 77 4.20 9.13 16.27
N ARG F 78 5.43 9.30 15.78
CA ARG F 78 6.26 8.15 15.50
C ARG F 78 7.44 8.14 16.46
N TYR F 79 7.49 7.11 17.29
CA TYR F 79 8.60 6.85 18.21
C TYR F 79 9.49 5.76 17.62
N ASN F 80 10.78 6.03 17.48
CA ASN F 80 11.63 5.08 16.78
C ASN F 80 13.09 4.99 17.26
N MET F 81 13.56 3.76 17.48
CA MET F 81 14.92 3.51 17.99
C MET F 81 15.97 3.32 16.89
N ALA F 82 17.02 4.13 16.94
CA ALA F 82 18.09 4.03 15.95
C ALA F 82 18.89 2.79 16.21
N PRO F 83 19.24 2.07 15.14
CA PRO F 83 19.92 0.77 15.26
C PRO F 83 21.04 0.79 16.28
N PHE F 84 21.75 1.90 16.39
CA PHE F 84 22.89 1.94 17.27
C PHE F 84 22.54 2.27 18.73
N SER F 85 21.27 2.56 18.99
CA SER F 85 20.85 3.04 20.32
C SER F 85 20.90 1.97 21.39
N VAL F 86 20.74 0.73 20.98
CA VAL F 86 20.76 -0.37 21.92
C VAL F 86 22.12 -1.05 22.00
N GLU F 87 22.22 -2.02 22.89
CA GLU F 87 23.46 -2.75 23.17
C GLU F 87 23.78 -3.77 22.07
N GLU F 88 22.74 -4.30 21.44
CA GLU F 88 22.89 -5.24 20.34
C GLU F 88 22.04 -4.72 19.19
N ARG F 89 22.69 -4.36 18.09
CA ARG F 89 22.07 -3.62 17.01
C ARG F 89 20.64 -4.03 16.78
N LYS F 90 19.77 -3.05 16.55
CA LYS F 90 18.34 -3.29 16.33
C LYS F 90 17.97 -3.08 14.86
N ARG F 91 17.32 -4.06 14.25
CA ARG F 91 16.81 -3.87 12.89
C ARG F 91 16.04 -2.57 12.83
N PRO F 92 16.19 -1.81 11.74
CA PRO F 92 15.34 -0.63 11.58
C PRO F 92 13.93 -1.12 11.31
N GLY F 93 12.94 -0.28 11.53
CA GLY F 93 11.59 -0.65 11.17
C GLY F 93 10.75 -1.03 12.37
N PRO F 94 9.43 -0.80 12.24
CA PRO F 94 8.47 -0.99 13.32
C PRO F 94 8.50 -2.41 13.86
N ASP F 95 8.10 -2.53 15.11
CA ASP F 95 7.82 -3.81 15.72
C ASP F 95 6.62 -3.58 16.61
N ARG F 96 6.11 -4.66 17.19
CA ARG F 96 4.96 -4.59 18.06
C ARG F 96 5.14 -3.51 19.14
N ARG F 97 6.34 -3.47 19.72
CA ARG F 97 6.55 -2.54 20.82
C ARG F 97 6.47 -1.09 20.33
N SER F 98 6.84 -0.84 19.08
CA SER F 98 6.85 0.52 18.57
C SER F 98 5.50 0.99 18.13
N ILE F 99 4.77 0.12 17.43
CA ILE F 99 3.41 0.46 17.02
C ILE F 99 2.68 0.92 18.27
N GLU F 100 2.85 0.14 19.34
CA GLU F 100 2.17 0.38 20.62
C GLU F 100 2.54 1.69 21.31
N ILE F 101 3.83 1.88 21.57
CA ILE F 101 4.32 3.11 22.17
C ILE F 101 3.88 4.32 21.36
N SER F 102 4.01 4.23 20.04
CA SER F 102 3.58 5.32 19.19
C SER F 102 2.12 5.63 19.47
N LYS F 103 1.31 4.59 19.53
CA LYS F 103 -0.11 4.74 19.82
C LYS F 103 -0.36 5.47 21.13
N VAL F 104 0.04 4.87 22.24
CA VAL F 104 -0.30 5.42 23.54
C VAL F 104 0.25 6.82 23.69
N SER F 105 1.45 7.05 23.14
CA SER F 105 2.13 8.34 23.25
C SER F 105 1.38 9.40 22.47
N LYS F 106 0.86 9.04 21.31
CA LYS F 106 0.03 9.96 20.58
C LYS F 106 -1.13 10.40 21.45
N GLU F 107 -1.88 9.42 21.94
CA GLU F 107 -3.09 9.66 22.72
C GLU F 107 -2.85 10.54 23.95
N ALA F 108 -1.65 10.46 24.51
CA ALA F 108 -1.25 11.35 25.59
C ALA F 108 -1.50 12.76 25.11
N PHE F 109 -1.05 13.05 23.88
CA PHE F 109 -1.09 14.41 23.35
C PHE F 109 -2.40 14.80 22.70
N GLU F 110 -3.21 13.81 22.37
CA GLU F 110 -4.53 14.08 21.79
C GLU F 110 -5.39 14.76 22.83
N ALA F 111 -5.02 14.52 24.07
CA ALA F 111 -5.81 14.94 25.22
C ALA F 111 -5.66 16.44 25.52
N VAL F 112 -4.63 17.05 24.93
CA VAL F 112 -4.03 18.26 25.47
C VAL F 112 -3.78 19.30 24.38
N ILE F 113 -3.49 18.83 23.18
CA ILE F 113 -3.32 19.75 22.08
C ILE F 113 -4.70 20.27 21.77
N MET F 114 -4.80 21.54 21.43
CA MET F 114 -6.08 22.11 21.07
C MET F 114 -6.44 21.91 19.59
N LYS F 115 -6.67 20.65 19.20
CA LYS F 115 -6.87 20.30 17.79
C LYS F 115 -8.00 21.04 17.09
N GLU F 116 -8.90 21.59 17.89
CA GLU F 116 -10.07 22.25 17.36
C GLU F 116 -9.67 23.44 16.51
N LEU F 117 -8.51 24.00 16.81
CA LEU F 117 -8.10 25.25 16.20
C LEU F 117 -7.64 25.08 14.77
N PHE F 118 -7.34 23.84 14.39
CA PHE F 118 -6.76 23.58 13.07
C PHE F 118 -7.45 22.41 12.39
N PRO F 119 -8.64 22.67 11.84
CA PRO F 119 -9.50 21.71 11.14
C PRO F 119 -8.80 21.17 9.89
N ARG F 120 -9.10 19.92 9.53
CA ARG F 120 -8.51 19.32 8.33
C ARG F 120 -7.00 19.46 8.30
N SER F 121 -6.33 19.17 9.41
CA SER F 121 -4.89 19.31 9.49
C SER F 121 -4.21 18.18 10.19
N ALA F 122 -2.88 18.17 10.12
CA ALA F 122 -2.08 17.22 10.87
C ALA F 122 -1.01 17.93 11.68
N ILE F 123 -0.76 17.40 12.85
CA ILE F 123 0.36 17.87 13.65
C ILE F 123 1.22 16.64 13.86
N ASP F 124 2.39 16.63 13.24
CA ASP F 124 3.25 15.45 13.20
C ASP F 124 4.37 15.55 14.22
N ILE F 125 4.48 14.54 15.08
CA ILE F 125 5.55 14.54 16.05
C ILE F 125 6.47 13.37 15.78
N PHE F 126 7.75 13.63 15.53
CA PHE F 126 8.68 12.54 15.32
C PHE F 126 9.65 12.51 16.47
N VAL F 127 9.93 11.33 16.98
CA VAL F 127 10.84 11.19 18.10
C VAL F 127 11.75 9.98 17.89
N GLU F 128 13.07 10.22 17.99
CA GLU F 128 14.06 9.17 17.78
C GLU F 128 14.94 9.04 19.00
N VAL F 129 15.10 7.83 19.49
CA VAL F 129 16.05 7.63 20.56
C VAL F 129 17.35 7.23 19.94
N LEU F 130 18.38 8.02 20.20
CA LEU F 130 19.73 7.77 19.69
C LEU F 130 20.53 6.81 20.58
N GLN F 131 20.50 7.03 21.88
CA GLN F 131 21.06 6.07 22.78
C GLN F 131 19.97 5.87 23.76
N ALA F 132 19.70 4.60 24.10
CA ALA F 132 18.58 4.26 24.97
C ALA F 132 19.04 3.55 26.23
N ASP F 133 18.55 4.03 27.36
CA ASP F 133 18.69 3.31 28.62
C ASP F 133 17.29 2.95 29.04
N ALA F 134 17.11 2.61 30.31
CA ALA F 134 15.77 2.44 30.83
C ALA F 134 14.98 3.77 30.80
N GLY F 135 13.70 3.69 30.47
CA GLY F 135 12.82 4.83 30.64
C GLY F 135 12.77 5.78 29.47
N SER F 136 13.01 5.27 28.28
CA SER F 136 13.04 6.13 27.11
C SER F 136 11.67 6.63 26.68
N ARG F 137 10.63 5.80 26.82
CA ARG F 137 9.28 6.25 26.45
C ARG F 137 9.07 7.54 27.19
N THR F 138 9.47 7.48 28.45
CA THR F 138 9.48 8.61 29.36
C THR F 138 10.29 9.79 28.79
N ALA F 139 11.53 9.53 28.40
CA ALA F 139 12.36 10.54 27.75
C ALA F 139 11.73 11.11 26.46
N CYS F 140 11.16 10.23 25.64
CA CYS F 140 10.57 10.70 24.40
C CYS F 140 9.38 11.61 24.60
N LEU F 141 8.59 11.35 25.64
CA LEU F 141 7.38 12.13 25.95
C LEU F 141 7.74 13.53 26.40
N ASN F 142 8.80 13.62 27.17
CA ASN F 142 9.20 14.89 27.72
C ASN F 142 9.80 15.74 26.64
N ALA F 143 10.60 15.09 25.82
CA ALA F 143 11.25 15.79 24.74
C ALA F 143 10.16 16.28 23.80
N ALA F 144 9.18 15.43 23.54
CA ALA F 144 8.13 15.80 22.60
C ALA F 144 7.34 17.02 23.10
N SER F 145 7.03 17.04 24.39
CA SER F 145 6.31 18.19 24.96
C SER F 145 7.03 19.48 24.69
N VAL F 146 8.32 19.47 24.97
CA VAL F 146 9.13 20.67 24.84
C VAL F 146 9.08 21.10 23.39
N ALA F 147 9.25 20.12 22.51
CA ALA F 147 9.14 20.33 21.08
C ALA F 147 7.85 21.04 20.67
N LEU F 148 6.71 20.54 21.12
CA LEU F 148 5.44 21.13 20.77
C LEU F 148 5.35 22.57 21.26
N VAL F 149 5.88 22.84 22.45
CA VAL F 149 5.74 24.17 22.98
C VAL F 149 6.60 25.07 22.14
N ASP F 150 7.77 24.58 21.76
CA ASP F 150 8.71 25.31 20.92
C ASP F 150 8.13 25.56 19.53
N ALA F 151 7.30 24.65 19.05
CA ALA F 151 6.60 24.89 17.79
C ALA F 151 5.38 25.78 17.98
N GLY F 152 5.13 26.20 19.21
CA GLY F 152 4.05 27.11 19.48
C GLY F 152 2.70 26.53 19.14
N VAL F 153 2.59 25.19 19.15
CA VAL F 153 1.28 24.58 18.93
C VAL F 153 0.52 24.58 20.24
N PRO F 154 -0.71 25.11 20.19
CA PRO F 154 -1.55 25.32 21.39
C PRO F 154 -1.96 24.07 22.18
N MET F 155 -1.80 24.16 23.50
CA MET F 155 -1.94 23.03 24.42
C MET F 155 -2.57 23.49 25.71
N LYS F 156 -3.43 22.66 26.30
CA LYS F 156 -4.09 23.00 27.56
C LYS F 156 -3.05 23.20 28.65
N GLY F 157 -1.86 22.65 28.45
CA GLY F 157 -0.83 22.70 29.47
C GLY F 157 0.37 21.89 29.02
N MET F 158 1.21 21.49 29.97
CA MET F 158 2.41 20.70 29.67
C MET F 158 2.19 19.21 29.85
N ILE F 159 2.85 18.41 29.05
CA ILE F 159 2.91 16.99 29.35
C ILE F 159 4.22 16.68 30.05
N THR F 160 4.17 16.07 31.22
CA THR F 160 5.40 15.63 31.86
C THR F 160 5.29 14.16 32.22
N SER F 161 6.42 13.47 32.22
CA SER F 161 6.43 12.02 32.27
C SER F 161 7.64 11.45 33.03
N VAL F 162 7.35 10.56 33.95
CA VAL F 162 8.38 9.91 34.72
C VAL F 162 7.80 8.50 34.94
N ALA F 163 8.65 7.52 35.21
CA ALA F 163 8.16 6.18 35.47
C ALA F 163 8.57 5.82 36.88
N VAL F 164 7.75 5.03 37.56
CA VAL F 164 8.13 4.51 38.87
C VAL F 164 8.42 3.01 38.75
N GLY F 165 9.33 2.52 39.57
CA GLY F 165 9.59 1.10 39.59
C GLY F 165 9.62 0.55 40.99
N LYS F 166 9.90 -0.74 41.07
CA LYS F 166 9.95 -1.43 42.34
C LYS F 166 11.20 -2.32 42.36
N ALA F 167 12.06 -2.10 43.34
CA ALA F 167 13.20 -2.99 43.52
C ALA F 167 13.34 -3.38 44.98
N ASP F 168 13.67 -4.66 45.23
CA ASP F 168 13.81 -5.17 46.59
C ASP F 168 12.58 -4.82 47.44
N GLY F 169 11.43 -4.74 46.78
CA GLY F 169 10.20 -4.39 47.46
C GLY F 169 10.09 -2.92 47.81
N GLN F 170 10.97 -2.10 47.24
CA GLN F 170 10.96 -0.66 47.44
C GLN F 170 10.49 0.06 46.16
N LEU F 171 9.64 1.07 46.31
CA LEU F 171 9.29 1.91 45.17
C LEU F 171 10.40 2.90 44.95
N VAL F 172 10.90 2.98 43.72
CA VAL F 172 11.93 3.95 43.37
C VAL F 172 11.54 4.79 42.16
N LEU F 173 11.90 6.06 42.21
CA LEU F 173 11.57 6.98 41.14
C LEU F 173 12.57 6.84 39.98
N ASP F 174 12.10 7.03 38.74
CA ASP F 174 12.98 6.98 37.59
C ASP F 174 13.93 5.80 37.58
N PRO F 175 13.40 4.60 37.37
CA PRO F 175 14.26 3.39 37.36
C PRO F 175 15.37 3.44 36.33
N MET F 176 16.49 2.80 36.68
CA MET F 176 17.65 2.59 35.82
C MET F 176 17.60 1.18 35.23
N LYS F 177 18.55 0.88 34.34
CA LYS F 177 18.54 -0.37 33.58
C LYS F 177 18.54 -1.64 34.44
N GLU F 178 19.48 -1.73 35.37
CA GLU F 178 19.54 -2.90 36.22
C GLU F 178 18.22 -3.06 36.99
N GLU F 179 17.53 -1.95 37.23
CA GLU F 179 16.29 -1.96 38.01
C GLU F 179 15.05 -2.36 37.22
N ASP F 180 15.04 -2.10 35.92
CA ASP F 180 13.97 -2.60 35.07
C ASP F 180 14.16 -4.08 34.87
N ASN F 181 15.40 -4.47 34.58
CA ASN F 181 15.69 -5.84 34.24
C ASN F 181 15.45 -6.82 35.39
N PHE F 182 15.66 -6.37 36.62
CA PHE F 182 15.61 -7.28 37.74
C PHE F 182 14.70 -6.79 38.85
N GLY F 183 13.80 -5.88 38.50
CA GLY F 183 12.87 -5.34 39.48
C GLY F 183 11.58 -6.12 39.58
N GLU F 184 10.59 -5.53 40.22
CA GLU F 184 9.31 -6.16 40.36
C GLU F 184 8.21 -5.37 39.66
N ALA F 185 8.48 -4.12 39.27
CA ALA F 185 7.46 -3.30 38.63
C ALA F 185 8.07 -2.21 37.79
N ASP F 186 7.34 -1.84 36.74
CA ASP F 186 7.75 -0.81 35.81
C ASP F 186 6.46 -0.12 35.44
N MET F 187 6.38 1.17 35.76
CA MET F 187 5.13 1.91 35.64
C MET F 187 5.35 3.34 35.12
N PRO F 188 5.23 3.53 33.80
CA PRO F 188 5.38 4.88 33.24
C PRO F 188 4.13 5.75 33.37
N PHE F 189 4.29 6.92 33.99
CA PHE F 189 3.24 7.94 34.01
C PHE F 189 3.54 9.11 33.08
N ALA F 190 2.49 9.85 32.77
CA ALA F 190 2.64 11.17 32.20
C ALA F 190 1.47 12.00 32.73
N PHE F 191 1.75 13.22 33.18
CA PHE F 191 0.72 14.09 33.72
C PHE F 191 0.49 15.36 32.88
N LEU F 192 -0.74 15.84 32.89
CA LEU F 192 -1.01 17.18 32.38
C LEU F 192 -0.70 18.18 33.49
N ILE F 193 -0.02 19.27 33.13
CA ILE F 193 0.41 20.27 34.10
C ILE F 193 -0.28 21.56 33.79
N ARG F 194 -0.92 22.15 34.78
CA ARG F 194 -1.70 23.36 34.56
C ARG F 194 -1.61 24.10 35.88
N ASN F 195 -1.13 25.33 35.84
CA ASN F 195 -1.00 26.12 37.05
C ASN F 195 0.13 25.62 37.92
N GLY F 196 1.15 25.03 37.30
CA GLY F 196 2.26 24.52 38.08
C GLY F 196 1.87 23.38 38.98
N LYS F 197 0.68 22.82 38.75
CA LYS F 197 0.19 21.70 39.55
C LYS F 197 -0.09 20.54 38.61
N ILE F 198 -0.02 19.31 39.12
CA ILE F 198 -0.52 18.14 38.41
C ILE F 198 -2.04 18.26 38.36
N GLU F 199 -2.66 18.13 37.18
CA GLU F 199 -4.14 18.05 37.12
C GLU F 199 -4.67 16.65 36.90
N SER F 200 -4.25 16.03 35.81
CA SER F 200 -4.73 14.69 35.52
C SER F 200 -3.70 13.81 34.90
N ILE F 201 -3.99 12.52 34.91
CA ILE F 201 -3.10 11.55 34.32
C ILE F 201 -3.29 11.53 32.81
N ALA F 202 -2.19 11.62 32.06
CA ALA F 202 -2.25 11.60 30.59
C ALA F 202 -1.72 10.30 30.02
N LEU F 203 -0.89 9.61 30.79
CA LEU F 203 -0.41 8.32 30.32
C LEU F 203 -0.21 7.44 31.53
N LEU F 204 -0.53 6.16 31.40
CA LEU F 204 -0.50 5.26 32.53
C LEU F 204 -0.38 3.82 32.08
N GLN F 205 0.80 3.24 32.20
CA GLN F 205 0.98 1.81 31.98
C GLN F 205 1.67 1.16 33.16
N MET F 206 1.35 -0.08 33.45
CA MET F 206 2.20 -0.82 34.38
C MET F 206 2.35 -2.30 34.03
N ASP F 207 3.53 -2.82 34.34
CA ASP F 207 3.86 -4.24 34.18
C ASP F 207 4.53 -4.56 35.47
N GLY F 208 4.25 -5.71 36.04
CA GLY F 208 4.83 -6.06 37.32
C GLY F 208 3.91 -6.76 38.31
N ARG F 209 4.19 -6.54 39.58
CA ARG F 209 3.43 -7.12 40.66
C ARG F 209 3.46 -6.08 41.76
N MET F 210 2.37 -5.33 41.92
CA MET F 210 2.25 -4.39 43.02
C MET F 210 0.94 -4.58 43.81
N THR F 211 1.00 -4.24 45.10
CA THR F 211 -0.18 -4.21 45.94
C THR F 211 -0.96 -2.95 45.67
N ARG F 212 -2.26 -3.03 45.84
CA ARG F 212 -3.13 -1.89 45.56
C ARG F 212 -2.61 -0.64 46.27
N ASP F 213 -2.06 -0.87 47.46
CA ASP F 213 -1.39 0.20 48.22
C ASP F 213 -0.20 0.79 47.45
N GLU F 214 0.64 -0.07 46.92
CA GLU F 214 1.82 0.38 46.17
C GLU F 214 1.45 1.19 44.92
N VAL F 215 0.40 0.78 44.20
CA VAL F 215 -0.06 1.59 43.07
C VAL F 215 -0.28 3.02 43.53
N LYS F 216 -1.13 3.17 44.55
CA LYS F 216 -1.50 4.49 45.06
C LYS F 216 -0.29 5.24 45.57
N GLN F 217 0.64 4.52 46.18
CA GLN F 217 1.83 5.18 46.64
C GLN F 217 2.70 5.56 45.45
N ALA F 218 2.71 4.72 44.43
CA ALA F 218 3.48 5.01 43.22
C ALA F 218 3.02 6.30 42.54
N ILE F 219 1.73 6.49 42.36
CA ILE F 219 1.25 7.74 41.76
C ILE F 219 1.77 8.94 42.53
N GLU F 220 2.05 8.76 43.81
CA GLU F 220 2.51 9.85 44.61
C GLU F 220 3.95 10.21 44.28
N LEU F 221 4.79 9.18 44.17
CA LEU F 221 6.20 9.35 43.90
C LEU F 221 6.39 9.92 42.50
N ALA F 222 5.63 9.38 41.56
CA ALA F 222 5.69 9.81 40.17
C ALA F 222 5.37 11.30 40.08
N LYS F 223 4.34 11.73 40.78
CA LYS F 223 3.96 13.13 40.78
C LYS F 223 5.08 14.04 41.27
N LYS F 224 5.61 13.76 42.45
CA LYS F 224 6.66 14.58 43.00
C LYS F 224 7.80 14.70 41.99
N GLY F 225 8.11 13.59 41.34
CA GLY F 225 9.21 13.57 40.40
C GLY F 225 8.85 14.33 39.14
N ALA F 226 7.60 14.17 38.71
CA ALA F 226 7.15 14.77 37.46
C ALA F 226 7.19 16.28 37.55
N LEU F 227 6.97 16.79 38.75
CA LEU F 227 7.03 18.22 38.98
C LEU F 227 8.44 18.74 38.88
N GLN F 228 9.41 17.95 39.34
CA GLN F 228 10.81 18.31 39.16
C GLN F 228 11.16 18.36 37.67
N ILE F 229 10.77 17.33 36.93
CA ILE F 229 11.04 17.34 35.50
C ILE F 229 10.35 18.51 34.81
N TYR F 230 9.14 18.83 35.24
CA TYR F 230 8.44 19.93 34.60
C TYR F 230 9.14 21.27 34.80
N GLU F 231 9.93 21.39 35.86
CA GLU F 231 10.61 22.65 36.11
C GLU F 231 11.82 22.85 35.17
N MET F 232 12.34 21.74 34.71
CA MET F 232 13.42 21.73 33.76
C MET F 232 12.90 22.00 32.34
N GLN F 233 11.76 21.41 32.01
CA GLN F 233 11.12 21.65 30.71
C GLN F 233 10.85 23.13 30.58
N ARG F 234 10.33 23.71 31.65
CA ARG F 234 10.01 25.12 31.65
C ARG F 234 11.28 25.94 31.38
N GLU F 235 12.35 25.60 32.09
CA GLU F 235 13.60 26.33 31.96
C GLU F 235 14.14 26.22 30.54
N ALA F 236 13.85 25.12 29.88
CA ALA F 236 14.30 24.91 28.50
C ALA F 236 13.66 25.92 27.57
N ILE F 237 12.39 26.19 27.83
CA ILE F 237 11.65 27.13 27.04
C ILE F 237 12.02 28.52 27.49
N LEU F 238 12.22 28.69 28.80
CA LEU F 238 12.61 30.00 29.30
C LEU F 238 13.87 30.42 28.57
N ARG F 239 14.78 29.49 28.36
CA ARG F 239 15.98 29.83 27.62
C ARG F 239 15.64 30.23 26.20
N ARG F 240 14.79 29.43 25.56
CA ARG F 240 14.42 29.65 24.16
C ARG F 240 13.87 31.04 23.96
N TYR F 241 13.17 31.51 24.99
CA TYR F 241 12.47 32.78 24.99
C TYR F 241 13.47 33.93 25.10
N ILE F 242 14.34 33.86 26.09
CA ILE F 242 15.47 34.76 26.23
C ILE F 242 16.25 34.85 24.93
N GLU F 243 16.41 33.74 24.24
CA GLU F 243 17.22 33.70 23.03
C GLU F 243 16.60 34.34 21.79
N VAL F 244 15.29 34.17 21.57
CA VAL F 244 14.67 34.84 20.42
C VAL F 244 14.60 36.35 20.63
N GLY F 245 14.42 36.77 21.87
CA GLY F 245 14.42 38.18 22.17
C GLY F 245 15.80 38.78 22.06
N GLU F 246 16.78 38.00 22.49
CA GLU F 246 18.19 38.38 22.33
C GLU F 246 18.56 38.56 20.86
N GLU F 247 18.01 37.72 20.00
CA GLU F 247 18.30 37.86 18.59
C GLU F 247 17.58 39.08 18.03
N MET F 248 16.36 39.31 18.48
CA MET F 248 15.65 40.52 18.09
C MET F 248 16.47 41.75 18.44
N ASP F 249 17.19 41.70 19.56
CA ASP F 249 18.02 42.83 20.01
C ASP F 249 19.35 42.93 19.24
N GLU F 250 19.69 41.88 18.51
CA GLU F 250 20.92 41.86 17.72
C GLU F 250 20.71 42.52 16.35
N ILE F 251 19.59 42.22 15.70
CA ILE F 251 19.25 42.85 14.42
C ILE F 251 19.30 44.38 14.55
N THR F 252 18.79 44.88 15.68
CA THR F 252 18.80 46.30 16.00
C THR F 252 20.22 46.80 16.17
N GLU F 253 21.08 45.90 16.64
CA GLU F 253 22.51 46.13 16.69
C GLU F 253 23.09 45.83 15.31
N MET G 1 -13.35 1.00 -19.51
CA MET G 1 -12.76 1.39 -18.22
C MET G 1 -11.22 1.54 -18.27
N PRO G 2 -10.70 2.37 -19.19
CA PRO G 2 -11.28 2.83 -20.46
C PRO G 2 -10.80 1.95 -21.61
N GLU G 3 -9.84 1.08 -21.31
CA GLU G 3 -9.41 0.06 -22.26
C GLU G 3 -10.54 -0.94 -22.37
N ASP G 4 -11.34 -0.98 -21.32
CA ASP G 4 -12.51 -1.84 -21.21
C ASP G 4 -13.59 -1.48 -22.25
N ILE G 5 -13.42 -0.37 -22.96
CA ILE G 5 -14.34 0.03 -24.02
C ILE G 5 -14.01 -0.59 -25.39
N LEU G 6 -12.74 -0.54 -25.77
CA LEU G 6 -12.32 -1.11 -27.05
C LEU G 6 -12.62 -2.60 -27.04
N VAL G 7 -12.29 -3.24 -25.93
CA VAL G 7 -12.51 -4.67 -25.73
C VAL G 7 -13.99 -5.05 -25.89
N ASP G 8 -14.89 -4.18 -25.46
CA ASP G 8 -16.32 -4.52 -25.50
C ASP G 8 -16.82 -4.67 -26.92
N ILE G 9 -16.38 -3.80 -27.83
CA ILE G 9 -16.75 -3.90 -29.24
C ILE G 9 -16.17 -5.17 -29.82
N LYS G 10 -14.89 -5.41 -29.58
CA LYS G 10 -14.29 -6.64 -30.05
C LYS G 10 -15.16 -7.79 -29.59
N ARG G 11 -15.63 -7.73 -28.34
CA ARG G 11 -16.48 -8.80 -27.79
C ARG G 11 -17.68 -9.05 -28.68
N ASP G 12 -18.36 -7.98 -29.08
CA ASP G 12 -19.50 -8.08 -30.02
C ASP G 12 -19.12 -8.94 -31.22
N TYR G 13 -17.98 -8.60 -31.81
CA TYR G 13 -17.50 -9.31 -32.98
C TYR G 13 -17.36 -10.80 -32.71
N VAL G 14 -16.64 -11.14 -31.65
CA VAL G 14 -16.34 -12.54 -31.38
C VAL G 14 -17.63 -13.32 -31.25
N LEU G 15 -18.58 -12.75 -30.50
CA LEU G 15 -19.88 -13.39 -30.31
C LEU G 15 -20.63 -13.51 -31.64
N SER G 16 -20.79 -12.40 -32.33
CA SER G 16 -21.42 -12.39 -33.65
C SER G 16 -20.95 -13.59 -34.50
N LYS G 17 -19.67 -13.95 -34.40
CA LYS G 17 -19.17 -15.10 -35.15
C LYS G 17 -19.52 -16.46 -34.52
N LEU G 18 -19.65 -16.49 -33.19
CA LEU G 18 -20.11 -17.67 -32.45
C LEU G 18 -21.59 -17.93 -32.68
N ARG G 19 -22.33 -16.84 -32.93
CA ARG G 19 -23.72 -16.92 -33.37
C ARG G 19 -23.77 -17.68 -34.71
N ASP G 20 -22.68 -17.61 -35.47
CA ASP G 20 -22.57 -18.30 -36.75
C ASP G 20 -21.70 -19.53 -36.66
N ASN G 21 -21.48 -20.04 -35.45
CA ASN G 21 -20.66 -21.23 -35.27
C ASN G 21 -19.30 -21.18 -35.97
N GLU G 22 -18.70 -20.00 -36.02
CA GLU G 22 -17.38 -19.83 -36.62
C GLU G 22 -16.59 -18.81 -35.80
N ARG G 23 -15.27 -18.83 -35.95
CA ARG G 23 -14.42 -17.94 -35.15
C ARG G 23 -13.85 -16.75 -35.91
N ILE G 24 -13.07 -15.94 -35.21
CA ILE G 24 -12.57 -14.70 -35.80
C ILE G 24 -11.43 -14.94 -36.79
N ASP G 25 -10.74 -16.07 -36.62
CA ASP G 25 -9.58 -16.41 -37.44
C ASP G 25 -9.82 -17.65 -38.29
N GLY G 26 -11.08 -18.06 -38.39
CA GLY G 26 -11.47 -19.19 -39.22
C GLY G 26 -10.96 -20.51 -38.68
N ARG G 27 -10.16 -20.41 -37.62
CA ARG G 27 -9.71 -21.57 -36.87
C ARG G 27 -10.89 -22.50 -36.55
N GLY G 28 -10.58 -23.76 -36.25
CA GLY G 28 -11.59 -24.71 -35.84
C GLY G 28 -11.64 -24.78 -34.33
N PHE G 29 -12.79 -25.20 -33.80
CA PHE G 29 -13.03 -25.16 -32.35
C PHE G 29 -12.23 -26.13 -31.51
N ASP G 30 -11.51 -27.04 -32.16
CA ASP G 30 -10.65 -27.99 -31.43
C ASP G 30 -9.17 -27.84 -31.79
N GLU G 31 -8.81 -26.67 -32.32
CA GLU G 31 -7.52 -26.43 -32.96
C GLU G 31 -6.63 -25.35 -32.34
N PHE G 32 -5.50 -25.76 -31.76
CA PHE G 32 -4.48 -24.81 -31.32
C PHE G 32 -3.83 -24.09 -32.51
N ARG G 33 -3.30 -22.89 -32.29
CA ARG G 33 -2.60 -22.18 -33.35
C ARG G 33 -1.21 -22.74 -33.51
N LYS G 34 -0.40 -22.07 -34.33
CA LYS G 34 0.94 -22.51 -34.58
C LYS G 34 1.66 -22.67 -33.24
N VAL G 35 2.23 -23.85 -33.04
CA VAL G 35 3.04 -24.08 -31.87
C VAL G 35 4.49 -24.02 -32.31
N GLU G 36 5.40 -23.84 -31.36
CA GLU G 36 6.84 -23.94 -31.63
C GLU G 36 7.66 -24.01 -30.34
N ILE G 37 8.47 -25.04 -30.24
CA ILE G 37 9.23 -25.31 -29.02
C ILE G 37 10.75 -25.26 -29.26
N ILE G 38 11.39 -24.25 -28.67
CA ILE G 38 12.83 -24.07 -28.80
C ILE G 38 13.56 -24.36 -27.50
N PRO G 39 14.12 -25.56 -27.39
CA PRO G 39 14.96 -25.86 -26.22
C PRO G 39 16.12 -24.89 -26.13
N ASN G 40 16.94 -25.02 -25.09
CA ASN G 40 18.20 -24.30 -24.96
C ASN G 40 18.28 -22.84 -25.41
N VAL G 41 17.24 -22.04 -25.14
CA VAL G 41 17.26 -20.60 -25.40
C VAL G 41 18.08 -19.85 -24.36
N ILE G 42 18.25 -20.45 -23.19
CA ILE G 42 19.07 -19.83 -22.15
C ILE G 42 20.10 -20.83 -21.64
N GLU G 43 21.34 -20.67 -22.09
CA GLU G 43 22.43 -21.47 -21.58
C GLU G 43 22.63 -20.92 -20.17
N LYS G 44 23.71 -21.32 -19.49
CA LYS G 44 23.96 -20.83 -18.14
C LYS G 44 22.74 -21.10 -17.29
N ALA G 45 22.04 -22.18 -17.63
CA ALA G 45 20.75 -22.49 -17.05
C ALA G 45 20.47 -23.96 -17.33
N GLU G 46 20.64 -24.77 -16.29
CA GLU G 46 20.55 -26.21 -16.43
C GLU G 46 19.37 -26.63 -17.32
N GLY G 47 18.39 -25.75 -17.46
CA GLY G 47 17.27 -25.99 -18.35
C GLY G 47 16.68 -24.69 -18.85
N SER G 48 16.06 -24.75 -20.03
CA SER G 48 15.42 -23.61 -20.66
C SER G 48 14.55 -24.05 -21.82
N ALA G 49 13.66 -23.19 -22.28
CA ALA G 49 12.80 -23.51 -23.40
C ALA G 49 11.92 -22.30 -23.62
N LEU G 50 11.57 -22.01 -24.87
CA LEU G 50 10.80 -20.84 -25.19
C LEU G 50 9.69 -21.35 -26.07
N VAL G 51 8.45 -20.97 -25.77
CA VAL G 51 7.33 -21.39 -26.60
C VAL G 51 6.58 -20.21 -27.14
N LYS G 52 6.55 -20.13 -28.45
CA LYS G 52 5.63 -19.24 -29.12
C LYS G 52 4.38 -20.08 -29.34
N LEU G 53 3.21 -19.47 -29.16
CA LEU G 53 1.95 -20.16 -29.40
C LEU G 53 1.00 -19.15 -30.01
N GLY G 54 0.95 -19.10 -31.35
CA GLY G 54 0.33 -17.96 -32.00
C GLY G 54 1.25 -16.79 -31.71
N ASP G 55 0.70 -15.67 -31.27
CA ASP G 55 1.54 -14.53 -30.89
C ASP G 55 1.91 -14.53 -29.42
N THR G 56 1.45 -15.52 -28.70
CA THR G 56 1.83 -15.66 -27.31
C THR G 56 3.20 -16.28 -27.28
N GLN G 57 4.00 -15.88 -26.30
CA GLN G 57 5.30 -16.50 -26.11
C GLN G 57 5.80 -16.32 -24.69
N VAL G 58 6.49 -17.35 -24.22
CA VAL G 58 6.90 -17.47 -22.83
C VAL G 58 8.22 -18.22 -22.76
N VAL G 59 9.13 -17.76 -21.90
CA VAL G 59 10.31 -18.56 -21.64
C VAL G 59 10.18 -19.19 -20.28
N VAL G 60 10.93 -20.26 -20.10
CA VAL G 60 10.90 -21.04 -18.87
C VAL G 60 12.30 -21.57 -18.64
N GLY G 61 12.86 -21.31 -17.47
CA GLY G 61 14.20 -21.76 -17.19
C GLY G 61 14.27 -22.58 -15.92
N VAL G 62 14.89 -23.75 -16.01
CA VAL G 62 15.12 -24.58 -14.85
C VAL G 62 16.50 -24.37 -14.24
N LYS G 63 16.54 -24.12 -12.93
CA LYS G 63 17.79 -24.04 -12.19
C LYS G 63 17.85 -25.17 -11.16
N MET G 64 19.04 -25.49 -10.67
CA MET G 64 19.20 -26.58 -9.72
C MET G 64 20.37 -26.38 -8.76
N GLN G 65 20.23 -26.91 -7.56
CA GLN G 65 21.22 -26.70 -6.49
C GLN G 65 20.94 -27.55 -5.25
N PRO G 66 22.01 -27.92 -4.53
CA PRO G 66 21.93 -28.62 -3.24
C PRO G 66 21.02 -27.92 -2.23
N GLY G 67 20.38 -28.69 -1.36
CA GLY G 67 19.50 -28.11 -0.35
C GLY G 67 18.85 -29.15 0.54
N GLU G 68 18.05 -28.68 1.49
CA GLU G 68 17.37 -29.55 2.45
C GLU G 68 15.91 -29.84 2.04
N PRO G 69 15.49 -31.12 2.15
CA PRO G 69 14.11 -31.50 1.84
C PRO G 69 13.18 -31.05 2.95
N ALA G 70 11.87 -31.17 2.74
CA ALA G 70 10.88 -30.77 3.75
C ALA G 70 10.80 -31.81 4.87
N PRO G 71 10.33 -31.39 6.06
CA PRO G 71 10.25 -32.29 7.21
C PRO G 71 9.67 -33.66 6.83
N ASP G 72 8.59 -33.67 6.05
CA ASP G 72 7.97 -34.91 5.62
C ASP G 72 8.94 -35.82 4.85
N THR G 73 9.11 -35.56 3.56
CA THR G 73 9.94 -36.42 2.72
C THR G 73 11.41 -36.19 2.98
N PRO G 74 12.09 -37.17 3.58
CA PRO G 74 13.55 -37.12 3.64
C PRO G 74 14.08 -37.93 2.48
N ASP G 75 13.14 -38.51 1.72
CA ASP G 75 13.46 -39.53 0.73
C ASP G 75 13.59 -39.00 -0.69
N ARG G 76 13.31 -37.71 -0.89
CA ARG G 76 13.33 -37.13 -2.24
C ARG G 76 13.70 -35.65 -2.27
N GLY G 77 14.04 -35.16 -3.47
CA GLY G 77 14.29 -33.76 -3.69
C GLY G 77 13.00 -32.99 -3.82
N VAL G 78 13.04 -31.80 -4.41
CA VAL G 78 11.83 -30.99 -4.54
C VAL G 78 11.77 -30.10 -5.78
N ILE G 79 10.54 -29.74 -6.17
CA ILE G 79 10.30 -28.90 -7.33
C ILE G 79 9.45 -27.69 -7.00
N ILE G 80 10.02 -26.49 -7.11
CA ILE G 80 9.26 -25.27 -6.91
C ILE G 80 8.91 -24.68 -8.26
N VAL G 81 7.73 -24.09 -8.42
CA VAL G 81 7.34 -23.57 -9.72
C VAL G 81 6.68 -22.19 -9.66
N ASN G 82 7.49 -21.13 -9.80
CA ASN G 82 6.99 -19.76 -9.78
C ASN G 82 6.82 -19.18 -11.17
N ALA G 83 6.06 -18.10 -11.26
CA ALA G 83 5.85 -17.41 -12.53
C ALA G 83 5.78 -15.92 -12.28
N GLU G 84 5.83 -15.16 -13.36
CA GLU G 84 5.68 -13.72 -13.31
C GLU G 84 4.96 -13.28 -14.58
N LEU G 85 3.83 -12.62 -14.42
CA LEU G 85 3.18 -12.02 -15.56
C LEU G 85 3.55 -10.56 -15.58
N VAL G 86 4.82 -10.33 -15.88
CA VAL G 86 5.42 -9.01 -16.00
C VAL G 86 4.59 -8.08 -16.89
N PRO G 87 4.85 -6.76 -16.81
CA PRO G 87 4.26 -5.78 -17.72
C PRO G 87 4.90 -5.83 -19.11
N LEU G 88 5.93 -6.65 -19.24
CA LEU G 88 6.55 -6.88 -20.52
C LEU G 88 5.48 -7.46 -21.41
N ALA G 89 4.72 -8.37 -20.83
CA ALA G 89 3.73 -9.16 -21.56
C ALA G 89 2.43 -8.41 -21.86
N SER G 90 2.13 -7.37 -21.08
CA SER G 90 0.88 -6.62 -21.21
C SER G 90 0.91 -5.26 -20.48
N PRO G 91 0.04 -4.32 -20.89
CA PRO G 91 -0.06 -3.07 -20.14
C PRO G 91 -0.50 -3.36 -18.70
N THR G 92 -1.67 -3.98 -18.57
CA THR G 92 -2.31 -4.19 -17.28
C THR G 92 -1.42 -4.84 -16.23
N PHE G 93 -0.77 -5.95 -16.61
CA PHE G 93 0.00 -6.76 -15.66
C PHE G 93 0.83 -5.94 -14.67
N GLU G 94 0.72 -6.30 -13.38
CA GLU G 94 1.43 -5.57 -12.33
C GLU G 94 2.94 -5.72 -12.45
N PRO G 95 3.66 -4.75 -11.88
CA PRO G 95 5.13 -4.84 -11.90
C PRO G 95 5.62 -5.91 -10.92
N GLY G 96 5.51 -5.64 -9.63
CA GLY G 96 5.99 -6.55 -8.60
C GLY G 96 5.13 -7.80 -8.42
N PRO G 97 5.80 -8.96 -8.34
CA PRO G 97 5.13 -10.23 -8.04
C PRO G 97 4.94 -10.40 -6.53
N PRO G 98 4.08 -11.35 -6.12
CA PRO G 98 3.20 -12.13 -6.99
C PRO G 98 1.74 -11.70 -6.86
N ASP G 99 1.17 -11.30 -7.98
CA ASP G 99 -0.24 -11.00 -8.11
C ASP G 99 -0.99 -12.34 -8.03
N GLU G 100 -2.32 -12.36 -8.05
CA GLU G 100 -3.04 -13.64 -7.88
C GLU G 100 -2.96 -14.55 -9.11
N ASN G 101 -3.29 -14.04 -10.29
CA ASN G 101 -3.17 -14.81 -11.52
C ASN G 101 -1.80 -15.47 -11.63
N SER G 102 -0.76 -14.69 -11.37
CA SER G 102 0.58 -15.26 -11.28
C SER G 102 0.47 -16.53 -10.46
N ILE G 103 0.05 -16.40 -9.20
CA ILE G 103 -0.02 -17.54 -8.30
C ILE G 103 -0.73 -18.72 -8.96
N GLU G 104 -1.82 -18.42 -9.66
CA GLU G 104 -2.65 -19.45 -10.26
C GLU G 104 -1.87 -20.27 -11.29
N LEU G 105 -1.47 -19.59 -12.37
CA LEU G 105 -0.78 -20.22 -13.50
C LEU G 105 0.39 -21.08 -13.02
N ALA G 106 1.21 -20.52 -12.16
CA ALA G 106 2.27 -21.29 -11.55
C ALA G 106 1.70 -22.61 -11.00
N ARG G 107 0.72 -22.51 -10.12
CA ARG G 107 0.26 -23.71 -9.45
C ARG G 107 -0.34 -24.72 -10.43
N VAL G 108 -1.25 -24.29 -11.29
CA VAL G 108 -1.79 -25.22 -12.30
C VAL G 108 -0.65 -25.97 -12.93
N VAL G 109 0.36 -25.24 -13.41
CA VAL G 109 1.53 -25.83 -14.05
C VAL G 109 2.30 -26.74 -13.12
N ASP G 110 2.45 -26.35 -11.85
CA ASP G 110 3.12 -27.21 -10.89
C ASP G 110 2.34 -28.49 -10.66
N ARG G 111 1.01 -28.39 -10.67
CA ARG G 111 0.20 -29.56 -10.45
C ARG G 111 0.53 -30.65 -11.47
N GLY G 112 0.32 -30.36 -12.75
CA GLY G 112 0.67 -31.29 -13.83
C GLY G 112 2.06 -31.94 -13.76
N ILE G 113 3.09 -31.16 -13.52
CA ILE G 113 4.42 -31.76 -13.35
C ILE G 113 4.42 -32.69 -12.14
N ARG G 114 4.09 -32.15 -10.97
CA ARG G 114 4.12 -32.94 -9.74
C ARG G 114 3.12 -34.08 -9.76
N GLU G 115 1.97 -33.86 -10.41
CA GLU G 115 0.92 -34.86 -10.50
C GLU G 115 1.19 -35.99 -11.52
N SER G 116 1.95 -35.68 -12.57
CA SER G 116 2.30 -36.70 -13.56
C SER G 116 3.43 -37.57 -13.05
N GLU G 117 3.96 -37.19 -11.90
CA GLU G 117 5.19 -37.80 -11.39
C GLU G 117 6.19 -37.83 -12.54
N ALA G 118 6.13 -36.78 -13.36
CA ALA G 118 6.97 -36.64 -14.54
C ALA G 118 8.40 -36.23 -14.21
N VAL G 119 8.85 -36.49 -12.99
CA VAL G 119 10.23 -36.30 -12.58
C VAL G 119 10.46 -37.19 -11.36
N ASP G 120 11.62 -37.83 -11.30
CA ASP G 120 11.91 -38.79 -10.24
C ASP G 120 12.59 -38.14 -9.04
N LEU G 121 11.81 -37.47 -8.19
CA LEU G 121 12.38 -36.79 -7.04
C LEU G 121 13.19 -37.73 -6.16
N SER G 122 13.06 -39.03 -6.42
CA SER G 122 13.83 -40.04 -5.69
C SER G 122 15.24 -40.14 -6.24
N LYS G 123 15.40 -39.85 -7.54
CA LYS G 123 16.70 -39.91 -8.19
C LYS G 123 17.54 -38.65 -7.99
N LEU G 124 16.91 -37.63 -7.40
CA LEU G 124 17.60 -36.38 -7.10
C LEU G 124 17.97 -36.32 -5.62
N VAL G 125 18.36 -37.47 -5.07
CA VAL G 125 18.73 -37.56 -3.66
C VAL G 125 20.24 -37.50 -3.46
N ILE G 126 20.72 -36.35 -3.01
CA ILE G 126 22.15 -36.18 -2.76
C ILE G 126 22.62 -37.19 -1.71
N GLU G 127 22.14 -36.98 -0.49
CA GLU G 127 22.28 -37.96 0.56
C GLU G 127 20.95 -37.93 1.28
N GLU G 128 20.49 -39.08 1.75
CA GLU G 128 19.17 -39.15 2.34
C GLU G 128 19.05 -38.26 3.59
N GLY G 129 17.92 -37.56 3.70
CA GLY G 129 17.58 -36.81 4.90
C GLY G 129 18.38 -35.56 5.20
N GLU G 130 19.15 -35.07 4.24
CA GLU G 130 19.91 -33.85 4.47
C GLU G 130 20.15 -33.04 3.20
N LYS G 131 20.37 -33.74 2.10
CA LYS G 131 20.65 -33.07 0.82
C LYS G 131 19.97 -33.76 -0.36
N VAL G 132 19.39 -32.94 -1.23
CA VAL G 132 18.66 -33.41 -2.39
C VAL G 132 18.71 -32.31 -3.45
N TRP G 133 18.51 -32.68 -4.70
CA TRP G 133 18.46 -31.70 -5.77
C TRP G 133 17.17 -30.89 -5.75
N ILE G 134 17.28 -29.59 -5.56
CA ILE G 134 16.10 -28.73 -5.56
C ILE G 134 15.90 -28.08 -6.93
N VAL G 135 14.84 -28.45 -7.61
CA VAL G 135 14.61 -28.00 -8.98
C VAL G 135 13.72 -26.78 -9.08
N PHE G 136 14.29 -25.62 -9.36
CA PHE G 136 13.48 -24.43 -9.61
C PHE G 136 12.98 -24.43 -11.02
N VAL G 137 11.83 -23.79 -11.22
CA VAL G 137 11.21 -23.73 -12.54
C VAL G 137 10.43 -22.43 -12.58
N ASP G 138 11.04 -21.39 -13.14
CA ASP G 138 10.41 -20.10 -13.18
C ASP G 138 9.87 -19.77 -14.57
N ILE G 139 8.57 -19.51 -14.63
CA ILE G 139 7.92 -19.06 -15.85
C ILE G 139 7.99 -17.54 -15.98
N HIS G 140 8.34 -17.07 -17.17
CA HIS G 140 8.46 -15.65 -17.43
C HIS G 140 7.76 -15.37 -18.73
N ALA G 141 6.58 -14.75 -18.62
CA ALA G 141 5.80 -14.45 -19.78
C ALA G 141 6.47 -13.32 -20.54
N LEU G 142 6.53 -13.47 -21.85
CA LEU G 142 7.12 -12.44 -22.69
C LEU G 142 6.05 -11.67 -23.43
N ASP G 143 5.17 -12.39 -24.10
CA ASP G 143 4.11 -11.74 -24.87
C ASP G 143 2.80 -12.47 -24.64
N ASP G 144 1.75 -11.70 -24.37
CA ASP G 144 0.46 -12.28 -23.99
C ASP G 144 -0.59 -12.07 -25.05
N ASP G 145 -0.80 -13.08 -25.88
CA ASP G 145 -1.87 -13.03 -26.86
C ASP G 145 -2.96 -14.05 -26.54
N GLY G 146 -2.91 -14.62 -25.35
CA GLY G 146 -3.93 -15.53 -24.92
C GLY G 146 -3.38 -16.90 -24.60
N ASN G 147 -3.85 -17.46 -23.50
CA ASN G 147 -3.49 -18.81 -23.13
C ASN G 147 -2.01 -18.94 -22.83
N LEU G 148 -1.45 -17.94 -22.15
CA LEU G 148 -0.09 -18.04 -21.63
C LEU G 148 0.01 -19.29 -20.76
N LEU G 149 -1.15 -19.72 -20.25
CA LEU G 149 -1.25 -20.90 -19.41
C LEU G 149 -0.77 -22.16 -20.12
N ASP G 150 -1.43 -22.52 -21.21
CA ASP G 150 -1.03 -23.68 -21.99
C ASP G 150 0.39 -23.47 -22.43
N ALA G 151 0.65 -22.30 -23.00
CA ALA G 151 2.00 -21.98 -23.41
C ALA G 151 2.94 -22.36 -22.29
N SER G 152 2.66 -21.86 -21.09
CA SER G 152 3.61 -22.05 -19.98
C SER G 152 3.78 -23.50 -19.57
N ALA G 153 2.74 -24.30 -19.77
CA ALA G 153 2.79 -25.71 -19.40
C ALA G 153 3.77 -26.45 -20.29
N LEU G 154 3.62 -26.22 -21.60
CA LEU G 154 4.48 -26.77 -22.63
C LEU G 154 5.93 -26.36 -22.40
N ALA G 155 6.15 -25.06 -22.29
CA ALA G 155 7.49 -24.52 -22.18
C ALA G 155 8.21 -25.08 -20.97
N ALA G 156 7.42 -25.49 -19.98
CA ALA G 156 7.99 -25.94 -18.71
C ALA G 156 8.35 -27.41 -18.80
N ILE G 157 7.58 -28.15 -19.60
CA ILE G 157 7.89 -29.54 -19.82
C ILE G 157 8.98 -29.70 -20.89
N ALA G 158 9.05 -28.77 -21.83
CA ALA G 158 10.19 -28.70 -22.76
C ALA G 158 11.47 -28.44 -21.99
N ALA G 159 11.48 -27.36 -21.21
CA ALA G 159 12.63 -27.00 -20.41
C ALA G 159 13.13 -28.11 -19.46
N LEU G 160 12.21 -28.78 -18.78
CA LEU G 160 12.62 -29.82 -17.83
C LEU G 160 13.24 -31.03 -18.52
N MET G 161 12.73 -31.36 -19.71
CA MET G 161 13.30 -32.45 -20.52
C MET G 161 14.72 -32.10 -20.95
N ASN G 162 14.92 -30.88 -21.41
CA ASN G 162 16.25 -30.44 -21.83
C ASN G 162 17.09 -29.90 -20.70
N THR G 163 16.99 -30.52 -19.53
CA THR G 163 17.72 -30.05 -18.36
C THR G 163 18.90 -30.95 -18.02
N LYS G 164 20.04 -30.34 -17.78
CA LYS G 164 21.26 -31.06 -17.43
C LYS G 164 21.59 -30.81 -15.98
N VAL G 165 21.50 -31.85 -15.15
CA VAL G 165 21.83 -31.73 -13.74
C VAL G 165 23.28 -31.31 -13.55
N PRO G 166 23.51 -30.13 -12.98
CA PRO G 166 24.83 -29.53 -12.76
C PRO G 166 25.69 -30.30 -11.74
N ALA G 167 25.62 -31.63 -11.75
CA ALA G 167 26.33 -32.43 -10.75
C ALA G 167 27.81 -32.07 -10.66
N GLU G 168 28.45 -31.93 -11.81
CA GLU G 168 29.89 -31.69 -11.88
C GLU G 168 30.27 -30.42 -11.13
N ARG G 169 29.59 -29.34 -11.47
CA ARG G 169 29.88 -28.03 -10.89
C ARG G 169 29.80 -28.05 -9.36
N PHE G 170 29.01 -28.97 -8.82
CA PHE G 170 28.79 -29.04 -7.38
C PHE G 170 29.58 -30.14 -6.69
N ASP G 171 30.45 -30.81 -7.44
CA ASP G 171 31.33 -31.85 -6.88
C ASP G 171 30.60 -33.14 -6.53
N LEU G 172 29.54 -33.46 -7.27
CA LEU G 172 28.77 -34.66 -6.95
C LEU G 172 28.87 -35.78 -7.99
N GLY G 173 29.64 -35.54 -9.05
CA GLY G 173 29.81 -36.54 -10.09
C GLY G 173 29.79 -35.98 -11.49
N GLU G 174 29.50 -36.85 -12.45
CA GLU G 174 29.44 -36.44 -13.85
C GLU G 174 28.02 -35.97 -14.18
N ASP G 175 27.91 -34.81 -14.83
CA ASP G 175 26.60 -34.26 -15.22
C ASP G 175 25.77 -35.28 -15.97
N TYR G 176 24.45 -35.19 -15.85
CA TYR G 176 23.57 -36.11 -16.56
C TYR G 176 22.27 -35.47 -17.01
N LEU G 177 21.66 -36.10 -18.00
CA LEU G 177 20.37 -35.66 -18.50
C LEU G 177 19.37 -35.88 -17.37
N LEU G 178 18.45 -34.94 -17.17
CA LEU G 178 17.51 -35.05 -16.05
C LEU G 178 16.49 -36.14 -16.31
N PRO G 179 16.36 -37.07 -15.36
CA PRO G 179 15.47 -38.23 -15.46
C PRO G 179 14.01 -37.81 -15.54
N VAL G 180 13.45 -37.70 -16.74
CA VAL G 180 12.06 -37.26 -16.90
C VAL G 180 11.13 -38.37 -17.41
N ARG G 181 10.23 -38.83 -16.55
CA ARG G 181 9.33 -39.95 -16.83
C ARG G 181 8.18 -39.55 -17.77
N ASP G 182 7.19 -38.85 -17.22
CA ASP G 182 5.97 -38.56 -17.96
C ASP G 182 6.07 -37.24 -18.71
N LEU G 183 4.99 -36.87 -19.39
CA LEU G 183 4.95 -35.67 -20.20
C LEU G 183 3.56 -35.06 -20.14
N PRO G 184 3.33 -34.22 -19.14
CA PRO G 184 2.03 -33.58 -18.89
C PRO G 184 1.75 -32.56 -19.95
N VAL G 185 0.49 -32.44 -20.36
CA VAL G 185 0.08 -31.45 -21.35
C VAL G 185 -1.29 -30.85 -21.04
N SER G 186 -1.32 -29.54 -20.87
CA SER G 186 -2.53 -28.86 -20.44
C SER G 186 -3.25 -28.27 -21.62
N VAL G 187 -4.57 -28.42 -21.65
CA VAL G 187 -5.40 -27.78 -22.66
C VAL G 187 -6.40 -26.88 -21.97
N THR G 188 -6.28 -25.59 -22.21
CA THR G 188 -7.24 -24.61 -21.73
C THR G 188 -8.25 -24.30 -22.83
N SER G 189 -9.54 -24.37 -22.50
CA SER G 189 -10.57 -24.02 -23.48
C SER G 189 -11.37 -22.89 -22.87
N LEU G 190 -11.84 -21.99 -23.71
CA LEU G 190 -12.62 -20.84 -23.26
C LEU G 190 -14.10 -21.13 -23.49
N ILE G 191 -14.92 -20.91 -22.46
CA ILE G 191 -16.34 -21.29 -22.51
C ILE G 191 -17.34 -20.13 -22.49
N VAL G 192 -18.33 -20.21 -23.39
CA VAL G 192 -19.37 -19.19 -23.50
C VAL G 192 -20.66 -19.74 -24.09
N GLY G 193 -21.70 -19.77 -23.26
CA GLY G 193 -22.94 -20.44 -23.57
C GLY G 193 -22.67 -21.92 -23.45
N ASN G 194 -23.22 -22.70 -24.38
CA ASN G 194 -22.90 -24.13 -24.46
C ASN G 194 -21.63 -24.44 -25.26
N LYS G 195 -21.03 -23.42 -25.87
CA LYS G 195 -19.91 -23.65 -26.79
C LYS G 195 -18.52 -23.45 -26.14
N TYR G 196 -17.63 -24.42 -26.35
CA TYR G 196 -16.22 -24.29 -25.95
C TYR G 196 -15.38 -23.65 -27.07
N LEU G 197 -14.16 -23.24 -26.74
CA LEU G 197 -13.22 -22.73 -27.74
C LEU G 197 -11.78 -23.17 -27.52
N VAL G 198 -11.19 -23.67 -28.61
CA VAL G 198 -9.73 -23.88 -28.75
C VAL G 198 -9.12 -24.51 -27.50
N ASP G 199 -8.18 -23.88 -26.76
CA ASP G 199 -7.16 -22.82 -27.07
C ASP G 199 -7.42 -21.33 -27.40
N PRO G 200 -7.97 -20.56 -26.45
CA PRO G 200 -8.42 -19.18 -26.68
C PRO G 200 -7.34 -18.16 -27.00
N SER G 201 -7.74 -17.12 -27.70
CA SER G 201 -6.86 -16.02 -28.07
C SER G 201 -7.27 -14.75 -27.32
N ARG G 202 -6.33 -13.84 -27.16
CA ARG G 202 -6.60 -12.63 -26.41
C ARG G 202 -7.85 -11.91 -26.93
N GLU G 203 -8.02 -11.91 -28.23
CA GLU G 203 -9.17 -11.23 -28.80
C GLU G 203 -10.44 -11.95 -28.38
N GLU G 204 -10.34 -13.27 -28.30
CA GLU G 204 -11.49 -14.05 -27.91
C GLU G 204 -11.76 -13.84 -26.43
N MET G 205 -10.69 -13.76 -25.64
CA MET G 205 -10.80 -13.47 -24.20
C MET G 205 -11.66 -12.25 -23.94
N SER G 206 -11.92 -11.44 -24.96
CA SER G 206 -12.64 -10.19 -24.74
C SER G 206 -14.03 -10.52 -24.21
N VAL G 207 -14.47 -11.74 -24.50
CA VAL G 207 -15.80 -12.19 -24.07
C VAL G 207 -15.89 -12.31 -22.54
N GLY G 208 -14.87 -12.88 -21.92
CA GLY G 208 -14.77 -12.93 -20.47
C GLY G 208 -13.79 -13.98 -19.98
N ASP G 209 -13.25 -13.84 -18.78
CA ASP G 209 -12.27 -14.82 -18.33
C ASP G 209 -12.90 -16.09 -17.81
N THR G 210 -13.79 -16.66 -18.62
CA THR G 210 -14.51 -17.89 -18.28
C THR G 210 -13.94 -19.11 -19.02
N THR G 211 -13.03 -19.86 -18.36
CA THR G 211 -12.34 -20.97 -19.03
C THR G 211 -12.34 -22.32 -18.29
N LEU G 212 -11.97 -23.39 -19.00
CA LEU G 212 -11.71 -24.73 -18.42
C LEU G 212 -10.32 -25.19 -18.81
N THR G 213 -9.72 -26.03 -17.98
CA THR G 213 -8.36 -26.49 -18.20
C THR G 213 -8.18 -27.92 -17.74
N ILE G 214 -7.84 -28.80 -18.66
CA ILE G 214 -7.62 -30.20 -18.32
C ILE G 214 -6.23 -30.62 -18.74
N THR G 215 -5.51 -31.24 -17.80
CA THR G 215 -4.15 -31.68 -18.04
C THR G 215 -4.07 -33.20 -18.01
N THR G 216 -3.45 -33.77 -19.06
CA THR G 216 -3.27 -35.22 -19.19
C THR G 216 -1.80 -35.64 -19.19
N ASP G 217 -1.53 -36.90 -18.84
CA ASP G 217 -0.18 -37.43 -18.94
C ASP G 217 -0.02 -38.22 -20.24
N LYS G 218 1.16 -38.83 -20.43
CA LYS G 218 1.43 -39.59 -21.64
C LYS G 218 0.38 -40.68 -21.89
N ASP G 219 0.13 -41.52 -20.88
CA ASP G 219 -0.85 -42.59 -20.96
C ASP G 219 -2.30 -42.11 -21.03
N ASP G 220 -2.50 -40.81 -21.17
CA ASP G 220 -3.85 -40.28 -21.40
C ASP G 220 -4.72 -40.18 -20.16
N ASN G 221 -4.18 -40.52 -18.99
CA ASN G 221 -4.89 -40.25 -17.75
C ASN G 221 -5.03 -38.75 -17.57
N VAL G 222 -6.01 -38.31 -16.79
CA VAL G 222 -6.08 -36.91 -16.39
C VAL G 222 -5.37 -36.71 -15.06
N VAL G 223 -4.38 -35.81 -15.03
CA VAL G 223 -3.62 -35.56 -13.82
C VAL G 223 -4.01 -34.26 -13.11
N ALA G 224 -4.79 -33.42 -13.79
CA ALA G 224 -5.23 -32.18 -13.16
C ALA G 224 -6.24 -31.45 -14.02
N MET G 225 -7.19 -30.78 -13.36
CA MET G 225 -8.09 -29.88 -14.05
C MET G 225 -8.33 -28.64 -13.23
N GLN G 226 -9.09 -27.71 -13.80
CA GLN G 226 -9.27 -26.41 -13.19
C GLN G 226 -10.32 -25.62 -13.94
N LYS G 227 -11.53 -25.56 -13.39
CA LYS G 227 -12.50 -24.61 -13.88
C LYS G 227 -11.94 -23.29 -13.45
N SER G 228 -12.37 -22.20 -14.06
CA SER G 228 -11.85 -20.90 -13.67
C SER G 228 -12.61 -19.75 -14.28
N GLY G 229 -13.05 -18.83 -13.42
CA GLY G 229 -13.85 -17.71 -13.87
C GLY G 229 -15.22 -17.78 -13.26
N GLY G 230 -16.04 -16.76 -13.52
CA GLY G 230 -17.34 -16.64 -12.91
C GLY G 230 -18.46 -17.08 -13.82
N TYR G 231 -18.60 -18.39 -13.96
CA TYR G 231 -19.62 -18.92 -14.86
C TYR G 231 -20.12 -20.29 -14.41
N LEU G 232 -21.30 -20.69 -14.90
CA LEU G 232 -21.79 -22.05 -14.66
C LEU G 232 -21.53 -23.03 -15.81
N LEU G 233 -20.76 -24.08 -15.50
CA LEU G 233 -20.32 -25.08 -16.47
C LEU G 233 -21.35 -26.18 -16.68
N ASP G 234 -22.01 -26.19 -17.84
CA ASP G 234 -22.98 -27.24 -18.16
C ASP G 234 -22.30 -28.60 -18.26
N GLU G 235 -22.83 -29.57 -17.55
CA GLU G 235 -22.20 -30.88 -17.47
C GLU G 235 -22.09 -31.59 -18.81
N LYS G 236 -23.02 -31.31 -19.72
CA LYS G 236 -23.00 -31.89 -21.05
C LYS G 236 -21.75 -31.43 -21.79
N LEU G 237 -21.51 -30.12 -21.78
CA LEU G 237 -20.28 -29.57 -22.35
C LEU G 237 -19.09 -30.26 -21.75
N PHE G 238 -18.97 -30.19 -20.43
CA PHE G 238 -17.78 -30.70 -19.80
C PHE G 238 -17.47 -32.03 -20.47
N ASP G 239 -18.52 -32.85 -20.62
CA ASP G 239 -18.38 -34.22 -21.13
C ASP G 239 -17.64 -34.32 -22.45
N GLU G 240 -18.19 -33.62 -23.44
CA GLU G 240 -17.57 -33.46 -24.74
C GLU G 240 -16.16 -32.93 -24.51
N LEU G 241 -16.07 -31.80 -23.83
CA LEU G 241 -14.81 -31.10 -23.67
C LEU G 241 -13.75 -31.92 -22.95
N LEU G 242 -14.17 -33.01 -22.30
CA LEU G 242 -13.20 -33.89 -21.65
C LEU G 242 -12.55 -34.75 -22.71
N ASP G 243 -13.37 -35.23 -23.63
CA ASP G 243 -12.90 -36.00 -24.77
C ASP G 243 -12.05 -35.11 -25.68
N VAL G 244 -12.66 -34.02 -26.17
CA VAL G 244 -11.97 -33.09 -27.05
C VAL G 244 -10.62 -32.64 -26.49
N SER G 245 -10.53 -32.51 -25.18
CA SER G 245 -9.28 -32.13 -24.53
C SER G 245 -8.29 -33.26 -24.69
N ILE G 246 -8.65 -34.45 -24.24
CA ILE G 246 -7.71 -35.55 -24.24
C ILE G 246 -7.10 -35.73 -25.63
N ASN G 247 -7.89 -35.48 -26.66
CA ASN G 247 -7.36 -35.63 -28.01
C ASN G 247 -6.46 -34.49 -28.45
N CYS G 248 -6.76 -33.26 -28.01
CA CYS G 248 -5.90 -32.13 -28.32
C CYS G 248 -4.52 -32.31 -27.68
N ALA G 249 -4.48 -33.02 -26.55
CA ALA G 249 -3.24 -33.25 -25.81
C ALA G 249 -2.28 -34.26 -26.47
N ARG G 250 -2.79 -34.99 -27.45
CA ARG G 250 -1.96 -35.94 -28.17
C ARG G 250 -1.37 -35.31 -29.44
N LYS G 251 -2.17 -34.49 -30.13
CA LYS G 251 -1.65 -33.74 -31.25
C LYS G 251 -0.43 -32.93 -30.81
N LEU G 252 -0.46 -32.47 -29.57
CA LEU G 252 0.64 -31.68 -29.02
C LEU G 252 1.84 -32.54 -28.64
N ARG G 253 1.61 -33.72 -28.08
CA ARG G 253 2.71 -34.56 -27.64
C ARG G 253 3.53 -35.11 -28.82
N GLU G 254 2.96 -35.04 -30.02
CA GLU G 254 3.72 -35.36 -31.23
C GLU G 254 4.57 -34.16 -31.60
N LYS G 255 3.93 -33.00 -31.63
CA LYS G 255 4.59 -31.71 -31.85
C LYS G 255 5.73 -31.58 -30.83
N PHE G 256 5.79 -32.55 -29.93
CA PHE G 256 6.75 -32.54 -28.85
C PHE G 256 7.94 -33.42 -29.20
N LYS G 257 7.66 -34.67 -29.52
CA LYS G 257 8.71 -35.64 -29.82
C LYS G 257 8.82 -35.90 -31.32
N GLU G 258 9.89 -35.38 -31.92
CA GLU G 258 10.09 -35.45 -33.36
C GLU G 258 11.38 -36.20 -33.71
N MET H 1 1.30 19.66 -4.39
CA MET H 1 2.34 20.58 -4.83
C MET H 1 2.22 21.98 -4.18
N PRO H 2 1.76 22.06 -2.91
CA PRO H 2 1.57 23.37 -2.28
C PRO H 2 2.84 23.85 -1.58
N GLU H 3 3.61 22.89 -1.09
CA GLU H 3 4.87 23.18 -0.40
C GLU H 3 5.96 23.62 -1.39
N ASP H 4 5.63 23.67 -2.68
CA ASP H 4 6.61 24.09 -3.69
C ASP H 4 6.30 25.36 -4.49
N ILE H 5 5.30 26.13 -4.06
CA ILE H 5 5.15 27.50 -4.56
C ILE H 5 6.30 28.34 -4.00
N LEU H 6 6.52 28.19 -2.69
CA LEU H 6 7.64 28.84 -2.02
C LEU H 6 8.97 28.41 -2.61
N VAL H 7 9.10 27.10 -2.87
CA VAL H 7 10.29 26.55 -3.51
C VAL H 7 10.54 27.22 -4.85
N ASP H 8 9.54 27.19 -5.73
CA ASP H 8 9.69 27.75 -7.06
C ASP H 8 10.25 29.16 -7.04
N ILE H 9 9.86 29.95 -6.04
CA ILE H 9 10.36 31.31 -5.98
C ILE H 9 11.84 31.29 -5.64
N LYS H 10 12.19 30.65 -4.52
CA LYS H 10 13.59 30.53 -4.13
C LYS H 10 14.45 30.00 -5.29
N ARG H 11 13.88 29.13 -6.12
CA ARG H 11 14.63 28.66 -7.29
C ARG H 11 15.01 29.84 -8.20
N ASP H 12 14.06 30.73 -8.42
CA ASP H 12 14.24 31.93 -9.23
C ASP H 12 15.41 32.73 -8.70
N TYR H 13 15.43 32.91 -7.39
CA TYR H 13 16.41 33.76 -6.75
C TYR H 13 17.78 33.15 -6.89
N VAL H 14 17.93 31.90 -6.46
CA VAL H 14 19.17 31.20 -6.67
C VAL H 14 19.61 31.37 -8.12
N LEU H 15 18.66 31.26 -9.05
CA LEU H 15 18.99 31.34 -10.47
C LEU H 15 19.36 32.76 -10.92
N SER H 16 18.63 33.76 -10.41
CA SER H 16 18.93 35.15 -10.77
C SER H 16 20.26 35.56 -10.19
N LYS H 17 20.69 34.81 -9.18
CA LYS H 17 22.00 34.96 -8.55
C LYS H 17 23.09 34.31 -9.39
N LEU H 18 22.91 33.04 -9.73
CA LEU H 18 23.85 32.30 -10.58
C LEU H 18 24.17 33.09 -11.82
N ARG H 19 23.16 33.78 -12.34
CA ARG H 19 23.36 34.49 -13.58
C ARG H 19 24.43 35.55 -13.37
N ASP H 20 24.39 36.18 -12.20
CA ASP H 20 25.44 37.10 -11.79
C ASP H 20 26.69 36.36 -11.31
N ASN H 21 26.71 35.05 -11.48
CA ASN H 21 27.86 34.25 -11.02
C ASN H 21 28.11 34.44 -9.50
N GLU H 22 27.13 34.04 -8.70
CA GLU H 22 27.13 34.24 -7.25
C GLU H 22 26.25 33.22 -6.56
N ARG H 23 26.69 32.74 -5.41
CA ARG H 23 25.83 31.88 -4.62
C ARG H 23 24.96 32.68 -3.61
N ILE H 24 23.92 32.05 -3.07
CA ILE H 24 22.98 32.78 -2.20
C ILE H 24 23.61 33.24 -0.89
N ASP H 25 24.74 32.66 -0.53
CA ASP H 25 25.41 33.00 0.72
C ASP H 25 26.82 33.58 0.58
N GLY H 26 27.30 33.80 -0.65
CA GLY H 26 28.63 34.38 -0.85
C GLY H 26 29.74 33.37 -1.04
N ARG H 27 29.44 32.10 -0.82
CA ARG H 27 30.42 31.08 -1.10
C ARG H 27 30.95 31.15 -2.55
N GLY H 28 32.16 30.65 -2.73
CA GLY H 28 32.66 30.46 -4.08
C GLY H 28 32.09 29.16 -4.57
N PHE H 29 32.20 28.93 -5.88
CA PHE H 29 31.59 27.77 -6.49
C PHE H 29 32.24 26.45 -6.14
N ASP H 30 33.29 26.50 -5.30
CA ASP H 30 33.97 25.28 -4.86
C ASP H 30 34.19 25.23 -3.35
N GLU H 31 33.48 26.11 -2.65
CA GLU H 31 33.62 26.31 -1.20
C GLU H 31 32.58 25.51 -0.38
N PHE H 32 33.03 24.49 0.35
CA PHE H 32 32.16 23.83 1.31
C PHE H 32 31.73 24.77 2.43
N ARG H 33 30.58 24.49 3.04
CA ARG H 33 30.16 25.18 4.24
C ARG H 33 31.07 24.83 5.43
N LYS H 34 30.87 25.47 6.57
CA LYS H 34 31.64 25.13 7.76
C LYS H 34 31.44 23.64 8.09
N VAL H 35 32.32 23.04 8.86
CA VAL H 35 32.23 21.60 9.13
C VAL H 35 32.65 21.34 10.57
N GLU H 36 31.91 20.48 11.26
CA GLU H 36 32.31 19.98 12.58
C GLU H 36 32.25 18.46 12.57
N ILE H 37 33.26 17.78 13.11
CA ILE H 37 33.21 16.34 13.18
C ILE H 37 33.33 15.91 14.63
N ILE H 38 32.21 15.62 15.28
CA ILE H 38 32.29 15.14 16.66
C ILE H 38 32.21 13.63 16.76
N PRO H 39 33.24 13.00 17.34
CA PRO H 39 33.34 11.55 17.59
C PRO H 39 32.83 11.17 18.96
N ASN H 40 32.46 9.91 19.14
CA ASN H 40 32.08 9.38 20.46
C ASN H 40 30.79 9.95 21.03
N VAL H 41 29.85 10.30 20.16
CA VAL H 41 28.61 10.92 20.62
C VAL H 41 27.60 9.92 21.13
N ILE H 42 27.71 8.66 20.69
CA ILE H 42 26.85 7.58 21.16
C ILE H 42 27.67 6.49 21.85
N GLU H 43 27.76 6.58 23.18
CA GLU H 43 28.61 5.68 23.97
C GLU H 43 28.25 4.19 23.87
N LYS H 44 26.97 3.87 23.94
CA LYS H 44 26.51 2.49 23.85
C LYS H 44 26.65 1.96 22.42
N ALA H 45 27.34 2.74 21.59
CA ALA H 45 27.72 2.26 20.26
C ALA H 45 29.21 1.95 20.22
N GLU H 46 29.60 1.05 19.33
CA GLU H 46 31.00 0.66 19.19
C GLU H 46 31.90 1.76 18.57
N GLY H 47 31.32 2.53 17.68
CA GLY H 47 31.95 3.72 17.14
C GLY H 47 30.83 4.65 16.73
N SER H 48 31.11 5.95 16.69
CA SER H 48 30.04 6.86 16.37
C SER H 48 30.62 8.23 16.06
N ALA H 49 29.85 9.05 15.38
CA ALA H 49 30.29 10.39 15.09
C ALA H 49 29.10 11.23 14.64
N LEU H 50 29.20 12.54 14.87
CA LEU H 50 28.19 13.49 14.45
C LEU H 50 28.85 14.57 13.60
N VAL H 51 28.46 14.69 12.35
CA VAL H 51 29.02 15.75 11.50
C VAL H 51 28.05 16.88 11.28
N LYS H 52 28.59 18.10 11.29
CA LYS H 52 27.83 19.28 10.89
C LYS H 52 28.43 19.86 9.62
N LEU H 53 27.56 20.08 8.63
CA LEU H 53 27.98 20.60 7.34
C LEU H 53 27.01 21.71 7.11
N GLY H 54 27.38 22.91 7.55
CA GLY H 54 26.48 24.05 7.63
C GLY H 54 25.47 23.79 8.72
N ASP H 55 24.19 24.06 8.44
CA ASP H 55 23.11 23.71 9.36
C ASP H 55 22.67 22.27 9.10
N THR H 56 23.43 21.56 8.28
CA THR H 56 23.12 20.16 8.03
C THR H 56 23.73 19.18 9.05
N GLN H 57 22.91 18.28 9.56
CA GLN H 57 23.36 17.38 10.62
C GLN H 57 23.00 15.93 10.35
N VAL H 58 23.91 15.05 10.72
CA VAL H 58 23.76 13.64 10.44
C VAL H 58 24.63 12.99 11.50
N VAL H 59 24.18 11.85 12.00
CA VAL H 59 24.97 11.15 13.00
C VAL H 59 25.04 9.71 12.55
N VAL H 60 26.19 9.09 12.76
CA VAL H 60 26.39 7.73 12.26
C VAL H 60 26.81 6.96 13.47
N GLY H 61 26.28 5.75 13.62
CA GLY H 61 26.71 4.90 14.70
C GLY H 61 27.14 3.56 14.18
N VAL H 62 28.23 3.02 14.73
CA VAL H 62 28.70 1.70 14.29
C VAL H 62 28.53 0.64 15.37
N LYS H 63 28.16 -0.56 14.92
CA LYS H 63 27.93 -1.71 15.81
C LYS H 63 28.57 -2.96 15.21
N MET H 64 29.37 -3.66 16.03
CA MET H 64 30.01 -4.88 15.58
C MET H 64 29.51 -6.09 16.35
N GLN H 65 29.54 -7.25 15.70
CA GLN H 65 29.13 -8.49 16.35
C GLN H 65 29.44 -9.68 15.45
N PRO H 66 29.81 -10.81 16.05
CA PRO H 66 30.07 -12.07 15.34
C PRO H 66 28.96 -12.53 14.38
N GLY H 67 29.39 -13.21 13.30
CA GLY H 67 28.51 -13.69 12.25
C GLY H 67 29.15 -14.64 11.22
N GLU H 68 28.30 -15.20 10.35
CA GLU H 68 28.74 -16.11 9.29
C GLU H 68 29.18 -15.32 8.08
N PRO H 69 30.33 -15.68 7.50
CA PRO H 69 30.88 -14.91 6.38
C PRO H 69 30.04 -15.15 5.14
N ALA H 70 30.41 -14.48 4.04
CA ALA H 70 29.75 -14.72 2.78
C ALA H 70 30.02 -16.16 2.34
N PRO H 71 28.99 -16.84 1.84
CA PRO H 71 29.16 -18.21 1.33
C PRO H 71 30.34 -18.22 0.38
N ASP H 72 30.36 -17.23 -0.49
CA ASP H 72 31.47 -16.99 -1.38
C ASP H 72 32.80 -16.85 -0.62
N THR H 73 32.95 -15.80 0.17
CA THR H 73 34.23 -15.46 0.79
C THR H 73 34.36 -15.88 2.25
N PRO H 74 34.81 -17.11 2.48
CA PRO H 74 35.03 -17.52 3.87
C PRO H 74 36.15 -16.73 4.56
N ASP H 75 36.72 -15.73 3.89
CA ASP H 75 37.67 -14.88 4.58
C ASP H 75 37.11 -13.47 4.81
N ARG H 76 37.79 -12.70 5.65
CA ARG H 76 37.54 -11.26 5.85
C ARG H 76 36.33 -10.80 6.70
N GLY H 77 35.11 -10.96 6.22
CA GLY H 77 33.97 -10.49 7.01
C GLY H 77 33.40 -9.15 6.57
N VAL H 78 32.24 -8.79 7.13
CA VAL H 78 31.31 -7.89 6.44
C VAL H 78 31.04 -6.46 6.95
N ILE H 79 30.82 -5.54 6.01
CA ILE H 79 30.38 -4.19 6.34
C ILE H 79 29.05 -3.89 5.67
N ILE H 80 28.06 -3.58 6.49
CA ILE H 80 26.73 -3.27 5.99
C ILE H 80 26.46 -1.79 6.24
N VAL H 81 26.06 -1.07 5.21
CA VAL H 81 25.79 0.36 5.39
C VAL H 81 24.32 0.66 5.15
N ASN H 82 23.62 1.07 6.20
CA ASN H 82 22.24 1.48 6.06
C ASN H 82 22.00 2.94 6.42
N ALA H 83 20.92 3.49 5.89
CA ALA H 83 20.65 4.90 6.13
C ALA H 83 19.17 5.11 6.38
N GLU H 84 18.86 5.82 7.46
CA GLU H 84 17.51 6.29 7.67
C GLU H 84 17.43 7.80 7.51
N LEU H 85 16.63 8.22 6.55
CA LEU H 85 16.33 9.62 6.34
C LEU H 85 14.97 9.88 6.94
N VAL H 86 14.79 9.50 8.19
CA VAL H 86 13.49 9.59 8.84
C VAL H 86 13.03 11.05 8.90
N PRO H 87 11.70 11.26 9.00
CA PRO H 87 11.04 12.57 8.99
C PRO H 87 11.63 13.64 9.93
N LEU H 88 12.60 13.27 10.78
CA LEU H 88 13.27 14.21 11.68
C LEU H 88 13.67 15.52 10.98
N ALA H 89 14.42 15.40 9.87
CA ALA H 89 14.79 16.55 9.02
C ALA H 89 14.03 16.55 7.69
N SER H 90 13.49 17.71 7.29
CA SER H 90 12.62 17.82 6.10
C SER H 90 11.21 17.25 6.30
N PRO H 91 10.19 18.06 6.00
CA PRO H 91 8.79 17.59 5.94
C PRO H 91 8.63 16.59 4.80
N THR H 92 9.50 16.68 3.80
CA THR H 92 9.47 15.79 2.65
C THR H 92 9.92 14.37 3.00
N PHE H 93 10.34 14.18 4.26
CA PHE H 93 10.64 12.85 4.75
C PHE H 93 9.36 12.19 5.26
N GLU H 94 8.89 11.18 4.55
CA GLU H 94 7.72 10.42 4.93
C GLU H 94 8.17 9.22 5.79
N PRO H 95 7.28 8.72 6.68
CA PRO H 95 7.66 7.55 7.49
C PRO H 95 7.66 6.25 6.68
N GLY H 96 8.34 5.23 7.19
CA GLY H 96 8.32 3.92 6.55
C GLY H 96 9.65 3.37 6.09
N PRO H 97 9.60 2.29 5.28
CA PRO H 97 10.73 1.58 4.63
C PRO H 97 11.54 2.46 3.65
N PRO H 98 12.77 2.04 3.36
CA PRO H 98 13.69 2.81 2.51
C PRO H 98 13.08 3.30 1.19
N ASP H 99 13.28 4.58 0.93
CA ASP H 99 12.98 5.19 -0.36
C ASP H 99 14.25 5.18 -1.22
N GLU H 100 14.11 5.43 -2.52
CA GLU H 100 15.26 5.35 -3.42
C GLU H 100 16.42 6.18 -2.85
N ASN H 101 16.09 7.27 -2.16
CA ASN H 101 17.12 8.16 -1.63
C ASN H 101 17.88 7.57 -0.46
N SER H 102 17.16 7.10 0.56
CA SER H 102 17.80 6.46 1.70
C SER H 102 18.71 5.36 1.20
N ILE H 103 18.32 4.73 0.09
CA ILE H 103 19.12 3.66 -0.48
C ILE H 103 20.33 4.19 -1.23
N GLU H 104 20.08 5.03 -2.23
CA GLU H 104 21.18 5.63 -2.96
C GLU H 104 22.20 6.18 -1.98
N LEU H 105 21.74 6.90 -0.96
CA LEU H 105 22.64 7.50 0.02
C LEU H 105 23.51 6.46 0.72
N ALA H 106 22.91 5.35 1.12
CA ALA H 106 23.64 4.31 1.82
C ALA H 106 24.61 3.70 0.86
N ARG H 107 24.15 3.36 -0.33
CA ARG H 107 24.99 2.66 -1.30
C ARG H 107 26.19 3.48 -1.74
N VAL H 108 26.03 4.80 -1.81
CA VAL H 108 27.14 5.65 -2.22
C VAL H 108 28.20 5.65 -1.13
N VAL H 109 27.77 5.86 0.10
CA VAL H 109 28.66 5.84 1.26
C VAL H 109 29.34 4.48 1.38
N ASP H 110 28.53 3.43 1.36
CA ASP H 110 29.07 2.09 1.38
C ASP H 110 30.15 1.93 0.31
N ARG H 111 29.91 2.48 -0.86
CA ARG H 111 30.84 2.31 -1.97
C ARG H 111 32.18 2.90 -1.60
N GLY H 112 32.22 4.20 -1.36
CA GLY H 112 33.47 4.87 -1.03
C GLY H 112 34.26 4.11 0.02
N ILE H 113 33.58 3.54 1.00
CA ILE H 113 34.28 2.74 1.98
C ILE H 113 34.79 1.44 1.33
N ARG H 114 33.86 0.65 0.82
CA ARG H 114 34.18 -0.64 0.19
C ARG H 114 35.33 -0.55 -0.82
N GLU H 115 35.14 0.30 -1.83
CA GLU H 115 36.06 0.41 -2.94
C GLU H 115 37.43 1.00 -2.57
N SER H 116 37.47 1.94 -1.64
CA SER H 116 38.75 2.47 -1.17
C SER H 116 39.48 1.47 -0.29
N GLU H 117 38.85 0.33 -0.06
CA GLU H 117 39.42 -0.71 0.79
C GLU H 117 39.89 -0.12 2.11
N ALA H 118 39.09 0.77 2.68
CA ALA H 118 39.49 1.55 3.86
C ALA H 118 39.49 0.77 5.18
N VAL H 119 38.93 -0.43 5.17
CA VAL H 119 38.91 -1.25 6.38
C VAL H 119 39.32 -2.68 6.05
N ASP H 120 40.42 -3.14 6.65
CA ASP H 120 40.91 -4.47 6.35
C ASP H 120 39.95 -5.56 6.84
N LEU H 121 39.09 -6.04 5.96
CA LEU H 121 38.17 -7.10 6.32
C LEU H 121 38.93 -8.34 6.76
N SER H 122 39.88 -8.76 5.94
CA SER H 122 40.70 -9.94 6.22
C SER H 122 41.26 -9.92 7.64
N LYS H 123 41.25 -8.75 8.26
CA LYS H 123 41.70 -8.59 9.64
C LYS H 123 40.66 -9.15 10.62
N LEU H 124 39.43 -8.66 10.52
CA LEU H 124 38.37 -9.05 11.46
C LEU H 124 37.75 -10.42 11.15
N VAL H 125 38.61 -11.42 11.08
CA VAL H 125 38.21 -12.80 10.89
C VAL H 125 38.42 -13.56 12.22
N ILE H 126 37.43 -14.36 12.62
CA ILE H 126 37.55 -15.06 13.89
C ILE H 126 37.90 -16.52 13.64
N GLU H 127 36.97 -17.24 13.02
CA GLU H 127 37.16 -18.61 12.58
C GLU H 127 37.11 -18.59 11.06
N GLU H 128 38.18 -19.00 10.38
CA GLU H 128 38.14 -19.07 8.93
C GLU H 128 36.81 -19.69 8.52
N GLY H 129 36.10 -19.06 7.59
CA GLY H 129 34.85 -19.59 7.06
C GLY H 129 33.78 -19.97 8.07
N GLU H 130 33.96 -19.57 9.33
CA GLU H 130 32.97 -19.87 10.37
C GLU H 130 32.47 -18.59 11.06
N LYS H 131 33.23 -18.07 12.00
CA LYS H 131 32.85 -16.86 12.72
C LYS H 131 33.66 -15.64 12.25
N VAL H 132 32.98 -14.52 12.00
CA VAL H 132 33.67 -13.31 11.55
C VAL H 132 32.96 -12.02 11.95
N TRP H 133 33.73 -10.96 12.19
CA TRP H 133 33.13 -9.69 12.59
C TRP H 133 32.25 -9.13 11.49
N ILE H 134 31.06 -8.69 11.89
CA ILE H 134 30.16 -8.00 10.99
C ILE H 134 30.08 -6.57 11.45
N VAL H 135 30.36 -5.62 10.56
CA VAL H 135 30.39 -4.21 10.93
C VAL H 135 29.20 -3.42 10.36
N PHE H 136 28.25 -3.06 11.23
CA PHE H 136 27.04 -2.29 10.83
C PHE H 136 27.29 -0.79 10.87
N VAL H 137 27.16 -0.11 9.73
CA VAL H 137 27.23 1.34 9.72
C VAL H 137 25.83 1.87 9.58
N ASP H 138 25.33 2.57 10.59
CA ASP H 138 23.96 3.07 10.55
C ASP H 138 23.96 4.58 10.54
N ILE H 139 23.45 5.13 9.43
CA ILE H 139 23.44 6.57 9.17
C ILE H 139 22.08 7.14 9.53
N HIS H 140 22.08 8.17 10.36
CA HIS H 140 20.83 8.72 10.81
C HIS H 140 20.87 10.22 10.65
N ALA H 141 20.17 10.71 9.63
CA ALA H 141 20.02 12.14 9.40
C ALA H 141 19.26 12.80 10.52
N LEU H 142 19.60 14.05 10.80
CA LEU H 142 18.92 14.83 11.84
C LEU H 142 18.29 16.11 11.31
N ASP H 143 19.08 16.93 10.63
CA ASP H 143 18.64 18.22 10.10
C ASP H 143 19.12 18.29 8.67
N ASP H 144 18.22 18.43 7.72
CA ASP H 144 18.60 18.34 6.32
C ASP H 144 18.58 19.74 5.71
N ASP H 145 19.77 20.29 5.50
CA ASP H 145 19.89 21.55 4.79
C ASP H 145 20.74 21.36 3.52
N GLY H 146 20.66 20.18 2.94
CA GLY H 146 21.39 19.88 1.74
C GLY H 146 22.69 19.13 2.00
N ASN H 147 23.02 18.23 1.08
CA ASN H 147 24.23 17.41 1.14
C ASN H 147 24.30 16.44 2.30
N LEU H 148 23.19 15.75 2.54
CA LEU H 148 23.18 14.72 3.56
C LEU H 148 24.18 13.65 3.17
N LEU H 149 24.47 13.59 1.88
CA LEU H 149 25.29 12.52 1.35
C LEU H 149 26.73 12.70 1.80
N ASP H 150 27.28 13.87 1.49
CA ASP H 150 28.67 14.19 1.85
C ASP H 150 28.89 14.12 3.35
N ALA H 151 27.97 14.74 4.08
CA ALA H 151 27.97 14.67 5.54
C ALA H 151 27.96 13.22 6.03
N SER H 152 27.13 12.36 5.47
CA SER H 152 27.10 11.00 5.96
C SER H 152 28.45 10.33 5.75
N ALA H 153 29.05 10.62 4.60
CA ALA H 153 30.32 10.04 4.17
C ALA H 153 31.43 10.45 5.12
N LEU H 154 31.39 11.72 5.48
CA LEU H 154 32.34 12.33 6.40
C LEU H 154 32.16 11.65 7.75
N ALA H 155 30.90 11.59 8.21
CA ALA H 155 30.56 10.98 9.50
C ALA H 155 30.83 9.48 9.56
N ALA H 156 30.46 8.76 8.51
CA ALA H 156 30.69 7.32 8.46
C ALA H 156 32.18 6.96 8.63
N ILE H 157 33.06 7.72 7.99
CA ILE H 157 34.48 7.43 8.14
C ILE H 157 34.99 7.82 9.52
N ALA H 158 34.57 8.97 10.01
CA ALA H 158 34.93 9.39 11.34
C ALA H 158 34.41 8.39 12.36
N ALA H 159 33.21 7.89 12.11
CA ALA H 159 32.62 6.87 12.98
C ALA H 159 33.55 5.68 13.04
N LEU H 160 33.88 5.17 11.85
CA LEU H 160 34.71 3.98 11.71
C LEU H 160 36.12 4.17 12.31
N MET H 161 36.68 5.35 12.10
CA MET H 161 37.98 5.69 12.63
C MET H 161 37.98 5.81 14.14
N ASN H 162 36.81 5.85 14.74
CA ASN H 162 36.71 5.89 16.20
C ASN H 162 35.94 4.71 16.72
N THR H 163 36.22 3.55 16.17
CA THR H 163 35.51 2.34 16.52
C THR H 163 36.38 1.36 17.33
N LYS H 164 35.85 0.88 18.46
CA LYS H 164 36.51 -0.19 19.20
C LYS H 164 35.78 -1.51 19.00
N VAL H 165 36.52 -2.56 18.69
CA VAL H 165 35.92 -3.88 18.51
C VAL H 165 35.48 -4.43 19.86
N PRO H 166 34.28 -5.05 19.89
CA PRO H 166 33.67 -5.59 21.12
C PRO H 166 34.20 -6.96 21.51
N ALA H 167 35.52 -7.14 21.50
CA ALA H 167 36.12 -8.44 21.80
C ALA H 167 35.77 -8.98 23.19
N GLU H 168 36.06 -8.20 24.23
CA GLU H 168 35.78 -8.62 25.60
C GLU H 168 34.36 -9.12 25.69
N ARG H 169 33.42 -8.24 25.35
CA ARG H 169 32.01 -8.60 25.41
C ARG H 169 31.79 -9.99 24.84
N PHE H 170 32.54 -10.34 23.81
CA PHE H 170 32.32 -11.60 23.11
C PHE H 170 33.37 -12.67 23.39
N ASP H 171 33.99 -12.60 24.57
CA ASP H 171 34.98 -13.61 24.98
C ASP H 171 35.86 -13.98 23.81
N LEU H 172 36.60 -13.00 23.32
CA LEU H 172 37.32 -13.13 22.06
C LEU H 172 38.63 -12.39 22.19
N GLY H 173 38.93 -11.89 23.39
CA GLY H 173 40.17 -11.19 23.63
C GLY H 173 39.95 -9.75 24.04
N GLU H 174 41.04 -9.01 24.23
CA GLU H 174 40.89 -7.64 24.66
C GLU H 174 40.37 -6.78 23.52
N ASP H 175 39.76 -5.66 23.87
CA ASP H 175 39.23 -4.75 22.86
C ASP H 175 40.36 -3.95 22.15
N TYR H 176 40.18 -3.64 20.86
CA TYR H 176 41.17 -2.90 20.05
C TYR H 176 40.52 -2.01 19.00
N LEU H 177 41.23 -0.97 18.59
CA LEU H 177 40.73 -0.03 17.58
C LEU H 177 40.58 -0.75 16.25
N LEU H 178 39.56 -0.35 15.50
CA LEU H 178 39.34 -0.89 14.16
C LEU H 178 40.40 -0.35 13.21
N PRO H 179 41.13 -1.25 12.53
CA PRO H 179 42.20 -0.86 11.62
C PRO H 179 41.61 -0.13 10.46
N VAL H 180 41.89 1.16 10.35
CA VAL H 180 41.37 1.97 9.25
C VAL H 180 42.54 2.44 8.39
N ARG H 181 42.61 1.93 7.16
CA ARG H 181 43.75 2.23 6.31
C ARG H 181 43.57 3.34 5.28
N ASP H 182 42.36 3.89 5.15
CA ASP H 182 42.14 4.91 4.13
C ASP H 182 41.16 5.97 4.58
N LEU H 183 40.89 6.93 3.71
CA LEU H 183 40.00 8.00 4.11
C LEU H 183 39.10 8.53 2.99
N PRO H 184 38.14 7.69 2.55
CA PRO H 184 37.19 8.05 1.51
C PRO H 184 36.51 9.33 1.90
N VAL H 185 36.39 10.24 0.96
CA VAL H 185 35.70 11.49 1.16
C VAL H 185 34.96 11.66 -0.16
N SER H 186 33.86 12.39 -0.14
CA SER H 186 33.10 12.55 -1.38
C SER H 186 32.60 13.96 -1.48
N VAL H 187 32.61 14.47 -2.70
CA VAL H 187 32.22 15.82 -2.97
C VAL H 187 31.06 15.79 -3.94
N THR H 188 29.92 16.33 -3.49
CA THR H 188 28.72 16.41 -4.31
C THR H 188 28.57 17.84 -4.77
N SER H 189 28.39 18.00 -6.07
CA SER H 189 28.12 19.32 -6.62
C SER H 189 26.76 19.29 -7.28
N LEU H 190 26.06 20.42 -7.17
CA LEU H 190 24.82 20.62 -7.85
C LEU H 190 25.14 21.19 -9.23
N ILE H 191 24.94 20.39 -10.28
CA ILE H 191 25.05 20.89 -11.65
C ILE H 191 23.78 21.62 -12.12
N VAL H 192 23.94 22.85 -12.56
CA VAL H 192 22.86 23.61 -13.12
C VAL H 192 23.35 24.13 -14.45
N GLY H 193 22.82 23.60 -15.54
CA GLY H 193 23.24 24.04 -16.84
C GLY H 193 24.67 23.62 -17.02
N ASN H 194 25.53 24.61 -17.33
CA ASN H 194 26.95 24.39 -17.60
C ASN H 194 27.80 24.92 -16.45
N LYS H 195 27.18 25.05 -15.28
CA LYS H 195 27.88 25.54 -14.10
C LYS H 195 27.69 24.55 -12.97
N TYR H 196 28.65 24.48 -12.06
CA TYR H 196 28.51 23.61 -10.90
C TYR H 196 28.47 24.43 -9.62
N LEU H 197 27.85 23.88 -8.59
CA LEU H 197 27.89 24.45 -7.25
C LEU H 197 28.31 23.33 -6.31
N VAL H 198 29.48 23.48 -5.68
CA VAL H 198 29.92 22.48 -4.72
C VAL H 198 29.14 22.62 -3.41
N ASP H 199 28.75 21.48 -2.85
CA ASP H 199 28.14 21.46 -1.53
C ASP H 199 26.92 22.38 -1.43
N PRO H 200 25.82 22.01 -2.11
CA PRO H 200 24.60 22.83 -2.20
C PRO H 200 23.80 22.97 -0.88
N SER H 201 23.33 24.19 -0.61
CA SER H 201 22.23 24.41 0.33
C SER H 201 21.02 23.56 -0.03
N ARG H 202 20.15 23.32 0.95
CA ARG H 202 18.82 22.88 0.63
C ARG H 202 18.14 23.94 -0.21
N GLU H 203 18.42 25.21 0.08
CA GLU H 203 17.81 26.27 -0.71
C GLU H 203 18.26 26.18 -2.15
N GLU H 204 19.58 26.09 -2.33
CA GLU H 204 20.12 26.01 -3.68
C GLU H 204 19.52 24.80 -4.34
N MET H 205 19.29 23.77 -3.54
CA MET H 205 18.71 22.53 -4.03
C MET H 205 17.31 22.75 -4.65
N SER H 206 16.74 23.93 -4.42
CA SER H 206 15.44 24.21 -5.00
C SER H 206 15.50 24.17 -6.51
N VAL H 207 16.69 24.41 -7.05
CA VAL H 207 16.84 24.48 -8.48
C VAL H 207 16.47 23.16 -9.16
N GLY H 208 16.76 22.04 -8.50
CA GLY H 208 16.48 20.75 -9.09
C GLY H 208 17.32 19.69 -8.43
N ASP H 209 16.91 18.45 -8.57
CA ASP H 209 17.70 17.41 -7.93
C ASP H 209 18.78 16.88 -8.88
N THR H 210 19.63 17.77 -9.37
CA THR H 210 20.58 17.34 -10.39
C THR H 210 22.04 17.45 -9.97
N THR H 211 22.64 16.34 -9.58
CA THR H 211 23.99 16.40 -9.02
C THR H 211 25.05 15.43 -9.58
N LEU H 212 26.30 15.74 -9.27
CA LEU H 212 27.41 14.84 -9.54
C LEU H 212 28.12 14.63 -8.23
N THR H 213 28.56 13.40 -7.97
CA THR H 213 29.22 13.10 -6.71
C THR H 213 30.48 12.32 -7.00
N ILE H 214 31.61 12.84 -6.51
CA ILE H 214 32.94 12.23 -6.76
C ILE H 214 33.63 11.92 -5.44
N THR H 215 34.22 10.73 -5.35
CA THR H 215 34.75 10.23 -4.09
C THR H 215 36.15 9.67 -4.25
N THR H 216 37.10 10.24 -3.51
CA THR H 216 38.51 9.87 -3.66
C THR H 216 39.14 9.33 -2.39
N ASP H 217 40.20 8.55 -2.56
CA ASP H 217 41.02 8.03 -1.47
C ASP H 217 42.15 8.97 -1.03
N LYS H 218 42.96 8.47 -0.08
CA LYS H 218 44.16 9.13 0.42
C LYS H 218 45.01 9.73 -0.69
N ASP H 219 45.37 8.88 -1.64
CA ASP H 219 46.27 9.21 -2.73
C ASP H 219 45.61 9.91 -3.91
N ASP H 220 44.40 10.40 -3.71
CA ASP H 220 43.69 11.17 -4.72
C ASP H 220 43.12 10.35 -5.87
N ASN H 221 43.14 9.02 -5.73
CA ASN H 221 42.51 8.15 -6.69
C ASN H 221 41.01 8.30 -6.63
N VAL H 222 40.37 8.43 -7.78
CA VAL H 222 38.90 8.46 -7.79
C VAL H 222 38.47 7.04 -7.54
N VAL H 223 37.58 6.86 -6.57
CA VAL H 223 37.20 5.53 -6.13
C VAL H 223 35.70 5.24 -6.31
N ALA H 224 34.90 6.30 -6.43
CA ALA H 224 33.47 6.16 -6.68
C ALA H 224 32.91 7.46 -7.21
N MET H 225 32.11 7.37 -8.25
CA MET H 225 31.39 8.56 -8.68
C MET H 225 29.94 8.24 -9.01
N GLN H 226 29.11 9.27 -8.99
CA GLN H 226 27.69 9.08 -9.23
C GLN H 226 27.11 10.34 -9.84
N LYS H 227 26.57 10.21 -11.04
CA LYS H 227 25.70 11.23 -11.59
C LYS H 227 24.30 10.85 -11.13
N SER H 228 23.48 11.84 -10.77
CA SER H 228 22.12 11.55 -10.37
C SER H 228 21.22 12.71 -10.68
N GLY H 229 19.95 12.39 -10.91
CA GLY H 229 19.00 13.36 -11.42
C GLY H 229 18.95 13.24 -12.93
N GLY H 230 17.90 13.79 -13.52
CA GLY H 230 17.71 13.69 -14.95
C GLY H 230 18.15 14.98 -15.61
N TYR H 231 19.43 15.06 -15.89
CA TYR H 231 19.95 16.18 -16.64
C TYR H 231 21.00 15.60 -17.54
N LEU H 232 21.47 16.38 -18.51
CA LEU H 232 22.60 15.94 -19.31
C LEU H 232 23.88 16.64 -18.86
N LEU H 233 24.93 15.86 -18.65
CA LEU H 233 26.18 16.40 -18.10
C LEU H 233 27.18 16.75 -19.21
N ASP H 234 27.55 18.03 -19.32
CA ASP H 234 28.54 18.41 -20.33
C ASP H 234 29.90 17.80 -20.04
N GLU H 235 30.45 17.04 -20.96
CA GLU H 235 31.75 16.44 -20.71
C GLU H 235 32.79 17.51 -20.43
N LYS H 236 32.65 18.67 -21.07
CA LYS H 236 33.53 19.79 -20.78
C LYS H 236 33.53 19.98 -19.27
N LEU H 237 32.35 20.27 -18.74
CA LEU H 237 32.19 20.58 -17.33
C LEU H 237 32.50 19.43 -16.38
N PHE H 238 32.23 18.21 -16.80
CA PHE H 238 32.61 17.10 -15.95
C PHE H 238 34.12 17.14 -15.70
N ASP H 239 34.87 17.52 -16.72
CA ASP H 239 36.32 17.49 -16.66
C ASP H 239 36.88 18.45 -15.61
N GLU H 240 36.33 19.66 -15.52
CA GLU H 240 36.73 20.57 -14.44
C GLU H 240 36.36 19.96 -13.10
N LEU H 241 35.08 19.60 -12.98
CA LEU H 241 34.52 19.21 -11.71
C LEU H 241 35.33 18.07 -11.12
N LEU H 242 35.85 17.21 -11.97
CA LEU H 242 36.72 16.14 -11.52
C LEU H 242 37.90 16.75 -10.80
N ASP H 243 38.59 17.66 -11.49
CA ASP H 243 39.79 18.27 -10.95
C ASP H 243 39.44 19.02 -9.68
N VAL H 244 38.35 19.77 -9.72
CA VAL H 244 37.98 20.55 -8.56
C VAL H 244 37.65 19.65 -7.37
N SER H 245 36.99 18.53 -7.65
CA SER H 245 36.54 17.64 -6.61
C SER H 245 37.67 16.91 -5.92
N ILE H 246 38.60 16.36 -6.69
CA ILE H 246 39.74 15.70 -6.08
C ILE H 246 40.47 16.70 -5.17
N ASN H 247 40.45 17.96 -5.59
CA ASN H 247 41.00 18.99 -4.75
C ASN H 247 40.20 19.16 -3.47
N CYS H 248 38.92 19.53 -3.60
CA CYS H 248 38.00 19.69 -2.47
C CYS H 248 38.08 18.57 -1.43
N ALA H 249 38.19 17.34 -1.90
CA ALA H 249 38.32 16.17 -1.04
C ALA H 249 39.57 16.22 -0.19
N ARG H 250 40.63 16.75 -0.78
CA ARG H 250 41.92 16.83 -0.13
C ARG H 250 41.79 17.80 1.03
N LYS H 251 41.35 19.03 0.74
CA LYS H 251 41.17 20.04 1.78
C LYS H 251 40.30 19.48 2.90
N LEU H 252 39.26 18.75 2.52
CA LEU H 252 38.35 18.20 3.49
C LEU H 252 39.07 17.17 4.34
N ARG H 253 39.96 16.41 3.72
CA ARG H 253 40.62 15.33 4.42
C ARG H 253 41.53 15.86 5.53
N GLU H 254 42.13 17.04 5.32
CA GLU H 254 42.94 17.63 6.37
C GLU H 254 42.09 18.31 7.46
N LYS H 255 40.87 17.83 7.65
CA LYS H 255 40.02 18.24 8.77
C LYS H 255 40.17 17.19 9.85
N PHE H 256 40.32 15.95 9.40
CA PHE H 256 40.47 14.79 10.26
C PHE H 256 41.76 14.79 11.04
N LYS H 257 42.54 15.85 10.91
CA LYS H 257 43.68 16.01 11.80
C LYS H 257 43.15 16.53 13.14
N GLU H 258 41.91 16.14 13.43
CA GLU H 258 41.17 16.54 14.63
C GLU H 258 41.69 17.82 15.27
N MET I 1 -18.26 5.52 6.54
CA MET I 1 -18.59 6.86 7.02
C MET I 1 -20.07 7.02 7.33
N PRO I 2 -20.96 6.58 6.42
CA PRO I 2 -22.39 6.53 6.77
C PRO I 2 -22.63 5.70 8.04
N GLU I 3 -21.70 4.80 8.39
CA GLU I 3 -21.77 4.01 9.61
C GLU I 3 -21.67 4.92 10.81
N ASP I 4 -20.91 5.99 10.65
CA ASP I 4 -20.66 6.92 11.72
C ASP I 4 -21.99 7.49 12.23
N ILE I 5 -22.94 7.67 11.32
CA ILE I 5 -24.19 8.34 11.65
C ILE I 5 -25.05 7.55 12.62
N LEU I 6 -25.30 6.29 12.33
CA LEU I 6 -25.99 5.43 13.30
C LEU I 6 -25.33 5.49 14.69
N VAL I 7 -24.01 5.49 14.74
CA VAL I 7 -23.24 5.50 15.96
C VAL I 7 -23.29 6.84 16.72
N ASP I 8 -23.23 7.96 16.03
CA ASP I 8 -23.26 9.26 16.70
C ASP I 8 -24.55 9.45 17.49
N ILE I 9 -25.63 8.91 16.93
CA ILE I 9 -26.95 8.97 17.57
C ILE I 9 -26.98 8.03 18.77
N LYS I 10 -26.49 6.80 18.59
CA LYS I 10 -26.45 5.83 19.67
C LYS I 10 -25.63 6.41 20.79
N ARG I 11 -24.65 7.24 20.42
CA ARG I 11 -23.80 7.91 21.38
C ARG I 11 -24.64 8.86 22.22
N ASP I 12 -25.51 9.61 21.56
CA ASP I 12 -26.36 10.61 22.20
C ASP I 12 -27.31 9.97 23.20
N TYR I 13 -27.66 8.71 22.94
CA TYR I 13 -28.62 8.03 23.76
C TYR I 13 -27.92 7.42 24.96
N VAL I 14 -26.72 6.94 24.75
CA VAL I 14 -25.97 6.37 25.84
C VAL I 14 -25.61 7.49 26.79
N LEU I 15 -25.39 8.68 26.27
CA LEU I 15 -24.99 9.82 27.08
C LEU I 15 -26.19 10.43 27.83
N SER I 16 -27.36 10.32 27.22
CA SER I 16 -28.62 10.64 27.87
C SER I 16 -28.86 9.81 29.13
N LYS I 17 -28.79 8.48 29.03
CA LYS I 17 -28.95 7.64 30.20
C LYS I 17 -27.88 7.90 31.26
N LEU I 18 -26.64 8.10 30.82
CA LEU I 18 -25.54 8.36 31.75
C LEU I 18 -25.89 9.59 32.56
N ARG I 19 -26.45 10.58 31.88
CA ARG I 19 -26.81 11.81 32.52
C ARG I 19 -27.85 11.49 33.59
N ASP I 20 -28.68 10.48 33.34
CA ASP I 20 -29.65 10.02 34.32
C ASP I 20 -29.17 8.79 35.10
N ASN I 21 -27.86 8.63 35.23
CA ASN I 21 -27.29 7.60 36.09
C ASN I 21 -27.67 6.18 35.71
N GLU I 22 -27.87 5.94 34.41
CA GLU I 22 -28.22 4.62 33.95
C GLU I 22 -27.33 4.09 32.84
N ARG I 23 -27.22 2.77 32.75
CA ARG I 23 -26.64 2.19 31.58
C ARG I 23 -27.78 1.66 30.75
N ILE I 24 -27.63 1.67 29.42
CA ILE I 24 -28.76 1.35 28.56
C ILE I 24 -29.34 -0.07 28.71
N ASP I 25 -28.69 -0.95 29.47
CA ASP I 25 -29.26 -2.28 29.70
C ASP I 25 -29.57 -2.54 31.16
N GLY I 26 -29.51 -1.51 31.98
CA GLY I 26 -29.82 -1.64 33.39
C GLY I 26 -28.69 -2.18 34.24
N ARG I 27 -27.52 -2.39 33.67
CA ARG I 27 -26.44 -2.89 34.50
C ARG I 27 -25.99 -1.87 35.54
N GLY I 28 -25.36 -2.36 36.60
CA GLY I 28 -24.67 -1.47 37.50
C GLY I 28 -23.43 -0.97 36.77
N PHE I 29 -22.88 0.16 37.18
CA PHE I 29 -21.64 0.62 36.58
C PHE I 29 -20.44 -0.29 36.89
N ASP I 30 -20.57 -1.16 37.89
CA ASP I 30 -19.46 -2.03 38.22
C ASP I 30 -19.81 -3.48 37.92
N GLU I 31 -20.74 -3.67 36.99
CA GLU I 31 -21.29 -5.00 36.69
C GLU I 31 -20.91 -5.51 35.30
N PHE I 32 -20.25 -6.67 35.26
CA PHE I 32 -19.98 -7.37 34.00
C PHE I 32 -21.25 -8.00 33.43
N ARG I 33 -21.23 -8.31 32.14
CA ARG I 33 -22.27 -9.14 31.56
C ARG I 33 -22.10 -10.60 31.93
N LYS I 34 -23.07 -11.40 31.50
CA LYS I 34 -23.09 -12.85 31.69
C LYS I 34 -21.84 -13.50 31.08
N VAL I 35 -21.03 -14.17 31.89
CA VAL I 35 -19.82 -14.83 31.36
C VAL I 35 -19.94 -16.34 31.19
N GLU I 36 -19.73 -16.84 29.97
CA GLU I 36 -19.63 -18.28 29.72
C GLU I 36 -18.20 -18.67 29.33
N ILE I 37 -17.69 -19.74 29.93
CA ILE I 37 -16.31 -20.16 29.68
C ILE I 37 -16.21 -21.63 29.30
N ILE I 38 -16.24 -21.91 27.99
CA ILE I 38 -16.29 -23.28 27.49
C ILE I 38 -14.92 -23.76 27.01
N PRO I 39 -14.30 -24.69 27.75
CA PRO I 39 -12.98 -25.23 27.34
C PRO I 39 -13.09 -26.35 26.29
N ASN I 40 -12.01 -26.58 25.57
CA ASN I 40 -11.90 -27.76 24.71
C ASN I 40 -12.62 -27.68 23.39
N VAL I 41 -12.91 -26.47 22.95
CA VAL I 41 -13.64 -26.25 21.71
C VAL I 41 -12.88 -26.75 20.50
N ILE I 42 -11.56 -26.90 20.63
CA ILE I 42 -10.74 -27.21 19.46
C ILE I 42 -9.84 -28.44 19.66
N GLU I 43 -10.37 -29.60 19.27
CA GLU I 43 -9.73 -30.88 19.50
C GLU I 43 -8.24 -30.91 19.18
N LYS I 44 -7.91 -30.64 17.92
CA LYS I 44 -6.52 -30.77 17.47
C LYS I 44 -5.58 -29.91 18.33
N ALA I 45 -6.00 -28.67 18.57
CA ALA I 45 -5.25 -27.79 19.46
C ALA I 45 -5.04 -28.39 20.85
N GLU I 46 -3.92 -28.04 21.47
CA GLU I 46 -3.55 -28.62 22.75
C GLU I 46 -4.36 -28.07 23.91
N GLY I 47 -4.62 -26.76 23.85
CA GLY I 47 -5.58 -26.12 24.73
C GLY I 47 -6.49 -25.29 23.87
N SER I 48 -7.66 -24.93 24.41
CA SER I 48 -8.56 -24.05 23.67
C SER I 48 -9.69 -23.63 24.57
N ALA I 49 -10.22 -22.43 24.35
CA ALA I 49 -11.41 -22.00 25.09
C ALA I 49 -12.26 -21.03 24.31
N LEU I 50 -13.55 -21.28 24.29
CA LEU I 50 -14.51 -20.31 23.77
C LEU I 50 -15.02 -19.51 24.94
N VAL I 51 -15.00 -18.20 24.84
CA VAL I 51 -15.60 -17.40 25.89
C VAL I 51 -16.75 -16.52 25.37
N LYS I 52 -17.84 -16.49 26.11
CA LYS I 52 -18.89 -15.54 25.81
C LYS I 52 -19.03 -14.52 26.95
N LEU I 53 -19.00 -13.24 26.58
CA LEU I 53 -19.18 -12.14 27.52
C LEU I 53 -20.24 -11.25 26.91
N GLY I 54 -21.46 -11.34 27.40
CA GLY I 54 -22.59 -10.77 26.69
C GLY I 54 -22.77 -11.43 25.32
N ASP I 55 -22.85 -10.63 24.27
CA ASP I 55 -22.91 -11.19 22.93
C ASP I 55 -21.55 -11.24 22.24
N THR I 56 -20.55 -10.74 22.95
CA THR I 56 -19.19 -10.73 22.48
C THR I 56 -18.62 -12.10 22.76
N GLN I 57 -18.05 -12.73 21.74
CA GLN I 57 -17.45 -14.06 21.89
C GLN I 57 -16.12 -14.20 21.15
N VAL I 58 -15.20 -14.95 21.76
CA VAL I 58 -13.84 -15.10 21.28
C VAL I 58 -13.34 -16.53 21.45
N VAL I 59 -12.56 -17.01 20.49
CA VAL I 59 -11.82 -18.24 20.74
C VAL I 59 -10.34 -17.97 20.91
N VAL I 60 -9.72 -18.76 21.76
CA VAL I 60 -8.29 -18.83 21.84
C VAL I 60 -7.91 -20.30 21.79
N GLY I 61 -6.84 -20.61 21.07
CA GLY I 61 -6.33 -21.96 21.01
C GLY I 61 -4.87 -21.93 21.38
N VAL I 62 -4.40 -23.00 22.01
CA VAL I 62 -2.99 -23.10 22.35
C VAL I 62 -2.33 -24.27 21.64
N LYS I 63 -1.34 -23.94 20.83
CA LYS I 63 -0.52 -24.93 20.14
C LYS I 63 0.86 -24.88 20.76
N MET I 64 1.44 -26.01 21.10
CA MET I 64 2.86 -26.02 21.45
C MET I 64 3.73 -26.99 20.63
N GLN I 65 5.03 -26.73 20.66
CA GLN I 65 6.02 -27.43 19.85
C GLN I 65 7.41 -26.96 20.26
N PRO I 66 8.38 -27.87 20.23
CA PRO I 66 9.77 -27.64 20.66
C PRO I 66 10.50 -26.65 19.77
N GLY I 67 11.34 -25.84 20.39
CA GLY I 67 12.09 -24.82 19.67
C GLY I 67 13.28 -24.30 20.44
N GLU I 68 14.01 -23.41 19.78
CA GLU I 68 15.24 -22.83 20.31
C GLU I 68 14.96 -21.66 21.25
N PRO I 69 15.59 -21.65 22.44
CA PRO I 69 15.35 -20.57 23.39
C PRO I 69 15.92 -19.24 22.91
N ALA I 70 15.72 -18.19 23.70
CA ALA I 70 16.36 -16.92 23.47
C ALA I 70 17.80 -17.04 23.91
N PRO I 71 18.72 -16.46 23.12
CA PRO I 71 20.16 -16.60 23.40
C PRO I 71 20.52 -15.94 24.73
N ASP I 72 19.82 -14.86 25.08
CA ASP I 72 20.06 -14.18 26.35
C ASP I 72 19.34 -14.84 27.53
N THR I 73 18.24 -15.53 27.26
CA THR I 73 17.50 -16.24 28.31
C THR I 73 17.28 -17.73 28.01
N PRO I 74 18.23 -18.58 28.39
CA PRO I 74 18.01 -20.04 28.33
C PRO I 74 17.39 -20.46 29.64
N ASP I 75 16.95 -21.71 29.73
CA ASP I 75 16.32 -22.23 30.94
C ASP I 75 14.85 -21.85 31.03
N ARG I 76 14.36 -21.13 30.03
CA ARG I 76 12.96 -20.70 30.06
C ARG I 76 12.21 -21.10 28.79
N GLY I 77 10.99 -21.58 28.98
CA GLY I 77 10.10 -21.81 27.87
C GLY I 77 9.70 -20.49 27.24
N VAL I 78 9.00 -20.55 26.12
CA VAL I 78 8.58 -19.34 25.44
C VAL I 78 7.07 -19.25 25.17
N ILE I 79 6.47 -18.12 25.52
CA ILE I 79 5.05 -17.91 25.28
C ILE I 79 4.80 -16.74 24.36
N ILE I 80 4.04 -16.99 23.30
CA ILE I 80 3.85 -15.98 22.26
C ILE I 80 2.39 -15.70 21.96
N VAL I 81 1.86 -14.64 22.56
CA VAL I 81 0.47 -14.27 22.35
C VAL I 81 0.27 -13.44 21.08
N ASN I 82 -0.75 -13.80 20.31
CA ASN I 82 -1.09 -13.11 19.08
C ASN I 82 -2.61 -13.11 18.87
N ALA I 83 -3.16 -12.05 18.30
CA ALA I 83 -4.61 -12.01 18.09
C ALA I 83 -4.97 -11.62 16.67
N GLU I 84 -6.07 -12.15 16.19
CA GLU I 84 -6.59 -11.73 14.91
C GLU I 84 -8.05 -11.24 15.07
N LEU I 85 -8.28 -9.95 14.84
CA LEU I 85 -9.62 -9.36 14.92
C LEU I 85 -10.31 -9.40 13.55
N VAL I 86 -10.35 -10.59 12.96
CA VAL I 86 -10.62 -10.80 11.52
C VAL I 86 -11.82 -10.11 10.87
N PRO I 87 -11.81 -10.02 9.54
CA PRO I 87 -13.01 -9.58 8.84
C PRO I 87 -14.11 -10.57 9.18
N LEU I 88 -15.24 -10.06 9.68
CA LEU I 88 -16.39 -10.89 10.07
C LEU I 88 -16.66 -10.81 11.57
N ALA I 89 -15.62 -10.47 12.33
CA ALA I 89 -15.77 -10.23 13.77
C ALA I 89 -16.25 -8.81 13.99
N SER I 90 -16.49 -8.10 12.89
CA SER I 90 -16.89 -6.70 12.91
C SER I 90 -17.06 -6.17 11.48
N PRO I 91 -18.13 -5.38 11.26
CA PRO I 91 -18.35 -4.57 10.05
C PRO I 91 -17.18 -3.61 9.78
N THR I 92 -16.35 -3.38 10.78
CA THR I 92 -15.33 -2.36 10.70
C THR I 92 -13.90 -2.94 10.62
N PHE I 93 -13.79 -4.25 10.37
CA PHE I 93 -12.46 -4.84 10.18
C PHE I 93 -12.03 -5.08 8.73
N GLU I 94 -10.84 -4.57 8.39
CA GLU I 94 -10.23 -4.77 7.09
C GLU I 94 -9.11 -5.81 7.18
N PRO I 95 -8.99 -6.69 6.17
CA PRO I 95 -8.02 -7.78 6.20
C PRO I 95 -6.57 -7.28 6.15
N GLY I 96 -5.64 -8.15 6.54
CA GLY I 96 -4.22 -7.82 6.54
C GLY I 96 -3.53 -8.08 7.86
N PRO I 97 -2.22 -7.76 7.93
CA PRO I 97 -1.44 -7.80 9.19
C PRO I 97 -2.17 -7.08 10.33
N PRO I 98 -1.82 -7.38 11.60
CA PRO I 98 -2.55 -6.79 12.72
C PRO I 98 -2.50 -5.26 12.69
N ASP I 99 -3.66 -4.61 12.76
CA ASP I 99 -3.66 -3.17 12.93
C ASP I 99 -3.15 -2.91 14.34
N GLU I 100 -3.02 -1.65 14.71
CA GLU I 100 -2.48 -1.32 16.03
C GLU I 100 -3.36 -1.76 17.20
N ASN I 101 -4.65 -2.00 16.94
CA ASN I 101 -5.54 -2.44 18.01
C ASN I 101 -5.52 -3.95 18.20
N SER I 102 -5.33 -4.66 17.10
CA SER I 102 -5.10 -6.09 17.18
C SER I 102 -3.80 -6.34 17.94
N ILE I 103 -2.89 -5.38 17.92
CA ILE I 103 -1.61 -5.56 18.59
C ILE I 103 -1.68 -5.30 20.10
N GLU I 104 -2.20 -4.15 20.50
CA GLU I 104 -2.22 -3.89 21.92
C GLU I 104 -3.12 -4.90 22.62
N LEU I 105 -4.11 -5.43 21.93
CA LEU I 105 -4.94 -6.43 22.57
C LEU I 105 -4.12 -7.63 22.98
N ALA I 106 -3.28 -8.13 22.09
CA ALA I 106 -2.46 -9.27 22.43
C ALA I 106 -1.37 -8.95 23.47
N ARG I 107 -0.76 -7.77 23.36
CA ARG I 107 0.29 -7.42 24.28
C ARG I 107 -0.24 -7.32 25.68
N VAL I 108 -1.51 -6.93 25.84
CA VAL I 108 -2.11 -6.89 27.19
C VAL I 108 -2.37 -8.29 27.75
N VAL I 109 -3.08 -9.13 27.00
CA VAL I 109 -3.29 -10.50 27.41
C VAL I 109 -1.97 -11.18 27.77
N ASP I 110 -0.95 -10.93 26.95
CA ASP I 110 0.35 -11.52 27.21
C ASP I 110 0.95 -10.98 28.51
N ARG I 111 0.74 -9.69 28.75
CA ARG I 111 1.29 -8.99 29.90
C ARG I 111 0.80 -9.58 31.21
N GLY I 112 -0.52 -9.66 31.35
CA GLY I 112 -1.13 -10.30 32.50
C GLY I 112 -0.59 -11.71 32.70
N ILE I 113 -0.60 -12.51 31.65
CA ILE I 113 -0.12 -13.88 31.77
C ILE I 113 1.33 -13.91 32.26
N ARG I 114 2.16 -13.04 31.70
CA ARG I 114 3.60 -13.05 31.99
C ARG I 114 3.95 -12.45 33.34
N GLU I 115 3.47 -11.24 33.57
CA GLU I 115 3.73 -10.55 34.84
C GLU I 115 3.17 -11.27 36.07
N SER I 116 2.20 -12.14 35.87
CA SER I 116 1.70 -12.92 36.99
C SER I 116 2.49 -14.22 37.18
N GLU I 117 3.32 -14.56 36.19
CA GLU I 117 4.06 -15.81 36.22
C GLU I 117 3.08 -16.99 36.15
N ALA I 118 2.07 -16.82 35.32
CA ALA I 118 0.92 -17.71 35.28
C ALA I 118 1.33 -19.12 34.90
N VAL I 119 2.25 -19.22 33.95
CA VAL I 119 2.80 -20.50 33.54
C VAL I 119 4.21 -20.59 34.05
N ASP I 120 4.65 -21.76 34.50
CA ASP I 120 6.02 -21.89 35.02
C ASP I 120 7.04 -22.08 33.89
N LEU I 121 7.58 -20.97 33.37
CA LEU I 121 8.41 -20.98 32.17
C LEU I 121 9.60 -21.92 32.25
N SER I 122 10.08 -22.13 33.47
CA SER I 122 11.24 -22.96 33.70
C SER I 122 10.93 -24.43 33.40
N LYS I 123 9.80 -24.91 33.90
CA LYS I 123 9.43 -26.30 33.70
C LYS I 123 9.09 -26.62 32.22
N LEU I 124 9.37 -25.68 31.33
CA LEU I 124 9.07 -25.88 29.91
C LEU I 124 10.32 -26.19 29.11
N VAL I 125 11.44 -26.31 29.82
CA VAL I 125 12.76 -26.56 29.21
C VAL I 125 13.00 -28.05 28.89
N ILE I 126 13.61 -28.32 27.74
CA ILE I 126 13.81 -29.69 27.29
C ILE I 126 15.29 -30.08 27.30
N GLU I 127 16.08 -29.35 26.53
CA GLU I 127 17.54 -29.42 26.63
C GLU I 127 18.05 -28.02 26.92
N GLU I 128 18.62 -27.87 28.12
CA GLU I 128 18.96 -26.55 28.67
C GLU I 128 19.50 -25.50 27.70
N GLY I 129 20.21 -25.92 26.66
CA GLY I 129 20.88 -24.99 25.79
C GLY I 129 20.13 -24.51 24.55
N GLU I 130 19.44 -25.42 23.87
CA GLU I 130 18.75 -25.03 22.65
C GLU I 130 17.54 -25.91 22.31
N LYS I 131 17.04 -26.67 23.29
CA LYS I 131 15.73 -27.30 23.11
C LYS I 131 14.78 -26.98 24.25
N VAL I 132 13.72 -26.23 23.94
CA VAL I 132 12.75 -25.77 24.92
C VAL I 132 11.35 -25.66 24.30
N TRP I 133 10.33 -25.63 25.15
CA TRP I 133 8.95 -25.60 24.68
C TRP I 133 8.52 -24.23 24.17
N ILE I 134 7.62 -24.23 23.20
CA ILE I 134 7.16 -22.97 22.63
C ILE I 134 5.63 -22.86 22.61
N VAL I 135 5.07 -22.16 23.60
CA VAL I 135 3.64 -22.02 23.76
C VAL I 135 3.06 -20.90 22.89
N PHE I 136 2.24 -21.28 21.91
CA PHE I 136 1.57 -20.32 21.07
C PHE I 136 0.13 -20.10 21.52
N VAL I 137 -0.13 -18.94 22.11
CA VAL I 137 -1.49 -18.51 22.43
C VAL I 137 -2.00 -17.65 21.28
N ASP I 138 -3.06 -18.09 20.61
CA ASP I 138 -3.55 -17.30 19.51
C ASP I 138 -5.02 -16.96 19.71
N ILE I 139 -5.32 -15.66 19.84
CA ILE I 139 -6.66 -15.16 20.08
C ILE I 139 -7.36 -14.85 18.76
N HIS I 140 -8.64 -15.21 18.66
CA HIS I 140 -9.36 -15.07 17.40
C HIS I 140 -10.79 -14.61 17.64
N ALA I 141 -11.02 -13.32 17.46
CA ALA I 141 -12.34 -12.76 17.68
C ALA I 141 -13.35 -13.41 16.75
N LEU I 142 -14.54 -13.72 17.25
CA LEU I 142 -15.62 -14.21 16.38
C LEU I 142 -16.79 -13.24 16.30
N ASP I 143 -17.18 -12.67 17.45
CA ASP I 143 -18.31 -11.77 17.50
C ASP I 143 -17.91 -10.64 18.42
N ASP I 144 -17.92 -9.41 17.91
CA ASP I 144 -17.44 -8.29 18.72
C ASP I 144 -18.53 -7.35 19.11
N ASP I 145 -18.91 -7.42 20.37
CA ASP I 145 -20.00 -6.63 20.91
C ASP I 145 -19.51 -5.84 22.11
N GLY I 146 -18.27 -5.38 22.08
CA GLY I 146 -17.73 -4.67 23.21
C GLY I 146 -16.88 -5.55 24.12
N ASN I 147 -15.74 -4.99 24.51
CA ASN I 147 -14.79 -5.59 25.44
C ASN I 147 -14.26 -6.95 25.02
N LEU I 148 -13.77 -7.05 23.78
CA LEU I 148 -13.00 -8.21 23.34
C LEU I 148 -11.77 -8.45 24.22
N LEU I 149 -11.20 -7.38 24.79
CA LEU I 149 -10.01 -7.52 25.60
C LEU I 149 -10.23 -8.39 26.81
N ASP I 150 -11.20 -8.07 27.66
CA ASP I 150 -11.42 -8.89 28.85
C ASP I 150 -11.84 -10.32 28.48
N ALA I 151 -12.64 -10.45 27.42
CA ALA I 151 -13.09 -11.75 26.98
C ALA I 151 -11.87 -12.58 26.60
N SER I 152 -10.88 -11.91 26.01
CA SER I 152 -9.68 -12.57 25.51
C SER I 152 -8.69 -12.96 26.59
N ALA I 153 -8.58 -12.15 27.63
CA ALA I 153 -7.68 -12.49 28.70
C ALA I 153 -8.26 -13.66 29.45
N LEU I 154 -9.60 -13.73 29.42
CA LEU I 154 -10.37 -14.72 30.18
C LEU I 154 -10.30 -16.08 29.46
N ALA I 155 -10.54 -16.08 28.16
CA ALA I 155 -10.40 -17.29 27.38
C ALA I 155 -8.95 -17.76 27.36
N ALA I 156 -8.02 -16.82 27.27
CA ALA I 156 -6.62 -17.18 27.17
C ALA I 156 -6.28 -18.04 28.38
N ILE I 157 -6.46 -17.49 29.56
CA ILE I 157 -6.05 -18.18 30.77
C ILE I 157 -6.86 -19.48 30.92
N ALA I 158 -8.07 -19.50 30.35
CA ALA I 158 -8.90 -20.71 30.33
C ALA I 158 -8.29 -21.78 29.40
N ALA I 159 -7.92 -21.38 28.19
CA ALA I 159 -7.30 -22.30 27.26
C ALA I 159 -6.01 -22.92 27.83
N LEU I 160 -5.08 -22.09 28.25
CA LEU I 160 -3.87 -22.59 28.88
C LEU I 160 -4.23 -23.61 29.97
N MET I 161 -5.28 -23.32 30.74
CA MET I 161 -5.62 -24.19 31.86
C MET I 161 -6.18 -25.55 31.43
N ASN I 162 -6.43 -25.72 30.14
CA ASN I 162 -6.81 -27.01 29.60
C ASN I 162 -5.83 -27.40 28.52
N THR I 163 -4.56 -27.13 28.81
CA THR I 163 -3.49 -27.43 27.87
C THR I 163 -2.79 -28.77 28.21
N LYS I 164 -2.68 -29.64 27.21
CA LYS I 164 -1.95 -30.89 27.35
C LYS I 164 -0.69 -30.79 26.50
N VAL I 165 0.47 -30.92 27.13
CA VAL I 165 1.76 -30.89 26.44
C VAL I 165 1.93 -32.12 25.54
N PRO I 166 2.27 -31.91 24.26
CA PRO I 166 2.31 -33.02 23.29
C PRO I 166 3.66 -33.76 23.31
N ALA I 167 4.01 -34.34 24.46
CA ALA I 167 5.31 -34.95 24.65
C ALA I 167 5.55 -36.02 23.59
N GLU I 168 4.96 -37.18 23.80
CA GLU I 168 4.97 -38.21 22.78
C GLU I 168 4.53 -37.58 21.46
N ARG I 169 4.99 -38.16 20.36
CA ARG I 169 4.82 -37.58 19.02
C ARG I 169 5.92 -36.54 18.74
N PHE I 170 6.47 -35.97 19.81
CA PHE I 170 7.77 -35.28 19.69
C PHE I 170 8.88 -36.18 20.25
N ASP I 171 8.48 -37.31 20.85
CA ASP I 171 9.41 -38.27 21.44
C ASP I 171 10.12 -37.70 22.65
N LEU I 172 9.39 -36.95 23.46
CA LEU I 172 9.96 -36.32 24.63
C LEU I 172 9.37 -36.85 25.93
N GLY I 173 8.59 -37.91 25.84
CA GLY I 173 7.99 -38.51 27.02
C GLY I 173 6.49 -38.68 26.85
N GLU I 174 5.78 -38.73 27.97
CA GLU I 174 4.33 -38.86 27.94
C GLU I 174 3.65 -37.49 28.02
N ASP I 175 2.40 -37.42 27.57
CA ASP I 175 1.62 -36.18 27.64
C ASP I 175 1.12 -35.84 29.05
N TYR I 176 1.45 -34.63 29.52
CA TYR I 176 0.97 -34.10 30.81
C TYR I 176 0.25 -32.76 30.65
N LEU I 177 -0.39 -32.30 31.73
CA LEU I 177 -1.05 -31.00 31.71
C LEU I 177 -0.08 -29.91 32.13
N LEU I 178 -0.24 -28.74 31.51
CA LEU I 178 0.64 -27.60 31.74
C LEU I 178 0.48 -26.95 33.12
N PRO I 179 1.62 -26.74 33.81
CA PRO I 179 1.61 -26.16 35.16
C PRO I 179 1.23 -24.68 35.15
N VAL I 180 -0.07 -24.43 35.27
CA VAL I 180 -0.60 -23.10 35.47
C VAL I 180 -0.63 -22.82 36.98
N ARG I 181 0.02 -21.75 37.42
CA ARG I 181 0.10 -21.45 38.85
C ARG I 181 -0.63 -20.17 39.30
N ASP I 182 -1.28 -19.50 38.35
CA ASP I 182 -1.95 -18.24 38.65
C ASP I 182 -3.16 -18.02 37.72
N LEU I 183 -3.86 -16.91 37.91
CA LEU I 183 -5.02 -16.65 37.10
C LEU I 183 -5.16 -15.19 36.78
N PRO I 184 -4.35 -14.70 35.84
CA PRO I 184 -4.56 -13.33 35.37
C PRO I 184 -6.04 -13.09 35.03
N VAL I 185 -6.56 -11.97 35.48
CA VAL I 185 -7.88 -11.52 35.03
C VAL I 185 -7.78 -10.04 34.77
N SER I 186 -8.43 -9.56 33.72
CA SER I 186 -8.38 -8.13 33.47
C SER I 186 -9.77 -7.49 33.39
N VAL I 187 -9.93 -6.38 34.12
CA VAL I 187 -11.15 -5.62 34.11
C VAL I 187 -10.93 -4.31 33.36
N THR I 188 -11.67 -4.12 32.27
CA THR I 188 -11.58 -2.93 31.45
C THR I 188 -12.80 -2.06 31.67
N SER I 189 -12.59 -0.74 31.72
CA SER I 189 -13.70 0.18 31.90
C SER I 189 -13.70 1.33 30.91
N LEU I 190 -14.88 1.64 30.39
CA LEU I 190 -15.06 2.81 29.58
C LEU I 190 -15.16 4.04 30.49
N ILE I 191 -14.07 4.78 30.66
CA ILE I 191 -14.18 6.09 31.30
C ILE I 191 -14.98 7.11 30.45
N VAL I 192 -15.86 7.88 31.07
CA VAL I 192 -16.57 8.94 30.36
C VAL I 192 -16.67 10.12 31.29
N GLY I 193 -16.20 11.27 30.87
CA GLY I 193 -16.14 12.39 31.79
C GLY I 193 -15.54 11.89 33.09
N ASN I 194 -16.33 11.96 34.16
CA ASN I 194 -15.85 11.70 35.51
C ASN I 194 -16.53 10.47 36.08
N LYS I 195 -17.17 9.71 35.18
CA LYS I 195 -17.75 8.43 35.54
C LYS I 195 -17.09 7.28 34.77
N TYR I 196 -17.26 6.06 35.25
CA TYR I 196 -16.75 4.90 34.56
C TYR I 196 -17.82 3.85 34.35
N LEU I 197 -17.68 3.07 33.28
CA LEU I 197 -18.54 1.93 33.00
C LEU I 197 -17.71 0.64 32.87
N VAL I 198 -17.65 -0.14 33.94
CA VAL I 198 -17.02 -1.45 33.90
C VAL I 198 -17.66 -2.36 32.84
N ASP I 199 -16.83 -3.05 32.07
CA ASP I 199 -17.24 -3.94 30.99
C ASP I 199 -18.16 -3.27 29.96
N PRO I 200 -17.58 -2.42 29.10
CA PRO I 200 -18.39 -1.67 28.13
C PRO I 200 -18.81 -2.58 26.99
N SER I 201 -19.92 -2.26 26.37
CA SER I 201 -20.39 -3.03 25.23
C SER I 201 -20.19 -2.20 23.99
N ARG I 202 -20.23 -2.87 22.83
CA ARG I 202 -20.12 -2.15 21.57
C ARG I 202 -21.00 -0.91 21.53
N GLU I 203 -22.24 -1.01 22.00
CA GLU I 203 -23.13 0.15 21.97
C GLU I 203 -22.54 1.26 22.81
N GLU I 204 -22.09 0.93 24.01
CA GLU I 204 -21.54 1.98 24.86
C GLU I 204 -20.31 2.63 24.27
N MET I 205 -19.53 1.88 23.51
CA MET I 205 -18.29 2.43 22.94
C MET I 205 -18.56 3.60 22.00
N SER I 206 -19.78 3.71 21.49
CA SER I 206 -20.10 4.84 20.63
C SER I 206 -19.64 6.14 21.28
N VAL I 207 -19.77 6.19 22.59
CA VAL I 207 -19.30 7.36 23.31
C VAL I 207 -17.86 7.73 22.96
N GLY I 208 -17.01 6.75 22.69
CA GLY I 208 -15.60 6.99 22.44
C GLY I 208 -14.65 5.89 22.88
N ASP I 209 -13.48 5.80 22.25
CA ASP I 209 -12.53 4.73 22.56
C ASP I 209 -11.62 5.07 23.75
N THR I 210 -12.19 5.50 24.86
CA THR I 210 -11.38 5.93 26.00
C THR I 210 -11.47 5.02 27.23
N THR I 211 -10.60 4.03 27.32
CA THR I 211 -10.69 3.00 28.38
C THR I 211 -9.62 3.02 29.49
N LEU I 212 -9.79 2.16 30.49
CA LEU I 212 -8.77 1.84 31.48
C LEU I 212 -8.87 0.35 31.70
N THR I 213 -7.73 -0.32 31.75
CA THR I 213 -7.71 -1.75 31.96
C THR I 213 -6.78 -2.02 33.13
N ILE I 214 -7.27 -2.77 34.11
CA ILE I 214 -6.46 -3.20 35.24
C ILE I 214 -6.52 -4.74 35.33
N THR I 215 -5.36 -5.38 35.44
CA THR I 215 -5.26 -6.83 35.50
C THR I 215 -4.69 -7.24 36.87
N THR I 216 -5.27 -8.25 37.51
CA THR I 216 -4.73 -8.71 38.79
C THR I 216 -4.44 -10.21 38.83
N ASP I 217 -3.69 -10.63 39.84
CA ASP I 217 -3.41 -12.05 40.03
C ASP I 217 -4.31 -12.62 41.11
N LYS I 218 -4.09 -13.89 41.42
CA LYS I 218 -4.93 -14.59 42.40
C LYS I 218 -4.80 -14.08 43.83
N ASP I 219 -3.89 -13.16 44.08
CA ASP I 219 -3.69 -12.66 45.43
C ASP I 219 -4.11 -11.20 45.53
N ASP I 220 -4.80 -10.74 44.49
CA ASP I 220 -5.27 -9.35 44.39
C ASP I 220 -4.16 -8.30 44.21
N ASN I 221 -2.99 -8.75 43.76
CA ASN I 221 -1.95 -7.85 43.35
C ASN I 221 -2.31 -7.27 42.02
N VAL I 222 -2.02 -5.98 41.80
CA VAL I 222 -2.13 -5.42 40.47
C VAL I 222 -0.90 -5.84 39.67
N VAL I 223 -1.12 -6.30 38.46
CA VAL I 223 -0.08 -7.01 37.73
C VAL I 223 0.18 -6.39 36.33
N ALA I 224 -0.82 -5.65 35.85
CA ALA I 224 -0.79 -4.98 34.54
C ALA I 224 -1.88 -3.94 34.51
N MET I 225 -1.56 -2.73 34.07
CA MET I 225 -2.61 -1.76 33.84
C MET I 225 -2.38 -1.06 32.52
N GLN I 226 -3.42 -0.48 31.96
CA GLN I 226 -3.28 0.16 30.66
C GLN I 226 -4.40 1.18 30.43
N LYS I 227 -4.05 2.46 30.48
CA LYS I 227 -4.95 3.51 30.04
C LYS I 227 -4.81 3.64 28.54
N SER I 228 -5.93 3.91 27.86
CA SER I 228 -5.93 3.84 26.43
C SER I 228 -7.04 4.67 25.84
N GLY I 229 -6.67 5.54 24.90
CA GLY I 229 -7.61 6.47 24.32
C GLY I 229 -7.15 7.89 24.55
N GLY I 230 -7.76 8.82 23.85
CA GLY I 230 -7.35 10.20 23.99
C GLY I 230 -8.14 10.94 25.04
N TYR I 231 -7.68 10.90 26.29
CA TYR I 231 -8.40 11.57 27.37
C TYR I 231 -7.57 11.84 28.62
N LEU I 232 -8.06 12.74 29.46
CA LEU I 232 -7.39 12.98 30.72
C LEU I 232 -8.09 12.16 31.80
N LEU I 233 -7.30 11.35 32.50
CA LEU I 233 -7.82 10.49 33.54
C LEU I 233 -7.73 11.21 34.85
N ASP I 234 -8.87 11.37 35.53
CA ASP I 234 -8.85 11.95 36.87
C ASP I 234 -8.18 11.01 37.87
N GLU I 235 -7.32 11.56 38.72
CA GLU I 235 -6.68 10.74 39.75
C GLU I 235 -7.71 10.15 40.74
N LYS I 236 -8.65 10.98 41.21
CA LYS I 236 -9.66 10.48 42.16
C LYS I 236 -10.38 9.36 41.46
N LEU I 237 -10.81 9.60 40.24
CA LEU I 237 -11.42 8.55 39.47
C LEU I 237 -10.47 7.37 39.35
N PHE I 238 -9.22 7.58 39.01
CA PHE I 238 -8.39 6.40 38.87
C PHE I 238 -8.36 5.63 40.18
N ASP I 239 -8.20 6.35 41.27
CA ASP I 239 -8.05 5.73 42.59
C ASP I 239 -9.26 4.86 42.91
N GLU I 240 -10.43 5.39 42.62
CA GLU I 240 -11.64 4.71 42.97
C GLU I 240 -11.93 3.51 42.05
N LEU I 241 -11.60 3.65 40.78
CA LEU I 241 -11.77 2.57 39.82
C LEU I 241 -10.72 1.44 40.00
N LEU I 242 -9.66 1.74 40.76
CA LEU I 242 -8.63 0.77 41.10
C LEU I 242 -9.27 -0.32 41.91
N ASP I 243 -10.02 0.10 42.92
CA ASP I 243 -10.62 -0.80 43.88
C ASP I 243 -11.80 -1.59 43.32
N VAL I 244 -12.67 -0.91 42.60
CA VAL I 244 -13.76 -1.57 41.92
C VAL I 244 -13.24 -2.67 41.01
N SER I 245 -12.13 -2.38 40.31
CA SER I 245 -11.61 -3.33 39.34
C SER I 245 -10.98 -4.55 40.02
N ILE I 246 -10.20 -4.33 41.07
CA ILE I 246 -9.58 -5.48 41.71
C ILE I 246 -10.71 -6.39 42.15
N ASN I 247 -11.73 -5.79 42.73
CA ASN I 247 -12.92 -6.51 43.18
C ASN I 247 -13.59 -7.31 42.09
N CYS I 248 -13.92 -6.68 40.97
CA CYS I 248 -14.52 -7.35 39.83
C CYS I 248 -13.68 -8.55 39.41
N ALA I 249 -12.37 -8.38 39.48
CA ALA I 249 -11.48 -9.44 39.10
C ALA I 249 -11.67 -10.68 40.00
N ARG I 250 -11.98 -10.44 41.27
CA ARG I 250 -12.24 -11.53 42.21
C ARG I 250 -13.46 -12.34 41.83
N LYS I 251 -14.48 -11.66 41.34
CA LYS I 251 -15.70 -12.35 40.98
C LYS I 251 -15.52 -13.20 39.72
N LEU I 252 -14.77 -12.69 38.75
CA LEU I 252 -14.59 -13.45 37.53
C LEU I 252 -13.78 -14.71 37.80
N ARG I 253 -12.81 -14.58 38.68
CA ARG I 253 -11.97 -15.68 39.07
C ARG I 253 -12.88 -16.79 39.65
N GLU I 254 -13.93 -16.39 40.38
CA GLU I 254 -14.86 -17.35 40.96
C GLU I 254 -15.59 -18.19 39.91
N LYS I 255 -15.65 -17.71 38.68
CA LYS I 255 -16.33 -18.47 37.63
C LYS I 255 -15.45 -19.61 37.12
N PHE I 256 -14.21 -19.66 37.62
CA PHE I 256 -13.22 -20.65 37.21
C PHE I 256 -13.24 -21.91 38.07
N LYS I 257 -13.83 -21.82 39.27
CA LYS I 257 -14.12 -23.01 40.08
C LYS I 257 -15.09 -23.91 39.33
N GLU I 258 -16.26 -23.35 38.99
CA GLU I 258 -17.20 -23.98 38.06
C GLU I 258 -17.65 -25.38 38.50
N ILE I 259 -18.50 -25.42 39.54
CA ILE I 259 -19.09 -26.67 40.01
C ILE I 259 -20.60 -26.68 39.75
#